data_8FCW
#
_entry.id   8FCW
#
loop_
_entity.id
_entity.type
_entity.pdbx_description
1 polymer TnsC
2 polymer 'DNA (60-MER)'
3 polymer 'DNA (60-MER)'
4 non-polymer "ADENOSINE-5'-TRIPHOSPHATE"
5 non-polymer 'MAGNESIUM ION'
#
loop_
_entity_poly.entity_id
_entity_poly.type
_entity_poly.pdbx_seq_one_letter_code
_entity_poly.pdbx_strand_id
1 'polypeptide(L)'
;MTKSTGFPLELLTRPATERLAYFENYTVAHPRLKEVYEILMRTIAEPAGASFIFVYGASGVGKTTLRLRVEQKLTELALP
KLESDRARVPVVGIEAIAPESRYFNWKEYYTRALITLEEPLIDHKFDYGVRGISRDNFGKINVESKVVAPALRRALENAL
IHRHPDVFFVDEAQHFGKVASGYKLQDQLDCLKSLANMTGILHCLLGTYELLTFRNLSGQLSRRSVDIHFRRYCADSPED
VQAFKSVLLTFQQHLPLAETPNLVDHWEYFYERTLGCIGTLKDWLKRVLSDALDREATTITLKDLQKRALSVAQCQKMFK
EIQEGERQLSETEADVQNLRSALGLGAKPIVLPEETPKTTRPPGKVGKRKPKRDPIGVQQDVS
;
R,S,T,U,V
2 'polydeoxyribonucleotide'
;(DA)(DA)(DG)(DA)(DC)(DG)(DT)(DA)(DG)(DC)(DC)(DC)(DA)(DG)(DC)(DG)(DC)(DG)(DT)(DC)
(DG)(DG)(DC)(DC)(DG)(DC)(DT)(DA)(DC)(DG)(DT)(DA)(DT)(DC)(DG)(DT)(DA)(DG)(DA)(DT)
(DA)(DT)(DA)(DT)(DC)(DT)(DA)(DC)(DG)(DC)(DG)(DT)(DA)(DG)(DA)(DT)(DA)(DT)(DA)(DT)
;
N
3 'polydeoxyribonucleotide'
;(DA)(DT)(DA)(DT)(DA)(DT)(DC)(DT)(DA)(DC)(DG)(DC)(DG)(DT)(DA)(DG)(DA)(DT)(DA)(DT)
(DA)(DT)(DC)(DT)(DA)(DC)(DG)(DA)(DT)(DA)(DC)(DG)(DT)(DA)(DG)(DC)(DG)(DG)(DC)(DC)
(DG)(DA)(DC)(DG)(DC)(DG)(DC)(DT)(DG)(DG)(DG)(DC)(DT)(DA)(DC)(DG)(DT)(DC)(DT)(DT)
;
O
#
loop_
_chem_comp.id
_chem_comp.type
_chem_comp.name
_chem_comp.formula
ATP non-polymer ADENOSINE-5'-TRIPHOSPHATE 'C10 H16 N5 O13 P3'
DA DNA linking 2'-DEOXYADENOSINE-5'-MONOPHOSPHATE 'C10 H14 N5 O6 P'
DC DNA linking 2'-DEOXYCYTIDINE-5'-MONOPHOSPHATE 'C9 H14 N3 O7 P'
DG DNA linking 2'-DEOXYGUANOSINE-5'-MONOPHOSPHATE 'C10 H14 N5 O7 P'
DT DNA linking THYMIDINE-5'-MONOPHOSPHATE 'C10 H15 N2 O8 P'
MG non-polymer 'MAGNESIUM ION' 'Mg 2'
#
# COMPACT_ATOMS: atom_id res chain seq x y z
N SER A 4 -6.82 -6.83 72.15
CA SER A 4 -5.90 -5.72 71.91
C SER A 4 -6.22 -4.99 70.62
N THR A 5 -5.62 -3.82 70.45
CA THR A 5 -5.82 -3.03 69.25
C THR A 5 -4.92 -3.45 68.10
N GLY A 6 -4.07 -4.44 68.32
CA GLY A 6 -3.16 -4.91 67.30
C GLY A 6 -3.52 -6.28 66.77
N PHE A 7 -2.63 -6.81 65.93
CA PHE A 7 -2.83 -8.12 65.35
C PHE A 7 -2.70 -9.20 66.41
N PRO A 8 -3.36 -10.34 66.19
CA PRO A 8 -3.24 -11.45 67.14
C PRO A 8 -1.80 -11.92 67.28
N LEU A 9 -1.41 -12.19 68.52
CA LEU A 9 0.00 -12.44 68.84
C LEU A 9 0.44 -13.83 68.42
N GLU A 10 -0.48 -14.78 68.33
CA GLU A 10 -0.09 -16.15 68.07
C GLU A 10 0.39 -16.34 66.63
N LEU A 11 0.14 -15.36 65.77
CA LEU A 11 0.54 -15.47 64.37
C LEU A 11 2.05 -15.46 64.22
N LEU A 12 2.79 -14.93 65.20
CA LEU A 12 4.24 -14.96 65.13
C LEU A 12 4.79 -16.37 65.02
N THR A 13 4.13 -17.34 65.67
CA THR A 13 4.57 -18.72 65.57
C THR A 13 4.18 -19.32 64.22
N ARG A 14 3.15 -18.77 63.59
CA ARG A 14 2.67 -19.30 62.32
C ARG A 14 3.62 -18.95 61.19
N PRO A 15 3.61 -19.74 60.10
CA PRO A 15 4.47 -19.43 58.95
C PRO A 15 4.10 -18.11 58.27
N ALA A 16 4.91 -17.72 57.30
CA ALA A 16 4.73 -16.44 56.62
C ALA A 16 3.41 -16.41 55.86
N THR A 17 2.97 -17.55 55.35
CA THR A 17 1.80 -17.58 54.49
C THR A 17 0.56 -17.15 55.26
N GLU A 18 0.42 -17.67 56.48
CA GLU A 18 -0.72 -17.32 57.31
C GLU A 18 -0.71 -15.85 57.67
N ARG A 19 0.47 -15.30 57.98
CA ARG A 19 0.55 -13.90 58.34
C ARG A 19 0.19 -13.03 57.14
N LEU A 20 0.69 -13.41 55.97
CA LEU A 20 0.37 -12.65 54.77
C LEU A 20 -1.12 -12.71 54.47
N ALA A 21 -1.72 -13.88 54.64
CA ALA A 21 -3.15 -14.03 54.40
C ALA A 21 -3.94 -13.18 55.38
N TYR A 22 -3.52 -13.16 56.62
CA TYR A 22 -4.23 -12.37 57.63
C TYR A 22 -4.14 -10.90 57.29
N PHE A 23 -2.96 -10.45 56.87
CA PHE A 23 -2.80 -9.04 56.55
C PHE A 23 -3.63 -8.68 55.33
N GLU A 24 -3.65 -9.54 54.32
CA GLU A 24 -4.38 -9.18 53.10
C GLU A 24 -5.88 -9.23 53.31
N ASN A 25 -6.35 -10.15 54.13
CA ASN A 25 -7.79 -10.27 54.37
C ASN A 25 -8.31 -9.26 55.38
N TYR A 26 -7.41 -8.62 56.12
CA TYR A 26 -7.82 -7.61 57.10
C TYR A 26 -8.22 -6.34 56.39
N THR A 27 -9.36 -5.78 56.78
CA THR A 27 -9.88 -4.55 56.22
C THR A 27 -10.03 -3.53 57.32
N VAL A 28 -9.49 -2.34 57.10
CA VAL A 28 -9.56 -1.25 58.05
C VAL A 28 -10.72 -0.35 57.68
N ALA A 29 -11.30 0.30 58.68
CA ALA A 29 -12.40 1.21 58.49
C ALA A 29 -11.93 2.62 58.77
N HIS A 30 -12.22 3.51 57.82
CA HIS A 30 -11.83 4.91 57.91
C HIS A 30 -13.03 5.78 57.59
N PRO A 31 -13.03 7.02 58.10
CA PRO A 31 -14.21 7.87 58.01
C PRO A 31 -14.82 7.98 56.62
N ARG A 32 -13.96 8.11 55.61
CA ARG A 32 -14.45 8.36 54.26
C ARG A 32 -15.15 7.12 53.75
N LEU A 33 -14.57 5.96 54.00
CA LEU A 33 -15.16 4.70 53.57
C LEU A 33 -16.51 4.47 54.25
N LYS A 34 -16.58 4.75 55.55
CA LYS A 34 -17.82 4.54 56.27
C LYS A 34 -18.91 5.48 55.75
N GLU A 35 -18.56 6.74 55.52
CA GLU A 35 -19.54 7.70 55.04
C GLU A 35 -20.06 7.31 53.67
N VAL A 36 -19.16 6.94 52.77
CA VAL A 36 -19.58 6.57 51.42
C VAL A 36 -20.40 5.29 51.45
N TYR A 37 -20.03 4.36 52.32
CA TYR A 37 -20.75 3.09 52.44
C TYR A 37 -22.18 3.32 52.90
N GLU A 38 -22.36 4.17 53.89
CA GLU A 38 -23.68 4.43 54.40
C GLU A 38 -24.53 5.20 53.40
N ILE A 39 -23.91 6.12 52.66
CA ILE A 39 -24.61 6.86 51.62
C ILE A 39 -25.07 5.89 50.53
N LEU A 40 -24.21 4.98 50.12
CA LEU A 40 -24.56 4.02 49.09
C LEU A 40 -25.68 3.09 49.54
N MET A 41 -25.63 2.67 50.81
CA MET A 41 -26.66 1.79 51.32
C MET A 41 -28.02 2.51 51.36
N ARG A 42 -28.00 3.78 51.76
CA ARG A 42 -29.23 4.57 51.80
C ARG A 42 -29.80 4.75 50.39
N THR A 43 -28.92 5.02 49.44
CA THR A 43 -29.35 5.22 48.07
C THR A 43 -29.93 3.93 47.49
N ILE A 44 -29.31 2.80 47.82
CA ILE A 44 -29.77 1.52 47.32
C ILE A 44 -31.10 1.11 47.96
N ALA A 45 -31.34 1.56 49.18
CA ALA A 45 -32.59 1.24 49.85
C ALA A 45 -33.79 1.79 49.08
N GLU A 46 -33.64 2.97 48.47
CA GLU A 46 -34.68 3.51 47.62
C GLU A 46 -34.09 4.45 46.58
N PRO A 47 -34.27 4.11 45.30
CA PRO A 47 -33.74 5.00 44.26
C PRO A 47 -34.59 6.26 44.10
N ALA A 48 -35.91 6.15 44.20
CA ALA A 48 -36.82 7.28 44.03
C ALA A 48 -36.60 7.99 42.69
N GLY A 49 -36.80 7.21 41.62
CA GLY A 49 -36.74 7.75 40.29
C GLY A 49 -35.34 7.94 39.75
N ALA A 50 -34.32 7.54 40.50
CA ALA A 50 -32.93 7.63 40.05
C ALA A 50 -32.50 6.29 39.49
N SER A 51 -31.95 6.31 38.27
CA SER A 51 -31.59 5.09 37.58
C SER A 51 -30.08 4.90 37.45
N PHE A 52 -29.29 5.79 38.05
CA PHE A 52 -27.84 5.69 37.95
C PHE A 52 -27.21 6.15 39.26
N ILE A 53 -26.30 5.32 39.77
CA ILE A 53 -25.52 5.65 40.95
C ILE A 53 -24.07 5.81 40.51
N PHE A 54 -23.64 7.05 40.35
CA PHE A 54 -22.30 7.33 39.87
C PHE A 54 -21.36 7.47 41.05
N VAL A 55 -20.45 6.50 41.18
CA VAL A 55 -19.45 6.50 42.24
C VAL A 55 -18.11 6.82 41.62
N TYR A 56 -17.62 8.03 41.86
CA TYR A 56 -16.32 8.46 41.38
C TYR A 56 -15.29 8.29 42.47
N GLY A 57 -14.09 7.92 42.07
CA GLY A 57 -12.98 7.77 42.99
C GLY A 57 -11.70 7.52 42.24
N ALA A 58 -10.60 7.94 42.83
CA ALA A 58 -9.29 7.71 42.24
C ALA A 58 -8.94 6.23 42.28
N SER A 59 -7.86 5.88 41.59
CA SER A 59 -7.39 4.51 41.66
C SER A 59 -6.69 4.32 43.00
N GLY A 60 -7.43 3.84 44.00
CA GLY A 60 -6.84 3.58 45.30
C GLY A 60 -7.78 3.93 46.44
N VAL A 61 -8.94 4.49 46.10
CA VAL A 61 -9.88 4.91 47.14
C VAL A 61 -10.59 3.73 47.80
N GLY A 62 -10.66 2.60 47.11
CA GLY A 62 -11.33 1.43 47.66
C GLY A 62 -12.70 1.22 47.07
N LYS A 63 -12.83 1.46 45.77
CA LYS A 63 -14.10 1.29 45.10
C LYS A 63 -14.50 -0.17 45.05
N THR A 64 -13.58 -1.04 44.64
CA THR A 64 -13.90 -2.45 44.47
C THR A 64 -14.22 -3.10 45.81
N THR A 65 -13.46 -2.77 46.85
CA THR A 65 -13.73 -3.36 48.15
C THR A 65 -15.05 -2.87 48.74
N LEU A 66 -15.38 -1.61 48.49
CA LEU A 66 -16.68 -1.10 48.90
C LEU A 66 -17.81 -1.78 48.18
N ARG A 67 -17.64 -2.01 46.89
CA ARG A 67 -18.62 -2.76 46.12
C ARG A 67 -18.79 -4.16 46.67
N LEU A 68 -17.68 -4.82 46.99
CA LEU A 68 -17.74 -6.17 47.55
C LEU A 68 -18.46 -6.18 48.89
N ARG A 69 -18.17 -5.20 49.74
CA ARG A 69 -18.81 -5.16 51.06
C ARG A 69 -20.31 -4.90 50.94
N VAL A 70 -20.69 -4.00 50.05
CA VAL A 70 -22.09 -3.68 49.84
C VAL A 70 -22.81 -4.91 49.31
N GLU A 71 -22.20 -5.60 48.37
CA GLU A 71 -22.82 -6.79 47.80
C GLU A 71 -22.98 -7.87 48.88
N GLN A 72 -21.96 -8.06 49.70
CA GLN A 72 -22.02 -9.06 50.76
C GLN A 72 -23.09 -8.70 51.78
N LYS A 73 -23.18 -7.44 52.15
CA LYS A 73 -24.19 -7.01 53.12
C LYS A 73 -25.60 -7.20 52.58
N LEU A 74 -25.81 -6.87 51.31
CA LEU A 74 -27.11 -7.07 50.70
C LEU A 74 -27.44 -8.56 50.61
N THR A 75 -26.45 -9.39 50.32
CA THR A 75 -26.68 -10.83 50.29
C THR A 75 -27.09 -11.34 51.67
N GLU A 76 -26.39 -10.90 52.71
CA GLU A 76 -26.76 -11.32 54.06
C GLU A 76 -28.14 -10.84 54.45
N LEU A 77 -28.50 -9.62 54.04
CA LEU A 77 -29.82 -9.09 54.34
C LEU A 77 -30.92 -9.90 53.64
N ALA A 78 -30.63 -10.35 52.43
CA ALA A 78 -31.61 -11.05 51.62
C ALA A 78 -31.62 -12.56 51.83
N LEU A 79 -30.68 -13.09 52.59
CA LEU A 79 -30.68 -14.52 52.90
C LEU A 79 -32.01 -15.01 53.47
N PRO A 80 -32.59 -14.36 54.49
CA PRO A 80 -33.86 -14.88 55.00
C PRO A 80 -34.97 -14.89 53.96
N LYS A 81 -35.00 -13.89 53.08
CA LYS A 81 -35.99 -13.86 52.01
C LYS A 81 -35.62 -14.83 50.90
N LEU A 82 -34.33 -15.01 50.65
CA LEU A 82 -33.89 -15.96 49.62
C LEU A 82 -34.25 -17.39 50.01
N GLU A 83 -34.20 -17.71 51.30
CA GLU A 83 -34.57 -19.04 51.77
C GLU A 83 -36.03 -19.34 51.43
N SER A 84 -36.91 -18.35 51.59
CA SER A 84 -38.32 -18.57 51.31
C SER A 84 -38.61 -18.40 49.81
N ASP A 85 -38.04 -17.36 49.21
CA ASP A 85 -38.31 -17.02 47.82
C ASP A 85 -37.09 -17.32 46.97
N ARG A 86 -37.25 -18.21 46.00
CA ARG A 86 -36.18 -18.56 45.07
C ARG A 86 -36.28 -17.71 43.81
N ALA A 87 -35.39 -17.95 42.84
CA ALA A 87 -35.36 -17.20 41.58
C ALA A 87 -35.25 -15.69 41.84
N ARG A 88 -34.47 -15.34 42.87
CA ARG A 88 -34.23 -13.95 43.22
C ARG A 88 -32.77 -13.80 43.64
N VAL A 89 -31.99 -13.20 42.75
CA VAL A 89 -30.62 -12.81 43.06
C VAL A 89 -30.66 -11.44 43.71
N PRO A 90 -30.08 -11.28 44.89
CA PRO A 90 -30.13 -9.96 45.53
C PRO A 90 -29.31 -8.91 44.76
N VAL A 91 -28.07 -9.24 44.45
CA VAL A 91 -27.15 -8.33 43.78
C VAL A 91 -26.40 -9.09 42.71
N VAL A 92 -26.36 -8.52 41.51
CA VAL A 92 -25.58 -9.03 40.41
C VAL A 92 -24.65 -7.93 39.95
N GLY A 93 -23.37 -8.27 39.87
CA GLY A 93 -22.33 -7.31 39.53
C GLY A 93 -21.44 -7.87 38.44
N ILE A 94 -21.18 -7.05 37.43
CA ILE A 94 -20.31 -7.41 36.33
C ILE A 94 -19.23 -6.35 36.18
N GLU A 95 -18.25 -6.66 35.34
CA GLU A 95 -17.12 -5.78 35.09
C GLU A 95 -17.20 -5.26 33.67
N ALA A 96 -16.82 -4.01 33.48
CA ALA A 96 -16.81 -3.41 32.16
C ALA A 96 -15.59 -3.86 31.39
N ILE A 97 -15.77 -4.20 30.13
CA ILE A 97 -14.70 -4.72 29.29
C ILE A 97 -14.17 -3.60 28.43
N ALA A 98 -12.87 -3.37 28.50
CA ALA A 98 -12.23 -2.48 27.56
C ALA A 98 -12.15 -3.16 26.22
N PRO A 99 -12.70 -2.54 25.18
CA PRO A 99 -12.78 -3.22 23.89
C PRO A 99 -11.50 -3.08 23.07
N GLU A 100 -11.22 -4.13 22.30
CA GLU A 100 -10.09 -4.13 21.41
C GLU A 100 -10.26 -3.10 20.31
N SER A 101 -11.47 -2.96 19.79
CA SER A 101 -11.74 -1.96 18.76
C SER A 101 -11.95 -0.59 19.39
N ARG A 102 -12.20 0.42 18.55
CA ARG A 102 -12.41 1.77 19.09
C ARG A 102 -13.82 1.98 19.62
N TYR A 103 -14.68 0.99 19.45
CA TYR A 103 -16.07 1.04 19.86
C TYR A 103 -16.32 0.07 21.00
N PHE A 104 -17.08 0.51 21.99
CA PHE A 104 -17.57 -0.41 23.00
C PHE A 104 -18.49 -1.43 22.37
N ASN A 105 -18.23 -2.71 22.63
CA ASN A 105 -19.00 -3.79 22.05
C ASN A 105 -20.16 -4.10 22.99
N TRP A 106 -21.34 -3.63 22.62
CA TRP A 106 -22.51 -3.82 23.45
C TRP A 106 -22.98 -5.25 23.44
N LYS A 107 -22.72 -5.97 22.36
CA LYS A 107 -23.11 -7.37 22.31
C LYS A 107 -22.36 -8.18 23.38
N GLU A 108 -21.07 -7.93 23.52
CA GLU A 108 -20.28 -8.63 24.52
C GLU A 108 -20.74 -8.25 25.92
N TYR A 109 -21.06 -6.98 26.13
CA TYR A 109 -21.55 -6.54 27.43
C TYR A 109 -22.84 -7.26 27.78
N TYR A 110 -23.74 -7.35 26.81
CA TYR A 110 -25.03 -7.98 27.03
C TYR A 110 -24.85 -9.46 27.33
N THR A 111 -24.02 -10.15 26.56
CA THR A 111 -23.84 -11.58 26.79
C THR A 111 -23.09 -11.85 28.10
N ARG A 112 -22.16 -10.97 28.46
CA ARG A 112 -21.46 -11.17 29.73
C ARG A 112 -22.36 -10.90 30.90
N ALA A 113 -23.23 -9.90 30.78
CA ALA A 113 -24.19 -9.64 31.84
C ALA A 113 -25.11 -10.85 31.99
N LEU A 114 -25.53 -11.43 30.87
CA LEU A 114 -26.40 -12.59 30.94
C LEU A 114 -25.69 -13.78 31.55
N ILE A 115 -24.44 -14.03 31.17
CA ILE A 115 -23.74 -15.21 31.67
C ILE A 115 -23.42 -15.03 33.15
N THR A 116 -23.12 -13.80 33.58
CA THR A 116 -22.82 -13.56 34.98
C THR A 116 -24.07 -13.66 35.84
N LEU A 117 -25.15 -13.03 35.41
CA LEU A 117 -26.40 -13.08 36.15
C LEU A 117 -26.96 -14.50 36.21
N GLU A 118 -26.87 -15.21 35.10
CA GLU A 118 -27.35 -16.59 35.03
C GLU A 118 -26.27 -17.57 35.44
N GLU A 119 -26.02 -17.62 36.75
CA GLU A 119 -25.25 -18.71 37.32
C GLU A 119 -25.83 -19.22 38.63
N PRO A 120 -27.15 -19.52 38.69
CA PRO A 120 -27.65 -20.21 39.87
C PRO A 120 -27.67 -21.71 39.63
N LEU A 121 -28.23 -22.48 40.56
CA LEU A 121 -28.39 -23.91 40.32
C LEU A 121 -29.40 -24.14 39.21
N ILE A 122 -29.32 -25.34 38.62
CA ILE A 122 -29.93 -25.59 37.32
C ILE A 122 -31.47 -25.65 37.41
N ASP A 123 -32.03 -25.54 38.62
CA ASP A 123 -33.46 -25.76 38.78
C ASP A 123 -34.29 -24.68 38.09
N HIS A 124 -33.82 -23.44 38.09
CA HIS A 124 -34.53 -22.37 37.40
C HIS A 124 -34.47 -22.64 35.90
N LYS A 125 -35.63 -22.93 35.32
CA LYS A 125 -35.78 -23.00 33.88
C LYS A 125 -36.63 -21.83 33.44
N PHE A 126 -36.00 -20.68 33.24
CA PHE A 126 -36.71 -19.44 32.96
C PHE A 126 -37.28 -19.39 31.53
N ASP A 127 -36.59 -20.04 30.60
CA ASP A 127 -36.98 -20.04 29.19
C ASP A 127 -37.06 -18.62 28.65
N TYR A 128 -35.87 -18.01 28.58
CA TYR A 128 -35.70 -16.64 28.11
C TYR A 128 -36.29 -16.44 26.72
N GLY A 129 -36.52 -15.19 26.37
CA GLY A 129 -36.88 -14.87 25.01
C GLY A 129 -35.76 -15.11 24.04
N VAL A 130 -36.11 -15.14 22.77
CA VAL A 130 -35.18 -15.38 21.66
C VAL A 130 -34.63 -16.82 21.71
N ARG A 131 -34.61 -17.45 20.54
CA ARG A 131 -34.28 -18.86 20.46
C ARG A 131 -32.78 -19.11 20.56
N GLY A 132 -31.99 -18.04 20.47
CA GLY A 132 -30.54 -18.18 20.33
C GLY A 132 -29.79 -18.40 21.63
N ILE A 133 -30.49 -18.34 22.76
CA ILE A 133 -29.87 -18.44 24.07
C ILE A 133 -30.51 -19.59 24.83
N SER A 134 -29.66 -20.48 25.34
CA SER A 134 -30.15 -21.71 25.97
C SER A 134 -29.09 -22.25 26.90
N ARG A 135 -29.46 -23.23 27.70
CA ARG A 135 -28.57 -23.81 28.69
C ARG A 135 -27.67 -24.84 28.02
N ASP A 136 -26.91 -25.58 28.81
CA ASP A 136 -26.11 -26.69 28.30
C ASP A 136 -26.04 -27.80 29.35
N ASN A 137 -25.20 -28.80 29.13
CA ASN A 137 -25.06 -29.88 30.12
C ASN A 137 -24.44 -29.37 31.41
N PHE A 138 -23.44 -28.50 31.28
CA PHE A 138 -22.68 -28.01 32.43
C PHE A 138 -23.33 -26.82 33.12
N GLY A 139 -24.46 -26.36 32.59
CA GLY A 139 -25.24 -25.31 33.22
C GLY A 139 -24.91 -23.91 32.73
N LYS A 140 -23.77 -23.75 32.06
CA LYS A 140 -23.36 -22.46 31.54
C LYS A 140 -23.98 -22.22 30.17
N ILE A 141 -24.77 -21.17 30.06
CA ILE A 141 -25.49 -20.87 28.86
C ILE A 141 -24.53 -20.54 27.72
N ASN A 142 -24.98 -20.77 26.49
CA ASN A 142 -24.21 -20.47 25.29
C ASN A 142 -24.99 -19.56 24.36
N VAL A 143 -24.35 -18.53 23.84
CA VAL A 143 -25.09 -17.58 23.02
C VAL A 143 -24.65 -17.70 21.59
N GLU A 144 -25.41 -18.44 20.82
CA GLU A 144 -25.10 -18.58 19.41
C GLU A 144 -24.85 -17.19 18.89
N SER A 145 -23.59 -16.87 18.60
CA SER A 145 -23.24 -15.54 18.14
C SER A 145 -24.29 -15.00 17.18
N LYS A 146 -24.86 -15.88 16.37
CA LYS A 146 -25.93 -15.48 15.46
C LYS A 146 -26.84 -14.44 16.10
N VAL A 147 -27.29 -14.70 17.33
CA VAL A 147 -28.18 -13.78 18.02
C VAL A 147 -27.79 -12.33 17.83
N VAL A 148 -28.59 -11.58 17.09
CA VAL A 148 -28.32 -10.14 16.98
C VAL A 148 -28.31 -9.53 18.35
N ALA A 149 -27.59 -8.43 18.47
CA ALA A 149 -27.38 -7.83 19.77
C ALA A 149 -28.69 -7.36 20.44
N PRO A 150 -29.60 -6.69 19.68
CA PRO A 150 -30.85 -6.27 20.34
C PRO A 150 -31.71 -7.42 20.87
N ALA A 151 -31.71 -8.58 20.22
CA ALA A 151 -32.44 -9.72 20.75
C ALA A 151 -31.84 -10.21 22.07
N LEU A 152 -30.52 -10.27 22.12
CA LEU A 152 -29.82 -10.58 23.35
C LEU A 152 -30.14 -9.54 24.42
N ARG A 153 -30.24 -8.28 24.04
CA ARG A 153 -30.61 -7.23 24.98
C ARG A 153 -31.99 -7.47 25.55
N ARG A 154 -32.93 -7.84 24.69
CA ARG A 154 -34.29 -8.10 25.15
C ARG A 154 -34.33 -9.30 26.08
N ALA A 155 -33.55 -10.33 25.77
CA ALA A 155 -33.44 -11.48 26.67
C ALA A 155 -32.91 -11.05 28.03
N LEU A 156 -31.93 -10.15 28.02
CA LEU A 156 -31.39 -9.63 29.27
C LEU A 156 -32.45 -8.85 30.02
N GLU A 157 -33.26 -8.08 29.31
CA GLU A 157 -34.37 -7.37 29.94
C GLU A 157 -35.32 -8.33 30.64
N ASN A 158 -35.68 -9.41 29.95
CA ASN A 158 -36.58 -10.39 30.53
C ASN A 158 -35.96 -11.06 31.74
N ALA A 159 -34.67 -11.40 31.64
CA ALA A 159 -33.98 -12.02 32.76
C ALA A 159 -33.94 -11.09 33.96
N LEU A 160 -33.70 -9.81 33.70
CA LEU A 160 -33.58 -8.84 34.79
C LEU A 160 -34.93 -8.62 35.48
N ILE A 161 -35.99 -8.50 34.69
CA ILE A 161 -37.30 -8.28 35.29
C ILE A 161 -37.75 -9.53 36.05
N HIS A 162 -37.41 -10.72 35.56
CA HIS A 162 -37.78 -11.93 36.28
C HIS A 162 -37.00 -12.06 37.58
N ARG A 163 -35.69 -11.92 37.52
CA ARG A 163 -34.86 -12.11 38.70
C ARG A 163 -35.02 -10.93 39.66
N HIS A 164 -35.09 -9.72 39.11
CA HIS A 164 -35.30 -8.49 39.86
C HIS A 164 -34.21 -8.28 40.91
N PRO A 165 -32.98 -8.01 40.48
CA PRO A 165 -31.95 -7.69 41.47
C PRO A 165 -32.13 -6.30 42.02
N ASP A 166 -31.57 -6.06 43.20
CA ASP A 166 -31.70 -4.76 43.84
C ASP A 166 -30.86 -3.71 43.12
N VAL A 167 -29.65 -4.09 42.74
CA VAL A 167 -28.72 -3.18 42.08
C VAL A 167 -27.84 -3.95 41.12
N PHE A 168 -27.54 -3.33 39.98
CA PHE A 168 -26.64 -3.88 38.99
C PHE A 168 -25.33 -3.14 39.06
N PHE A 169 -24.30 -3.81 39.57
CA PHE A 169 -22.99 -3.19 39.72
C PHE A 169 -22.18 -3.34 38.45
N VAL A 170 -21.56 -2.24 38.03
CA VAL A 170 -20.63 -2.24 36.90
C VAL A 170 -19.35 -1.56 37.36
N ASP A 171 -18.26 -2.32 37.36
CA ASP A 171 -16.96 -1.80 37.74
C ASP A 171 -16.24 -1.21 36.55
N GLU A 172 -15.30 -0.32 36.84
CA GLU A 172 -14.60 0.50 35.87
C GLU A 172 -15.50 0.92 34.72
N ALA A 173 -16.57 1.62 35.06
CA ALA A 173 -17.57 2.02 34.09
C ALA A 173 -17.05 3.03 33.09
N GLN A 174 -15.87 3.57 33.30
CA GLN A 174 -15.29 4.50 32.34
C GLN A 174 -14.96 3.82 31.01
N HIS A 175 -14.99 2.50 30.96
CA HIS A 175 -14.79 1.78 29.71
C HIS A 175 -15.92 2.05 28.72
N PHE A 176 -17.05 2.57 29.18
CA PHE A 176 -18.12 2.97 28.27
C PHE A 176 -17.71 4.14 27.38
N GLY A 177 -16.64 4.83 27.76
CA GLY A 177 -16.23 6.03 27.07
C GLY A 177 -15.36 5.85 25.85
N LYS A 178 -15.15 4.60 25.49
CA LYS A 178 -14.35 4.27 24.30
C LYS A 178 -15.27 4.28 23.09
N VAL A 179 -15.37 5.45 22.47
CA VAL A 179 -16.08 5.61 21.20
C VAL A 179 -15.25 6.49 20.28
N ALA A 180 -15.76 6.72 19.08
CA ALA A 180 -15.11 7.56 18.09
C ALA A 180 -15.92 8.81 17.75
N SER A 181 -17.24 8.70 17.80
CA SER A 181 -18.11 9.86 17.58
C SER A 181 -18.19 10.69 18.86
N GLY A 182 -18.12 12.01 18.72
CA GLY A 182 -18.16 12.89 19.88
C GLY A 182 -19.47 12.77 20.64
N TYR A 183 -20.58 12.80 19.90
CA TYR A 183 -21.89 12.73 20.57
C TYR A 183 -22.26 11.33 21.00
N LYS A 184 -21.45 10.34 20.63
CA LYS A 184 -21.75 8.96 20.96
C LYS A 184 -21.72 8.68 22.46
N LEU A 185 -21.11 9.56 23.26
CA LEU A 185 -21.15 9.40 24.70
C LEU A 185 -22.59 9.47 25.21
N GLN A 186 -23.32 10.45 24.72
CA GLN A 186 -24.72 10.60 25.08
C GLN A 186 -25.51 9.38 24.64
N ASP A 187 -25.16 8.83 23.49
CA ASP A 187 -25.85 7.66 22.98
C ASP A 187 -25.61 6.45 23.89
N GLN A 188 -24.37 6.28 24.33
CA GLN A 188 -24.05 5.19 25.24
C GLN A 188 -24.82 5.32 26.54
N LEU A 189 -24.81 6.52 27.10
CA LEU A 189 -25.49 6.74 28.36
C LEU A 189 -27.01 6.58 28.20
N ASP A 190 -27.53 6.98 27.06
CA ASP A 190 -28.94 6.81 26.78
C ASP A 190 -29.30 5.33 26.65
N CYS A 191 -28.42 4.56 26.04
CA CYS A 191 -28.65 3.11 25.96
C CYS A 191 -28.69 2.49 27.34
N LEU A 192 -27.75 2.87 28.19
CA LEU A 192 -27.73 2.34 29.56
C LEU A 192 -28.97 2.78 30.32
N LYS A 193 -29.36 4.04 30.17
CA LYS A 193 -30.54 4.55 30.84
C LYS A 193 -31.79 3.83 30.38
N SER A 194 -31.88 3.56 29.08
CA SER A 194 -33.01 2.80 28.57
C SER A 194 -33.03 1.40 29.17
N LEU A 195 -31.90 0.71 29.15
CA LEU A 195 -31.82 -0.62 29.73
C LEU A 195 -32.26 -0.60 31.19
N ALA A 196 -31.97 0.48 31.89
CA ALA A 196 -32.40 0.61 33.28
C ALA A 196 -33.91 0.86 33.36
N ASN A 197 -34.44 1.63 32.42
CA ASN A 197 -35.81 2.13 32.52
C ASN A 197 -36.82 0.99 32.55
N MET A 198 -36.94 0.25 31.46
CA MET A 198 -37.96 -0.79 31.41
C MET A 198 -37.67 -1.95 32.35
N THR A 199 -36.41 -2.17 32.69
CA THR A 199 -36.08 -3.16 33.71
C THR A 199 -36.37 -2.64 35.12
N GLY A 200 -36.31 -1.33 35.31
CA GLY A 200 -36.53 -0.74 36.62
C GLY A 200 -35.47 -1.10 37.64
N ILE A 201 -34.26 -1.39 37.18
CA ILE A 201 -33.17 -1.83 38.04
C ILE A 201 -32.16 -0.70 38.18
N LEU A 202 -31.85 -0.35 39.41
CA LEU A 202 -30.91 0.73 39.66
C LEU A 202 -29.50 0.30 39.26
N HIS A 203 -28.92 1.03 38.30
CA HIS A 203 -27.60 0.72 37.80
C HIS A 203 -26.58 1.57 38.52
N CYS A 204 -25.65 0.93 39.21
CA CYS A 204 -24.57 1.62 39.90
C CYS A 204 -23.28 1.46 39.11
N LEU A 205 -22.66 2.59 38.80
CA LEU A 205 -21.43 2.61 38.03
C LEU A 205 -20.29 3.12 38.89
N LEU A 206 -19.23 2.31 39.00
CA LEU A 206 -18.02 2.67 39.74
C LEU A 206 -16.86 2.73 38.78
N GLY A 207 -16.10 3.81 38.84
CA GLY A 207 -14.98 4.00 37.97
C GLY A 207 -14.07 5.09 38.45
N THR A 208 -13.04 5.36 37.66
CA THR A 208 -12.04 6.35 38.00
C THR A 208 -12.59 7.74 37.70
N TYR A 209 -11.75 8.76 37.85
CA TYR A 209 -12.20 10.12 37.66
C TYR A 209 -12.54 10.42 36.21
N GLU A 210 -12.08 9.59 35.28
CA GLU A 210 -12.44 9.81 33.88
C GLU A 210 -13.85 9.35 33.59
N LEU A 211 -14.51 8.73 34.56
CA LEU A 211 -15.94 8.46 34.46
C LEU A 211 -16.74 9.75 34.42
N LEU A 212 -16.15 10.85 34.87
CA LEU A 212 -16.84 12.13 34.93
C LEU A 212 -17.25 12.65 33.56
N THR A 213 -16.82 11.98 32.49
CA THR A 213 -17.24 12.39 31.16
C THR A 213 -18.74 12.25 30.96
N PHE A 214 -19.37 11.35 31.72
CA PHE A 214 -20.81 11.15 31.64
C PHE A 214 -21.55 11.71 32.84
N ARG A 215 -20.95 12.68 33.51
CA ARG A 215 -21.50 13.17 34.78
C ARG A 215 -22.89 13.79 34.58
N ASN A 216 -22.93 14.92 33.89
CA ASN A 216 -24.17 15.64 33.58
C ASN A 216 -24.26 15.92 32.10
N LEU A 217 -24.02 14.90 31.28
CA LEU A 217 -23.98 15.08 29.85
C LEU A 217 -25.33 15.47 29.25
N SER A 218 -26.42 15.27 29.98
CA SER A 218 -27.73 15.74 29.55
C SER A 218 -28.66 15.84 30.73
N GLY A 219 -29.70 16.65 30.59
CA GLY A 219 -30.62 16.91 31.68
C GLY A 219 -31.35 15.67 32.14
N GLN A 220 -31.80 14.85 31.20
CA GLN A 220 -32.51 13.63 31.53
C GLN A 220 -31.67 12.69 32.38
N LEU A 221 -30.41 12.51 31.99
CA LEU A 221 -29.50 11.69 32.78
C LEU A 221 -29.04 12.43 34.02
N SER A 222 -28.99 13.77 33.95
CA SER A 222 -28.59 14.56 35.11
C SER A 222 -29.56 14.38 36.27
N ARG A 223 -30.86 14.43 35.99
CA ARG A 223 -31.85 14.28 37.05
C ARG A 223 -31.86 12.84 37.55
N ARG A 224 -31.87 11.88 36.64
CA ARG A 224 -32.10 10.48 36.99
C ARG A 224 -30.85 9.80 37.55
N SER A 225 -29.83 10.57 37.89
CA SER A 225 -28.61 10.03 38.48
C SER A 225 -28.18 10.87 39.66
N VAL A 226 -27.76 10.17 40.72
CA VAL A 226 -27.14 10.82 41.86
C VAL A 226 -25.70 10.36 41.96
N ASP A 227 -24.84 11.23 42.50
CA ASP A 227 -23.41 10.99 42.47
C ASP A 227 -22.85 10.89 43.89
N ILE A 228 -22.02 9.89 44.10
CA ILE A 228 -21.31 9.70 45.35
C ILE A 228 -19.82 9.84 45.10
N HIS A 229 -19.17 10.74 45.83
CA HIS A 229 -17.75 11.03 45.66
C HIS A 229 -16.97 10.25 46.70
N PHE A 230 -16.06 9.41 46.24
CA PHE A 230 -15.16 8.65 47.11
C PHE A 230 -13.87 9.44 47.26
N ARG A 231 -13.96 10.52 48.02
CA ARG A 231 -12.85 11.44 48.17
C ARG A 231 -11.65 10.79 48.84
N ARG A 232 -10.45 11.13 48.39
CA ARG A 232 -9.23 10.71 49.06
C ARG A 232 -8.97 11.58 50.27
N TYR A 233 -7.80 11.40 50.88
CA TYR A 233 -7.40 12.20 52.02
C TYR A 233 -6.48 13.30 51.58
N CYS A 234 -6.83 14.54 51.91
CA CYS A 234 -6.06 15.70 51.49
C CYS A 234 -4.95 16.01 52.49
N ALA A 235 -4.35 17.17 52.36
CA ALA A 235 -3.32 17.61 53.30
C ALA A 235 -3.61 18.95 53.93
N ASP A 236 -4.33 19.83 53.24
CA ASP A 236 -4.64 21.14 53.79
C ASP A 236 -5.50 21.03 55.06
N SER A 237 -6.49 20.15 55.02
CA SER A 237 -7.37 19.98 56.16
C SER A 237 -6.72 19.06 57.18
N PRO A 238 -6.54 19.52 58.42
CA PRO A 238 -5.91 18.65 59.42
C PRO A 238 -6.74 17.43 59.77
N GLU A 239 -8.04 17.46 59.50
CA GLU A 239 -8.91 16.35 59.89
C GLU A 239 -8.56 15.09 59.12
N ASP A 240 -8.46 15.21 57.81
CA ASP A 240 -8.14 14.05 57.00
C ASP A 240 -6.70 13.61 57.24
N VAL A 241 -5.84 14.56 57.60
CA VAL A 241 -4.47 14.22 57.98
C VAL A 241 -4.48 13.34 59.23
N GLN A 242 -5.26 13.72 60.23
CA GLN A 242 -5.36 12.90 61.42
C GLN A 242 -5.97 11.55 61.12
N ALA A 243 -6.94 11.52 60.20
CA ALA A 243 -7.54 10.25 59.82
C ALA A 243 -6.50 9.34 59.19
N PHE A 244 -5.66 9.91 58.34
CA PHE A 244 -4.61 9.14 57.70
C PHE A 244 -3.61 8.65 58.74
N LYS A 245 -3.30 9.49 59.73
CA LYS A 245 -2.41 9.09 60.81
C LYS A 245 -2.99 7.90 61.56
N SER A 246 -4.28 7.97 61.86
CA SER A 246 -4.95 6.87 62.56
C SER A 246 -4.93 5.60 61.74
N VAL A 247 -5.14 5.74 60.43
CA VAL A 247 -5.11 4.55 59.57
C VAL A 247 -3.72 3.93 59.57
N LEU A 248 -2.70 4.77 59.52
CA LEU A 248 -1.34 4.27 59.54
C LEU A 248 -1.03 3.57 60.87
N LEU A 249 -1.50 4.15 61.97
CA LEU A 249 -1.28 3.53 63.28
C LEU A 249 -1.97 2.19 63.35
N THR A 250 -3.18 2.10 62.83
CA THR A 250 -3.91 0.85 62.86
C THR A 250 -3.18 -0.20 62.01
N PHE A 251 -2.69 0.22 60.85
CA PHE A 251 -1.98 -0.72 59.99
C PHE A 251 -0.69 -1.19 60.65
N GLN A 252 0.03 -0.28 61.31
CA GLN A 252 1.27 -0.69 61.95
C GLN A 252 1.02 -1.54 63.16
N GLN A 253 -0.12 -1.38 63.80
CA GLN A 253 -0.49 -2.25 64.91
C GLN A 253 -0.92 -3.62 64.41
N HIS A 254 -1.48 -3.67 63.21
CA HIS A 254 -1.97 -4.92 62.65
C HIS A 254 -0.95 -5.62 61.75
N LEU A 255 0.26 -5.10 61.66
CA LEU A 255 1.30 -5.77 60.88
C LEU A 255 1.78 -7.01 61.61
N PRO A 256 1.71 -8.18 60.99
CA PRO A 256 2.19 -9.39 61.66
C PRO A 256 3.71 -9.46 61.74
N LEU A 257 4.29 -8.62 62.58
CA LEU A 257 5.73 -8.60 62.78
C LEU A 257 6.06 -8.65 64.26
N ALA A 258 7.25 -9.14 64.57
CA ALA A 258 7.72 -9.21 65.94
C ALA A 258 7.80 -7.82 66.58
N GLU A 259 8.33 -6.85 65.84
CA GLU A 259 8.44 -5.47 66.31
C GLU A 259 7.53 -4.61 65.47
N THR A 260 6.69 -3.83 66.13
CA THR A 260 5.77 -2.94 65.44
C THR A 260 6.49 -1.68 64.99
N PRO A 261 6.69 -1.52 63.69
CA PRO A 261 7.46 -0.36 63.21
C PRO A 261 6.73 0.95 63.44
N ASN A 262 7.51 2.03 63.54
CA ASN A 262 6.95 3.36 63.70
C ASN A 262 6.69 3.90 62.32
N LEU A 263 5.44 3.86 61.90
CA LEU A 263 5.03 4.44 60.63
C LEU A 263 4.51 5.86 60.77
N VAL A 264 4.41 6.36 61.99
CA VAL A 264 3.83 7.67 62.23
C VAL A 264 4.83 8.78 61.92
N ASP A 265 6.13 8.47 61.95
CA ASP A 265 7.13 9.48 61.66
C ASP A 265 7.13 9.84 60.17
N HIS A 266 7.16 8.84 59.31
CA HIS A 266 7.17 9.08 57.88
C HIS A 266 5.77 9.10 57.30
N TRP A 267 4.87 9.85 57.93
CA TRP A 267 3.54 10.01 57.38
C TRP A 267 3.56 10.87 56.13
N GLU A 268 4.46 11.84 56.07
CA GLU A 268 4.61 12.65 54.88
C GLU A 268 5.05 11.79 53.69
N TYR A 269 5.94 10.84 53.95
CA TYR A 269 6.43 9.96 52.90
C TYR A 269 5.33 9.06 52.38
N PHE A 270 4.55 8.48 53.30
CA PHE A 270 3.47 7.61 52.89
C PHE A 270 2.41 8.39 52.12
N TYR A 271 2.11 9.60 52.55
CA TYR A 271 1.14 10.43 51.83
C TYR A 271 1.66 10.82 50.47
N GLU A 272 2.97 11.08 50.38
CA GLU A 272 3.58 11.44 49.11
C GLU A 272 3.49 10.30 48.12
N ARG A 273 3.74 9.08 48.57
CA ARG A 273 3.79 7.94 47.67
C ARG A 273 2.48 7.16 47.63
N THR A 274 1.43 7.65 48.27
CA THR A 274 0.11 7.03 48.18
C THR A 274 -1.02 8.01 47.89
N LEU A 275 -0.76 9.31 48.02
CA LEU A 275 -1.75 10.35 47.80
C LEU A 275 -2.99 10.18 48.68
N GLY A 276 -2.82 9.51 49.81
CA GLY A 276 -3.92 9.32 50.75
C GLY A 276 -4.89 8.23 50.36
N CYS A 277 -4.63 7.52 49.29
CA CYS A 277 -5.44 6.38 48.92
C CYS A 277 -5.15 5.20 49.84
N ILE A 278 -6.19 4.68 50.47
CA ILE A 278 -6.03 3.62 51.43
C ILE A 278 -5.64 2.32 50.73
N GLY A 279 -6.19 2.07 49.56
CA GLY A 279 -5.86 0.88 48.82
C GLY A 279 -4.41 0.83 48.40
N THR A 280 -3.90 1.96 47.91
CA THR A 280 -2.51 2.02 47.51
C THR A 280 -1.58 1.81 48.69
N LEU A 281 -1.92 2.39 49.83
CA LEU A 281 -1.14 2.22 51.03
C LEU A 281 -1.17 0.78 51.47
N LYS A 282 -2.33 0.14 51.36
CA LYS A 282 -2.45 -1.26 51.73
C LYS A 282 -1.59 -2.13 50.83
N ASP A 283 -1.58 -1.85 49.54
CA ASP A 283 -0.76 -2.65 48.63
C ASP A 283 0.72 -2.43 48.92
N TRP A 284 1.11 -1.19 49.22
CA TRP A 284 2.49 -0.89 49.56
C TRP A 284 2.91 -1.68 50.78
N LEU A 285 2.05 -1.68 51.80
CA LEU A 285 2.37 -2.37 53.03
C LEU A 285 2.39 -3.87 52.80
N LYS A 286 1.55 -4.36 51.90
CA LYS A 286 1.55 -5.77 51.57
C LYS A 286 2.86 -6.18 50.95
N ARG A 287 3.36 -5.38 50.01
CA ARG A 287 4.63 -5.67 49.38
C ARG A 287 5.75 -5.65 50.41
N VAL A 288 5.77 -4.63 51.26
CA VAL A 288 6.84 -4.49 52.22
C VAL A 288 6.81 -5.63 53.22
N LEU A 289 5.61 -6.05 53.60
CA LEU A 289 5.48 -7.15 54.56
C LEU A 289 5.93 -8.46 53.94
N SER A 290 5.61 -8.65 52.66
CA SER A 290 6.05 -9.87 51.99
C SER A 290 7.57 -9.92 51.94
N ASP A 291 8.20 -8.79 51.63
CA ASP A 291 9.64 -8.74 51.59
C ASP A 291 10.23 -9.01 52.96
N ALA A 292 9.65 -8.42 54.00
CA ALA A 292 10.16 -8.60 55.34
C ALA A 292 10.05 -10.06 55.77
N LEU A 293 8.94 -10.70 55.43
CA LEU A 293 8.78 -12.11 55.75
C LEU A 293 9.77 -12.97 54.97
N ASP A 294 10.09 -12.57 53.75
CA ASP A 294 11.10 -13.27 52.99
C ASP A 294 12.48 -13.16 53.66
N ARG A 295 12.81 -11.95 54.12
CA ARG A 295 14.06 -11.74 54.84
C ARG A 295 13.95 -12.13 56.32
N GLU A 296 12.76 -12.48 56.77
CA GLU A 296 12.50 -12.86 58.17
C GLU A 296 12.90 -11.75 59.14
N ALA A 297 12.91 -10.52 58.66
CA ALA A 297 13.30 -9.38 59.48
C ALA A 297 12.17 -8.95 60.39
N THR A 298 12.48 -8.75 61.66
CA THR A 298 11.42 -8.46 62.61
C THR A 298 10.93 -7.03 62.51
N THR A 299 11.24 -6.36 61.41
CA THR A 299 10.85 -4.97 61.30
C THR A 299 10.83 -4.48 59.86
N ILE A 300 10.24 -3.31 59.66
CA ILE A 300 10.20 -2.70 58.35
C ILE A 300 11.10 -1.49 58.35
N THR A 301 12.24 -1.61 57.70
CA THR A 301 13.17 -0.50 57.62
C THR A 301 12.72 0.48 56.56
N LEU A 302 13.06 1.75 56.73
CA LEU A 302 12.63 2.76 55.78
C LEU A 302 12.98 2.33 54.37
N LYS A 303 14.24 2.04 54.13
CA LYS A 303 14.67 1.72 52.78
C LYS A 303 13.78 0.63 52.18
N ASP A 304 13.20 -0.22 53.01
CA ASP A 304 12.29 -1.25 52.51
C ASP A 304 11.06 -0.63 51.87
N LEU A 305 10.57 0.46 52.43
CA LEU A 305 9.46 1.18 51.84
C LEU A 305 9.84 1.74 50.48
N GLN A 306 11.06 2.26 50.36
CA GLN A 306 11.52 2.81 49.09
C GLN A 306 11.69 1.71 48.04
N LYS A 307 11.87 0.48 48.47
CA LYS A 307 12.06 -0.62 47.53
C LYS A 307 10.77 -0.91 46.77
N ARG A 308 9.64 -0.93 47.48
CA ARG A 308 8.37 -1.24 46.86
C ARG A 308 7.43 -0.03 46.77
N ALA A 309 8.00 1.17 46.79
CA ALA A 309 7.21 2.37 46.60
C ALA A 309 6.85 2.57 45.15
N LEU A 310 6.22 3.69 44.86
CA LEU A 310 5.88 4.05 43.50
C LEU A 310 6.75 5.18 42.99
N SER A 311 7.06 5.17 41.71
CA SER A 311 7.90 6.19 41.12
C SER A 311 7.23 7.54 41.21
N VAL A 312 8.01 8.59 41.42
CA VAL A 312 7.48 9.94 41.50
C VAL A 312 6.77 10.31 40.20
N ALA A 313 7.22 9.75 39.09
CA ALA A 313 6.51 9.96 37.84
C ALA A 313 5.13 9.35 37.88
N GLN A 314 5.00 8.16 38.45
CA GLN A 314 3.69 7.55 38.63
C GLN A 314 2.85 8.39 39.54
N CYS A 315 3.41 8.82 40.67
CA CYS A 315 2.65 9.60 41.63
C CYS A 315 2.26 10.94 41.06
N GLN A 316 3.14 11.56 40.29
CA GLN A 316 2.80 12.85 39.68
C GLN A 316 1.64 12.67 38.70
N LYS A 317 1.60 11.57 37.98
CA LYS A 317 0.49 11.32 37.08
C LYS A 317 -0.77 11.03 37.85
N MET A 318 -0.66 10.37 38.99
CA MET A 318 -1.80 10.19 39.88
C MET A 318 -2.39 11.54 40.21
N PHE A 319 -1.60 12.42 40.81
CA PHE A 319 -2.12 13.69 41.33
C PHE A 319 -2.53 14.59 40.20
N LYS A 320 -1.95 14.42 39.02
CA LYS A 320 -2.32 15.25 37.87
C LYS A 320 -3.76 15.01 37.49
N GLU A 321 -4.19 13.76 37.50
CA GLU A 321 -5.55 13.44 37.11
C GLU A 321 -6.51 13.59 38.28
N ILE A 322 -6.00 13.47 39.49
CA ILE A 322 -6.83 13.64 40.68
C ILE A 322 -7.25 15.09 40.81
N GLN A 323 -6.32 16.03 40.68
CA GLN A 323 -6.67 17.44 40.84
C GLN A 323 -7.51 17.91 39.68
N GLU A 324 -7.29 17.35 38.50
CA GLU A 324 -8.08 17.74 37.33
C GLU A 324 -9.54 17.37 37.52
N GLY A 325 -9.80 16.19 38.07
CA GLY A 325 -11.18 15.77 38.28
C GLY A 325 -11.82 16.43 39.48
N GLU A 326 -11.01 16.79 40.48
CA GLU A 326 -11.57 17.36 41.70
C GLU A 326 -12.20 18.72 41.42
N ARG A 327 -11.57 19.55 40.59
CA ARG A 327 -12.15 20.85 40.28
C ARG A 327 -13.46 20.70 39.53
N GLN A 328 -13.57 19.67 38.70
CA GLN A 328 -14.85 19.37 38.06
C GLN A 328 -15.90 18.97 39.09
N LEU A 329 -15.48 18.20 40.10
CA LEU A 329 -16.39 17.70 41.14
C LEU A 329 -16.41 18.60 42.35
N SER A 330 -16.08 19.89 42.15
CA SER A 330 -16.15 20.86 43.23
C SER A 330 -17.40 21.70 43.13
N GLU A 331 -18.16 21.69 44.23
CA GLU A 331 -19.32 22.53 44.39
C GLU A 331 -19.04 23.55 45.50
N THR A 332 -19.15 24.82 45.15
CA THR A 332 -18.96 25.92 46.08
C THR A 332 -20.24 26.74 46.21
N GLU A 333 -20.30 27.60 47.22
CA GLU A 333 -21.44 28.49 47.39
C GLU A 333 -21.54 29.49 46.24
N ALA A 334 -20.43 29.79 45.58
CA ALA A 334 -20.46 30.67 44.43
C ALA A 334 -21.29 30.05 43.30
N ASP A 335 -21.18 28.73 43.13
CA ASP A 335 -21.98 28.03 42.12
C ASP A 335 -23.45 27.98 42.48
N VAL A 336 -23.79 28.27 43.73
CA VAL A 336 -25.17 28.30 44.14
C VAL A 336 -25.83 29.62 43.75
N GLN A 337 -25.11 30.72 43.94
CA GLN A 337 -25.71 32.04 43.75
C GLN A 337 -26.14 32.25 42.29
N ASN A 338 -25.28 31.93 41.34
CA ASN A 338 -25.64 32.10 39.94
C ASN A 338 -26.81 31.20 39.55
N LEU A 339 -26.82 29.98 40.08
CA LEU A 339 -27.97 29.10 39.88
C LEU A 339 -29.25 29.74 40.43
N ARG A 340 -29.17 30.34 41.61
CA ARG A 340 -30.28 31.11 42.14
C ARG A 340 -30.52 32.36 41.28
N SER A 341 -29.46 32.99 40.81
CA SER A 341 -29.58 34.18 39.99
C SER A 341 -30.17 33.85 38.62
N ALA A 342 -29.70 32.77 38.01
CA ALA A 342 -30.18 32.39 36.68
C ALA A 342 -31.67 32.05 36.72
N LEU A 343 -32.09 31.34 37.75
CA LEU A 343 -33.50 31.01 37.92
C LEU A 343 -34.35 32.24 38.26
N GLY A 344 -33.71 33.35 38.60
CA GLY A 344 -34.42 34.50 39.13
C GLY A 344 -34.77 34.40 40.59
N LEU A 345 -34.37 33.32 41.24
CA LEU A 345 -34.70 33.05 42.64
C LEU A 345 -33.93 33.96 43.59
N GLY A 346 -32.87 34.59 43.09
CA GLY A 346 -32.08 35.49 43.92
C GLY A 346 -32.92 36.59 44.55
N SER B 4 39.38 -24.37 38.76
CA SER B 4 39.72 -23.17 38.02
C SER B 4 38.52 -22.26 37.84
N THR B 5 38.78 -20.96 37.83
CA THR B 5 37.71 -19.97 37.65
C THR B 5 37.41 -19.74 36.17
N GLY B 6 38.14 -20.42 35.31
CA GLY B 6 37.99 -20.31 33.88
C GLY B 6 37.25 -21.49 33.28
N PHE B 7 37.24 -21.52 31.96
CA PHE B 7 36.54 -22.55 31.22
C PHE B 7 37.21 -23.89 31.41
N PRO B 8 36.47 -24.99 31.24
CA PRO B 8 37.05 -26.31 31.32
C PRO B 8 38.14 -26.50 30.29
N LEU B 9 39.31 -26.89 30.78
CA LEU B 9 40.48 -27.08 29.93
C LEU B 9 40.34 -28.30 29.05
N GLU B 10 39.34 -29.12 29.31
CA GLU B 10 39.10 -30.30 28.50
C GLU B 10 38.51 -29.93 27.14
N LEU B 11 37.96 -28.73 27.02
CA LEU B 11 37.26 -28.35 25.80
C LEU B 11 38.20 -28.24 24.61
N LEU B 12 39.49 -28.00 24.85
CA LEU B 12 40.42 -27.85 23.75
C LEU B 12 40.50 -29.13 22.92
N THR B 13 40.24 -30.27 23.53
CA THR B 13 40.25 -31.52 22.78
C THR B 13 38.96 -31.69 21.98
N ARG B 14 37.90 -31.04 22.43
CA ARG B 14 36.61 -31.15 21.76
C ARG B 14 36.62 -30.37 20.45
N PRO B 15 35.76 -30.75 19.50
CA PRO B 15 35.68 -30.01 18.24
C PRO B 15 35.08 -28.62 18.40
N ALA B 16 34.92 -27.92 17.28
CA ALA B 16 34.51 -26.54 17.30
C ALA B 16 33.09 -26.38 17.81
N THR B 17 32.19 -27.27 17.41
CA THR B 17 30.79 -27.13 17.75
C THR B 17 30.58 -27.18 19.25
N GLU B 18 31.30 -28.07 19.93
CA GLU B 18 31.14 -28.20 21.36
C GLU B 18 31.59 -26.94 22.07
N ARG B 19 32.71 -26.37 21.64
CA ARG B 19 33.21 -25.16 22.27
C ARG B 19 32.26 -24.00 22.02
N LEU B 20 31.76 -23.88 20.81
CA LEU B 20 30.82 -22.81 20.49
C LEU B 20 29.58 -22.95 21.35
N ALA B 21 29.12 -24.18 21.52
CA ALA B 21 27.89 -24.40 22.28
C ALA B 21 28.12 -24.08 23.73
N TYR B 22 29.30 -24.44 24.24
CA TYR B 22 29.61 -24.13 25.62
C TYR B 22 29.64 -22.64 25.85
N PHE B 23 30.26 -21.90 24.94
CA PHE B 23 30.33 -20.46 25.10
C PHE B 23 28.94 -19.85 24.99
N GLU B 24 28.10 -20.38 24.11
CA GLU B 24 26.77 -19.83 23.92
C GLU B 24 25.93 -20.04 25.16
N ASN B 25 26.04 -21.22 25.77
CA ASN B 25 25.20 -21.57 26.90
C ASN B 25 25.69 -20.93 28.19
N TYR B 26 26.85 -20.30 28.19
CA TYR B 26 27.34 -19.64 29.41
C TYR B 26 26.52 -18.42 29.71
N THR B 27 26.05 -18.33 30.94
CA THR B 27 25.39 -17.15 31.46
C THR B 27 26.24 -16.57 32.56
N VAL B 28 26.63 -15.31 32.40
CA VAL B 28 27.42 -14.61 33.40
C VAL B 28 26.50 -13.87 34.31
N ALA B 29 26.92 -13.73 35.57
CA ALA B 29 26.18 -12.96 36.54
C ALA B 29 26.88 -11.65 36.79
N HIS B 30 26.13 -10.58 36.59
CA HIS B 30 26.60 -9.24 36.82
C HIS B 30 25.62 -8.50 37.71
N PRO B 31 26.12 -7.49 38.43
CA PRO B 31 25.30 -6.82 39.43
C PRO B 31 23.94 -6.36 38.93
N ARG B 32 23.88 -5.81 37.73
CA ARG B 32 22.66 -5.22 37.25
C ARG B 32 21.64 -6.30 36.99
N LEU B 33 22.07 -7.41 36.42
CA LEU B 33 21.18 -8.52 36.16
C LEU B 33 20.72 -9.13 37.45
N LYS B 34 21.61 -9.26 38.41
CA LYS B 34 21.27 -9.80 39.71
C LYS B 34 20.19 -8.99 40.38
N GLU B 35 20.35 -7.67 40.39
CA GLU B 35 19.42 -6.83 41.12
C GLU B 35 18.08 -6.81 40.43
N VAL B 36 18.09 -6.76 39.11
CA VAL B 36 16.84 -6.75 38.35
C VAL B 36 16.13 -8.08 38.54
N TYR B 37 16.86 -9.17 38.56
CA TYR B 37 16.25 -10.49 38.74
C TYR B 37 15.64 -10.63 40.09
N GLU B 38 16.32 -10.11 41.11
CA GLU B 38 15.78 -10.17 42.45
C GLU B 38 14.49 -9.36 42.56
N ILE B 39 14.49 -8.17 42.00
CA ILE B 39 13.32 -7.31 42.05
C ILE B 39 12.17 -7.96 41.30
N LEU B 40 12.44 -8.58 40.18
CA LEU B 40 11.38 -9.21 39.40
C LEU B 40 10.82 -10.41 40.12
N MET B 41 11.67 -11.19 40.76
CA MET B 41 11.21 -12.31 41.58
C MET B 41 10.34 -11.80 42.71
N ARG B 42 10.73 -10.72 43.35
CA ARG B 42 9.96 -10.19 44.45
C ARG B 42 8.62 -9.67 43.98
N THR B 43 8.56 -9.03 42.83
CA THR B 43 7.30 -8.46 42.38
C THR B 43 6.40 -9.53 41.79
N ILE B 44 6.96 -10.65 41.40
CA ILE B 44 6.13 -11.76 40.90
C ILE B 44 5.67 -12.64 42.03
N ALA B 45 6.40 -12.67 43.14
CA ALA B 45 5.98 -13.43 44.30
C ALA B 45 4.67 -12.90 44.85
N GLU B 46 4.55 -11.59 44.95
CA GLU B 46 3.27 -10.98 45.27
C GLU B 46 3.02 -9.74 44.46
N PRO B 47 1.97 -9.73 43.63
CA PRO B 47 1.67 -8.53 42.87
C PRO B 47 1.13 -7.40 43.72
N ALA B 48 0.32 -7.72 44.72
CA ALA B 48 -0.33 -6.74 45.59
C ALA B 48 -1.08 -5.69 44.80
N GLY B 49 -2.06 -6.17 44.06
CA GLY B 49 -2.93 -5.29 43.29
C GLY B 49 -2.22 -4.63 42.13
N ALA B 50 -1.35 -5.38 41.47
CA ALA B 50 -0.69 -4.95 40.27
C ALA B 50 -0.90 -5.95 39.17
N SER B 51 -1.12 -5.46 37.96
CA SER B 51 -1.41 -6.33 36.82
C SER B 51 -0.35 -6.27 35.75
N PHE B 52 0.56 -5.32 35.83
CA PHE B 52 1.59 -5.13 34.85
C PHE B 52 2.94 -5.00 35.53
N ILE B 53 3.94 -5.62 34.94
CA ILE B 53 5.33 -5.37 35.24
C ILE B 53 5.99 -4.92 33.96
N PHE B 54 6.39 -3.65 33.92
CA PHE B 54 7.03 -3.07 32.78
C PHE B 54 8.55 -3.17 32.99
N VAL B 55 9.20 -3.97 32.16
CA VAL B 55 10.64 -4.15 32.22
C VAL B 55 11.28 -3.44 31.03
N TYR B 56 11.65 -2.18 31.22
CA TYR B 56 12.37 -1.44 30.21
C TYR B 56 13.82 -1.86 30.21
N GLY B 57 14.34 -2.04 29.01
CA GLY B 57 15.72 -2.38 28.83
C GLY B 57 16.16 -2.12 27.41
N ALA B 58 17.37 -1.60 27.24
CA ALA B 58 17.89 -1.31 25.94
C ALA B 58 18.06 -2.59 25.15
N SER B 59 18.36 -2.45 23.86
CA SER B 59 18.59 -3.63 23.03
C SER B 59 19.93 -4.29 23.31
N GLY B 60 20.00 -5.07 24.39
CA GLY B 60 21.24 -5.76 24.72
C GLY B 60 21.43 -5.89 26.22
N VAL B 61 20.38 -5.66 26.99
CA VAL B 61 20.48 -5.70 28.45
C VAL B 61 20.26 -7.10 29.00
N GLY B 62 19.60 -7.97 28.23
CA GLY B 62 19.33 -9.31 28.69
C GLY B 62 17.91 -9.51 29.14
N LYS B 63 16.97 -8.83 28.48
CA LYS B 63 15.58 -8.97 28.83
C LYS B 63 15.10 -10.40 28.60
N THR B 64 15.39 -10.96 27.43
CA THR B 64 14.89 -12.28 27.10
C THR B 64 15.57 -13.34 27.97
N THR B 65 16.85 -13.17 28.26
CA THR B 65 17.53 -14.17 29.08
C THR B 65 17.05 -14.09 30.52
N LEU B 66 16.71 -12.89 30.97
CA LEU B 66 16.08 -12.75 32.26
C LEU B 66 14.74 -13.45 32.33
N ARG B 67 13.97 -13.33 31.27
CA ARG B 67 12.68 -14.00 31.19
C ARG B 67 12.86 -15.49 31.24
N LEU B 68 13.86 -16.01 30.54
CA LEU B 68 14.11 -17.44 30.53
C LEU B 68 14.53 -17.91 31.92
N ARG B 69 15.35 -17.14 32.60
CA ARG B 69 15.84 -17.52 33.91
C ARG B 69 14.70 -17.55 34.91
N VAL B 70 13.85 -16.54 34.88
CA VAL B 70 12.73 -16.49 35.80
C VAL B 70 11.71 -17.58 35.49
N GLU B 71 11.57 -17.92 34.22
CA GLU B 71 10.68 -19.00 33.82
C GLU B 71 11.18 -20.33 34.40
N GLN B 72 12.48 -20.57 34.30
CA GLN B 72 13.07 -21.79 34.81
C GLN B 72 12.91 -21.88 36.30
N LYS B 73 13.14 -20.80 37.00
CA LYS B 73 13.05 -20.80 38.45
C LYS B 73 11.63 -20.99 38.92
N LEU B 74 10.68 -20.36 38.24
CA LEU B 74 9.28 -20.52 38.58
C LEU B 74 8.85 -21.97 38.37
N THR B 75 9.28 -22.57 37.27
CA THR B 75 8.93 -23.95 37.00
C THR B 75 9.52 -24.89 38.06
N GLU B 76 10.75 -24.63 38.46
CA GLU B 76 11.39 -25.45 39.47
C GLU B 76 10.68 -25.32 40.81
N LEU B 77 10.32 -24.10 41.18
CA LEU B 77 9.64 -23.87 42.45
C LEU B 77 8.24 -24.49 42.45
N ALA B 78 7.60 -24.53 41.30
CA ALA B 78 6.26 -25.08 41.18
C ALA B 78 6.28 -26.60 41.05
N LEU B 79 7.44 -27.17 40.74
CA LEU B 79 7.56 -28.59 40.47
C LEU B 79 7.02 -29.52 41.59
N PRO B 80 7.42 -29.31 42.86
CA PRO B 80 7.02 -30.34 43.84
C PRO B 80 5.53 -30.30 44.17
N LYS B 81 4.90 -29.14 44.11
CA LYS B 81 3.45 -29.10 44.24
C LYS B 81 2.73 -29.47 42.93
N LEU B 82 3.43 -29.35 41.81
CA LEU B 82 2.87 -29.79 40.53
C LEU B 82 2.65 -31.29 40.52
N GLU B 83 3.51 -32.03 41.20
CA GLU B 83 3.30 -33.47 41.36
C GLU B 83 2.00 -33.76 42.10
N SER B 84 1.59 -32.83 42.97
CA SER B 84 0.38 -32.98 43.77
C SER B 84 -0.82 -32.26 43.17
N ASP B 85 -0.58 -31.10 42.56
CA ASP B 85 -1.65 -30.30 41.98
C ASP B 85 -1.52 -30.23 40.47
N ARG B 86 -2.62 -30.49 39.78
CA ARG B 86 -2.67 -30.41 38.33
C ARG B 86 -3.59 -29.27 37.91
N ALA B 87 -3.82 -29.15 36.61
CA ALA B 87 -4.62 -28.07 36.03
C ALA B 87 -4.02 -26.72 36.40
N ARG B 88 -2.69 -26.66 36.42
CA ARG B 88 -1.98 -25.46 36.77
C ARG B 88 -0.65 -25.45 36.04
N VAL B 89 -0.39 -24.38 35.31
CA VAL B 89 0.89 -24.15 34.69
C VAL B 89 1.62 -23.08 35.49
N PRO B 90 2.93 -23.22 35.67
CA PRO B 90 3.65 -22.22 36.48
C PRO B 90 3.69 -20.86 35.80
N VAL B 91 4.02 -20.84 34.51
CA VAL B 91 4.25 -19.61 33.77
C VAL B 91 4.03 -19.82 32.28
N VAL B 92 3.40 -18.85 31.64
CA VAL B 92 3.17 -18.86 30.20
C VAL B 92 3.94 -17.71 29.58
N GLY B 93 4.76 -18.01 28.58
CA GLY B 93 5.60 -17.03 27.94
C GLY B 93 5.23 -16.83 26.48
N ILE B 94 4.90 -15.60 26.11
CA ILE B 94 4.54 -15.25 24.74
C ILE B 94 5.32 -14.02 24.32
N GLU B 95 5.39 -13.79 23.01
CA GLU B 95 5.99 -12.58 22.45
C GLU B 95 4.99 -11.88 21.54
N ALA B 96 4.88 -10.58 21.65
CA ALA B 96 3.99 -9.80 20.84
C ALA B 96 4.42 -9.81 19.39
N ILE B 97 3.46 -9.71 18.49
CA ILE B 97 3.67 -9.80 17.05
C ILE B 97 3.47 -8.43 16.43
N ALA B 98 4.43 -7.98 15.65
CA ALA B 98 4.30 -6.74 14.93
C ALA B 98 3.34 -6.93 13.78
N PRO B 99 2.26 -6.14 13.72
CA PRO B 99 1.25 -6.40 12.70
C PRO B 99 1.66 -5.87 11.34
N GLU B 100 1.17 -6.52 10.30
CA GLU B 100 1.39 -6.07 8.95
C GLU B 100 0.64 -4.78 8.67
N SER B 101 -0.55 -4.65 9.22
CA SER B 101 -1.37 -3.47 9.00
C SER B 101 -0.93 -2.36 9.93
N ARG B 102 -1.66 -1.26 9.96
CA ARG B 102 -1.25 -0.14 10.79
C ARG B 102 -1.50 -0.39 12.27
N TYR B 103 -2.52 -1.15 12.58
CA TYR B 103 -2.95 -1.36 13.96
C TYR B 103 -2.65 -2.76 14.43
N PHE B 104 -2.48 -2.94 15.73
CA PHE B 104 -2.23 -4.24 16.30
C PHE B 104 -3.46 -5.11 16.18
N ASN B 105 -3.26 -6.38 15.83
CA ASN B 105 -4.35 -7.32 15.63
C ASN B 105 -4.55 -8.12 16.89
N TRP B 106 -5.65 -7.87 17.60
CA TRP B 106 -5.90 -8.52 18.85
C TRP B 106 -6.41 -9.92 18.67
N LYS B 107 -7.04 -10.21 17.55
CA LYS B 107 -7.55 -11.55 17.32
C LYS B 107 -6.40 -12.56 17.26
N GLU B 108 -5.34 -12.19 16.57
CA GLU B 108 -4.20 -13.07 16.46
C GLU B 108 -3.50 -13.21 17.80
N TYR B 109 -3.45 -12.12 18.57
CA TYR B 109 -2.86 -12.19 19.89
C TYR B 109 -3.62 -13.18 20.75
N TYR B 110 -4.93 -13.11 20.71
CA TYR B 110 -5.75 -13.97 21.54
C TYR B 110 -5.59 -15.41 21.13
N THR B 111 -5.61 -15.65 19.83
CA THR B 111 -5.57 -17.04 19.38
C THR B 111 -4.21 -17.65 19.65
N ARG B 112 -3.16 -16.87 19.51
CA ARG B 112 -1.82 -17.40 19.77
C ARG B 112 -1.56 -17.55 21.25
N ALA B 113 -2.17 -16.70 22.06
CA ALA B 113 -2.07 -16.88 23.50
C ALA B 113 -2.74 -18.16 23.91
N LEU B 114 -3.89 -18.46 23.32
CA LEU B 114 -4.56 -19.72 23.60
C LEU B 114 -3.74 -20.88 23.13
N ILE B 115 -3.11 -20.75 21.97
CA ILE B 115 -2.28 -21.82 21.44
C ILE B 115 -1.12 -22.10 22.38
N THR B 116 -0.42 -21.07 22.81
CA THR B 116 0.80 -21.28 23.60
C THR B 116 0.46 -21.76 24.99
N LEU B 117 -0.56 -21.18 25.60
CA LEU B 117 -0.93 -21.59 26.95
C LEU B 117 -1.43 -23.02 26.96
N GLU B 118 -2.14 -23.40 25.91
CA GLU B 118 -2.76 -24.71 25.83
C GLU B 118 -1.86 -25.68 25.07
N GLU B 119 -0.77 -26.08 25.71
CA GLU B 119 0.01 -27.23 25.28
C GLU B 119 0.38 -28.12 26.47
N PRO B 120 -0.62 -28.57 27.25
CA PRO B 120 -0.32 -29.55 28.28
C PRO B 120 -0.50 -30.98 27.76
N LEU B 121 -0.38 -31.97 28.63
CA LEU B 121 -0.65 -33.34 28.21
C LEU B 121 -2.13 -33.50 27.88
N ILE B 122 -2.43 -34.43 26.98
CA ILE B 122 -3.75 -34.56 26.39
C ILE B 122 -4.84 -34.84 27.44
N ASP B 123 -4.44 -35.27 28.62
CA ASP B 123 -5.42 -35.64 29.65
C ASP B 123 -6.23 -34.44 30.09
N HIS B 124 -5.66 -33.25 29.95
CA HIS B 124 -6.28 -32.02 30.46
C HIS B 124 -7.36 -31.58 29.48
N LYS B 125 -8.61 -31.78 29.88
CA LYS B 125 -9.76 -31.32 29.10
C LYS B 125 -10.54 -30.32 29.92
N PHE B 126 -10.82 -29.18 29.31
CA PHE B 126 -11.63 -28.15 29.96
C PHE B 126 -12.93 -27.89 29.22
N ASP B 127 -12.94 -28.03 27.89
CA ASP B 127 -14.11 -27.69 27.08
C ASP B 127 -14.47 -26.21 27.25
N TYR B 128 -13.59 -25.38 26.72
CA TYR B 128 -13.71 -23.94 26.75
C TYR B 128 -15.01 -23.50 26.10
N GLY B 129 -15.46 -22.30 26.42
CA GLY B 129 -16.60 -21.72 25.74
C GLY B 129 -16.36 -21.48 24.27
N VAL B 130 -17.43 -21.15 23.56
CA VAL B 130 -17.44 -20.97 22.11
C VAL B 130 -17.15 -22.28 21.39
N ARG B 131 -17.88 -22.52 20.30
CA ARG B 131 -17.78 -23.79 19.60
C ARG B 131 -16.61 -23.85 18.63
N GLY B 132 -15.98 -22.70 18.42
CA GLY B 132 -14.94 -22.58 17.43
C GLY B 132 -13.57 -22.99 17.91
N ILE B 133 -13.45 -23.41 19.16
CA ILE B 133 -12.17 -23.76 19.75
C ILE B 133 -12.27 -25.16 20.33
N SER B 134 -11.31 -25.98 19.95
CA SER B 134 -11.30 -27.37 20.38
C SER B 134 -9.90 -27.92 20.22
N ARG B 135 -9.74 -29.20 20.51
CA ARG B 135 -8.48 -29.88 20.28
C ARG B 135 -8.51 -30.52 18.91
N ASP B 136 -7.52 -31.37 18.64
CA ASP B 136 -7.49 -32.12 17.39
C ASP B 136 -6.83 -33.47 17.64
N ASN B 137 -6.54 -34.21 16.58
CA ASN B 137 -5.90 -35.51 16.73
C ASN B 137 -4.43 -35.39 17.14
N PHE B 138 -3.79 -34.27 16.84
CA PHE B 138 -2.41 -34.04 17.26
C PHE B 138 -2.32 -33.33 18.61
N GLY B 139 -3.45 -33.01 19.21
CA GLY B 139 -3.48 -32.38 20.50
C GLY B 139 -3.35 -30.87 20.48
N LYS B 140 -3.19 -30.27 19.30
CA LYS B 140 -3.07 -28.83 19.20
C LYS B 140 -4.43 -28.18 19.05
N ILE B 141 -4.57 -27.02 19.69
CA ILE B 141 -5.80 -26.27 19.62
C ILE B 141 -6.00 -25.78 18.20
N ASN B 142 -7.19 -26.03 17.66
CA ASN B 142 -7.56 -25.50 16.36
C ASN B 142 -8.57 -24.38 16.54
N VAL B 143 -8.30 -23.25 15.92
CA VAL B 143 -9.16 -22.08 16.00
C VAL B 143 -9.63 -21.74 14.59
N GLU B 144 -10.93 -21.75 14.38
CA GLU B 144 -11.50 -21.42 13.09
C GLU B 144 -11.33 -19.94 12.79
N SER B 145 -11.54 -19.58 11.55
CA SER B 145 -11.41 -18.20 11.13
C SER B 145 -12.69 -17.40 11.37
N LYS B 146 -13.76 -18.08 11.74
CA LYS B 146 -15.07 -17.46 11.82
C LYS B 146 -15.37 -16.90 13.20
N VAL B 147 -14.47 -17.19 14.14
CA VAL B 147 -14.68 -16.80 15.52
C VAL B 147 -14.29 -15.34 15.65
N VAL B 148 -15.21 -14.57 16.18
CA VAL B 148 -14.97 -13.19 16.46
C VAL B 148 -14.10 -13.01 17.67
N ALA B 149 -13.47 -11.85 17.74
CA ALA B 149 -12.49 -11.55 18.76
C ALA B 149 -13.02 -11.67 20.19
N PRO B 150 -14.23 -11.15 20.48
CA PRO B 150 -14.72 -11.30 21.84
C PRO B 150 -14.87 -12.74 22.29
N ALA B 151 -15.23 -13.63 21.37
CA ALA B 151 -15.38 -15.03 21.74
C ALA B 151 -14.05 -15.62 22.12
N LEU B 152 -13.01 -15.29 21.36
CA LEU B 152 -11.68 -15.74 21.68
C LEU B 152 -11.23 -15.19 23.02
N ARG B 153 -11.56 -13.94 23.29
CA ARG B 153 -11.22 -13.32 24.56
C ARG B 153 -11.86 -14.05 25.72
N ARG B 154 -13.12 -14.42 25.57
CA ARG B 154 -13.83 -15.12 26.61
C ARG B 154 -13.23 -16.48 26.87
N ALA B 155 -12.89 -17.19 25.80
CA ALA B 155 -12.29 -18.50 25.95
C ALA B 155 -10.95 -18.41 26.64
N LEU B 156 -10.17 -17.40 26.28
CA LEU B 156 -8.86 -17.20 26.87
C LEU B 156 -9.01 -16.87 28.35
N GLU B 157 -10.02 -16.08 28.70
CA GLU B 157 -10.25 -15.75 30.09
C GLU B 157 -10.58 -17.00 30.90
N ASN B 158 -11.41 -17.87 30.36
CA ASN B 158 -11.76 -19.10 31.02
C ASN B 158 -10.53 -19.98 31.20
N ALA B 159 -9.70 -20.07 30.17
CA ALA B 159 -8.50 -20.87 30.25
C ALA B 159 -7.55 -20.32 31.29
N LEU B 160 -7.41 -19.01 31.34
CA LEU B 160 -6.52 -18.39 32.31
C LEU B 160 -7.02 -18.63 33.73
N ILE B 161 -8.31 -18.48 33.97
CA ILE B 161 -8.82 -18.62 35.32
C ILE B 161 -8.77 -20.09 35.74
N HIS B 162 -8.78 -21.00 34.79
CA HIS B 162 -8.65 -22.42 35.14
C HIS B 162 -7.19 -22.77 35.43
N ARG B 163 -6.31 -22.55 34.46
CA ARG B 163 -4.91 -22.92 34.63
C ARG B 163 -4.23 -22.09 35.73
N HIS B 164 -4.55 -20.81 35.76
CA HIS B 164 -4.02 -19.88 36.75
C HIS B 164 -2.51 -19.85 36.77
N PRO B 165 -1.86 -19.40 35.68
CA PRO B 165 -0.41 -19.25 35.73
C PRO B 165 0.01 -18.11 36.67
N ASP B 166 1.19 -18.22 37.24
CA ASP B 166 1.67 -17.21 38.17
C ASP B 166 1.90 -15.88 37.48
N VAL B 167 2.51 -15.91 36.30
CA VAL B 167 2.75 -14.72 35.51
C VAL B 167 2.51 -15.03 34.04
N PHE B 168 2.28 -13.98 33.26
CA PHE B 168 1.94 -14.09 31.84
C PHE B 168 2.88 -13.21 31.08
N PHE B 169 3.89 -13.82 30.46
CA PHE B 169 4.98 -13.09 29.84
C PHE B 169 4.61 -12.70 28.42
N VAL B 170 4.73 -11.40 28.13
CA VAL B 170 4.48 -10.89 26.80
C VAL B 170 5.76 -10.24 26.32
N ASP B 171 6.57 -11.01 25.61
CA ASP B 171 7.84 -10.51 25.14
C ASP B 171 7.65 -9.57 23.98
N GLU B 172 8.64 -8.72 23.75
CA GLU B 172 8.63 -7.76 22.67
C GLU B 172 7.36 -6.93 22.70
N ALA B 173 7.03 -6.42 23.86
CA ALA B 173 5.82 -5.67 24.07
C ALA B 173 5.80 -4.36 23.32
N GLN B 174 6.87 -4.00 22.64
CA GLN B 174 6.92 -2.76 21.88
C GLN B 174 5.90 -2.79 20.76
N HIS B 175 5.48 -3.98 20.35
CA HIS B 175 4.62 -4.11 19.19
C HIS B 175 3.19 -3.73 19.51
N PHE B 176 2.88 -3.51 20.77
CA PHE B 176 1.55 -3.07 21.17
C PHE B 176 1.27 -1.65 20.74
N GLY B 177 2.30 -0.87 20.43
CA GLY B 177 2.16 0.54 20.16
C GLY B 177 1.87 0.92 18.76
N LYS B 178 1.74 -0.08 17.91
CA LYS B 178 1.40 0.13 16.52
C LYS B 178 -0.12 0.27 16.43
N VAL B 179 -0.56 1.53 16.43
CA VAL B 179 -1.95 1.87 16.30
C VAL B 179 -2.10 3.07 15.37
N ALA B 180 -3.34 3.36 15.02
CA ALA B 180 -3.68 4.38 14.04
C ALA B 180 -4.10 5.69 14.70
N SER B 181 -5.03 5.62 15.65
CA SER B 181 -5.44 6.78 16.42
C SER B 181 -4.41 7.10 17.50
N GLY B 182 -4.18 8.39 17.71
CA GLY B 182 -3.22 8.83 18.69
C GLY B 182 -3.55 8.38 20.10
N TYR B 183 -4.82 8.50 20.46
CA TYR B 183 -5.26 8.17 21.81
C TYR B 183 -5.41 6.68 22.00
N LYS B 184 -5.30 5.92 20.91
CA LYS B 184 -5.62 4.50 20.97
C LYS B 184 -4.61 3.71 21.83
N LEU B 185 -3.50 4.33 22.21
CA LEU B 185 -2.54 3.69 23.10
C LEU B 185 -3.19 3.36 24.43
N GLN B 186 -3.96 4.32 24.94
CA GLN B 186 -4.66 4.13 26.19
C GLN B 186 -5.64 2.99 26.07
N ASP B 187 -6.35 2.93 24.95
CA ASP B 187 -7.34 1.89 24.75
C ASP B 187 -6.69 0.53 24.70
N GLN B 188 -5.51 0.46 24.06
CA GLN B 188 -4.81 -0.81 23.99
C GLN B 188 -4.40 -1.29 25.37
N LEU B 189 -3.81 -0.40 26.13
CA LEU B 189 -3.35 -0.78 27.45
C LEU B 189 -4.53 -1.11 28.37
N ASP B 190 -5.66 -0.43 28.18
CA ASP B 190 -6.84 -0.72 28.96
C ASP B 190 -7.42 -2.08 28.59
N CYS B 191 -7.31 -2.45 27.33
CA CYS B 191 -7.75 -3.78 26.92
C CYS B 191 -6.91 -4.85 27.59
N LEU B 192 -5.61 -4.63 27.66
CA LEU B 192 -4.73 -5.55 28.37
C LEU B 192 -5.08 -5.60 29.85
N LYS B 193 -5.34 -4.44 30.44
CA LYS B 193 -5.68 -4.38 31.85
C LYS B 193 -6.96 -5.14 32.13
N SER B 194 -7.92 -5.00 31.23
CA SER B 194 -9.19 -5.67 31.40
C SER B 194 -9.03 -7.17 31.27
N LEU B 195 -8.17 -7.61 30.39
CA LEU B 195 -7.87 -9.04 30.29
C LEU B 195 -7.25 -9.54 31.57
N ALA B 196 -6.39 -8.75 32.17
CA ALA B 196 -5.70 -9.17 33.37
C ALA B 196 -6.63 -9.21 34.56
N ASN B 197 -7.55 -8.25 34.63
CA ASN B 197 -8.35 -8.07 35.82
C ASN B 197 -9.27 -9.26 36.06
N MET B 198 -10.00 -9.69 35.04
CA MET B 198 -10.94 -10.78 35.24
C MET B 198 -10.24 -12.08 35.56
N THR B 199 -8.99 -12.23 35.14
CA THR B 199 -8.29 -13.49 35.33
C THR B 199 -7.36 -13.47 36.53
N GLY B 200 -7.06 -12.29 37.04
CA GLY B 200 -6.14 -12.18 38.17
C GLY B 200 -4.77 -12.73 37.88
N ILE B 201 -4.31 -12.56 36.66
CA ILE B 201 -3.03 -13.07 36.21
C ILE B 201 -2.10 -11.87 35.99
N LEU B 202 -0.97 -11.86 36.67
CA LEU B 202 0.00 -10.78 36.56
C LEU B 202 0.69 -10.85 35.22
N HIS B 203 0.61 -9.77 34.45
CA HIS B 203 1.26 -9.69 33.17
C HIS B 203 2.58 -8.95 33.31
N CYS B 204 3.61 -9.48 32.64
CA CYS B 204 4.91 -8.82 32.59
C CYS B 204 5.24 -8.52 31.15
N LEU B 205 5.45 -7.24 30.85
CA LEU B 205 5.73 -6.79 29.51
C LEU B 205 7.19 -6.42 29.40
N LEU B 206 7.88 -7.06 28.47
CA LEU B 206 9.29 -6.84 28.23
C LEU B 206 9.43 -6.12 26.90
N GLY B 207 10.21 -5.03 26.90
CA GLY B 207 10.40 -4.27 25.71
C GLY B 207 11.50 -3.28 25.80
N THR B 208 11.81 -2.65 24.69
CA THR B 208 12.88 -1.69 24.62
C THR B 208 12.45 -0.39 25.22
N TYR B 209 13.30 0.63 25.13
CA TYR B 209 13.01 1.90 25.75
C TYR B 209 11.85 2.58 25.04
N GLU B 210 11.39 2.04 23.93
CA GLU B 210 10.21 2.58 23.25
C GLU B 210 8.98 2.34 24.10
N LEU B 211 8.97 1.27 24.88
CA LEU B 211 7.85 0.91 25.72
C LEU B 211 7.54 1.99 26.73
N LEU B 212 8.36 3.03 26.83
CA LEU B 212 8.04 4.12 27.74
C LEU B 212 6.84 4.92 27.25
N THR B 213 6.38 4.66 26.03
CA THR B 213 5.14 5.28 25.56
C THR B 213 3.94 4.77 26.33
N PHE B 214 4.07 3.64 27.00
CA PHE B 214 3.00 3.07 27.79
C PHE B 214 3.19 3.33 29.27
N ARG B 215 4.13 4.18 29.63
CA ARG B 215 4.65 4.19 31.00
C ARG B 215 3.56 4.63 31.95
N ASN B 216 3.17 5.89 31.84
CA ASN B 216 2.24 6.52 32.76
C ASN B 216 1.19 7.25 31.96
N LEU B 217 0.58 6.55 31.01
CA LEU B 217 -0.38 7.19 30.12
C LEU B 217 -1.76 7.31 30.76
N SER B 218 -1.94 6.71 31.94
CA SER B 218 -3.18 6.80 32.70
C SER B 218 -2.88 6.52 34.15
N GLY B 219 -3.52 7.27 35.04
CA GLY B 219 -3.31 7.08 36.46
C GLY B 219 -3.77 5.72 36.95
N GLN B 220 -4.90 5.26 36.45
CA GLN B 220 -5.39 3.94 36.80
C GLN B 220 -4.42 2.86 36.35
N LEU B 221 -3.87 3.02 35.15
CA LEU B 221 -2.86 2.11 34.67
C LEU B 221 -1.53 2.35 35.37
N SER B 222 -1.29 3.57 35.82
CA SER B 222 -0.09 3.86 36.59
C SER B 222 -0.08 3.17 37.94
N ARG B 223 -1.24 2.92 38.51
CA ARG B 223 -1.30 2.31 39.83
C ARG B 223 -0.94 0.85 39.76
N ARG B 224 -1.40 0.15 38.73
CA ARG B 224 -1.25 -1.31 38.68
C ARG B 224 -0.09 -1.75 37.80
N SER B 225 0.93 -0.91 37.72
CA SER B 225 2.13 -1.22 36.96
C SER B 225 3.34 -1.02 37.83
N VAL B 226 4.32 -1.91 37.66
CA VAL B 226 5.61 -1.82 38.32
C VAL B 226 6.68 -1.63 37.25
N ASP B 227 7.47 -0.58 37.42
CA ASP B 227 8.51 -0.22 36.46
C ASP B 227 9.83 -0.78 36.94
N ILE B 228 10.32 -1.79 36.26
CA ILE B 228 11.66 -2.30 36.45
C ILE B 228 12.53 -1.83 35.32
N HIS B 229 13.62 -1.15 35.65
CA HIS B 229 14.56 -0.62 34.67
C HIS B 229 15.76 -1.53 34.63
N PHE B 230 16.01 -2.10 33.46
CA PHE B 230 17.17 -2.93 33.21
C PHE B 230 18.28 -2.05 32.70
N ARG B 231 18.88 -1.27 33.58
CA ARG B 231 19.86 -0.27 33.18
C ARG B 231 21.12 -0.91 32.63
N ARG B 232 21.74 -0.26 31.67
CA ARG B 232 23.04 -0.65 31.17
C ARG B 232 24.14 -0.16 32.07
N TYR B 233 25.38 -0.35 31.68
CA TYR B 233 26.53 0.10 32.46
C TYR B 233 27.02 1.42 31.91
N CYS B 234 27.08 2.42 32.76
CA CYS B 234 27.52 3.74 32.36
C CYS B 234 29.03 3.81 32.37
N ALA B 235 29.57 4.94 31.90
CA ALA B 235 30.99 5.20 31.93
C ALA B 235 31.35 6.35 32.83
N ASP B 236 30.39 7.24 33.10
CA ASP B 236 30.62 8.33 34.00
C ASP B 236 30.89 7.83 35.41
N SER B 237 30.16 6.81 35.83
CA SER B 237 30.32 6.26 37.16
C SER B 237 31.43 5.26 37.15
N PRO B 238 32.45 5.43 38.01
CA PRO B 238 33.55 4.47 38.01
C PRO B 238 33.11 3.06 38.40
N GLU B 239 32.03 2.94 39.15
CA GLU B 239 31.58 1.62 39.60
C GLU B 239 31.11 0.78 38.43
N ASP B 240 30.34 1.38 37.52
CA ASP B 240 29.88 0.66 36.35
C ASP B 240 31.06 0.30 35.45
N VAL B 241 32.05 1.18 35.37
CA VAL B 241 33.22 0.91 34.58
C VAL B 241 33.94 -0.31 35.11
N GLN B 242 34.09 -0.37 36.42
CA GLN B 242 34.79 -1.48 37.04
C GLN B 242 33.99 -2.76 36.86
N ALA B 243 32.68 -2.67 36.96
CA ALA B 243 31.84 -3.84 36.75
C ALA B 243 31.96 -4.37 35.34
N PHE B 244 31.98 -3.47 34.36
CA PHE B 244 32.11 -3.89 32.97
C PHE B 244 33.47 -4.53 32.75
N LYS B 245 34.49 -3.97 33.38
CA LYS B 245 35.83 -4.53 33.29
C LYS B 245 35.83 -5.93 33.86
N SER B 246 35.19 -6.13 34.99
CA SER B 246 35.15 -7.44 35.62
C SER B 246 34.43 -8.44 34.77
N VAL B 247 33.35 -8.02 34.14
CA VAL B 247 32.58 -8.93 33.30
C VAL B 247 33.39 -9.30 32.07
N LEU B 248 34.14 -8.34 31.53
CA LEU B 248 35.02 -8.63 30.41
C LEU B 248 36.09 -9.63 30.82
N LEU B 249 36.62 -9.48 32.03
CA LEU B 249 37.60 -10.43 32.53
C LEU B 249 37.01 -11.82 32.66
N THR B 250 35.78 -11.91 33.14
CA THR B 250 35.13 -13.20 33.29
C THR B 250 34.90 -13.83 31.93
N PHE B 251 34.49 -13.03 30.97
CA PHE B 251 34.26 -13.55 29.63
C PHE B 251 35.54 -14.05 29.01
N GLN B 252 36.63 -13.30 29.15
CA GLN B 252 37.87 -13.71 28.49
C GLN B 252 38.48 -14.86 29.23
N GLN B 253 38.09 -15.05 30.48
CA GLN B 253 38.60 -16.14 31.28
C GLN B 253 38.01 -17.45 30.82
N HIS B 254 36.79 -17.40 30.30
CA HIS B 254 36.04 -18.60 29.98
C HIS B 254 35.90 -18.83 28.50
N LEU B 255 36.61 -18.07 27.68
CA LEU B 255 36.59 -18.27 26.23
C LEU B 255 37.36 -19.53 25.89
N PRO B 256 36.73 -20.47 25.19
CA PRO B 256 37.40 -21.74 24.91
C PRO B 256 38.48 -21.63 23.86
N LEU B 257 39.60 -21.01 24.20
CA LEU B 257 40.73 -20.89 23.31
C LEU B 257 42.00 -21.40 23.96
N ALA B 258 42.95 -21.80 23.15
CA ALA B 258 44.22 -22.32 23.65
C ALA B 258 44.97 -21.28 24.43
N GLU B 259 45.01 -20.06 23.93
CA GLU B 259 45.64 -18.95 24.61
C GLU B 259 44.57 -17.98 25.05
N THR B 260 44.55 -17.67 26.34
CA THR B 260 43.57 -16.74 26.86
C THR B 260 43.93 -15.34 26.43
N PRO B 261 43.05 -14.70 25.64
CA PRO B 261 43.35 -13.35 25.19
C PRO B 261 43.21 -12.33 26.31
N ASN B 262 43.84 -11.18 26.12
CA ASN B 262 43.74 -10.08 27.05
C ASN B 262 42.74 -9.11 26.49
N LEU B 263 41.67 -8.83 27.26
CA LEU B 263 40.61 -7.97 26.77
C LEU B 263 40.40 -6.73 27.61
N VAL B 264 40.89 -6.69 28.84
CA VAL B 264 40.60 -5.56 29.71
C VAL B 264 41.34 -4.32 29.24
N ASP B 265 42.33 -4.48 28.39
CA ASP B 265 43.10 -3.32 27.94
C ASP B 265 42.25 -2.44 27.08
N HIS B 266 41.57 -3.03 26.10
CA HIS B 266 40.66 -2.28 25.25
C HIS B 266 39.23 -2.37 25.77
N TRP B 267 39.08 -2.08 27.06
CA TRP B 267 37.76 -1.89 27.62
C TRP B 267 37.07 -0.71 26.98
N GLU B 268 37.84 0.32 26.61
CA GLU B 268 37.25 1.45 25.93
C GLU B 268 36.68 1.04 24.59
N TYR B 269 37.40 0.19 23.88
CA TYR B 269 36.93 -0.27 22.58
C TYR B 269 35.70 -1.10 22.75
N PHE B 270 35.69 -1.99 23.73
CA PHE B 270 34.56 -2.86 23.92
C PHE B 270 33.32 -2.07 24.31
N TYR B 271 33.48 -1.05 25.14
CA TYR B 271 32.37 -0.18 25.51
C TYR B 271 31.90 0.62 24.32
N GLU B 272 32.79 0.99 23.44
CA GLU B 272 32.45 1.84 22.32
C GLU B 272 31.45 1.16 21.40
N ARG B 273 31.63 -0.13 21.16
CA ARG B 273 30.80 -0.86 20.23
C ARG B 273 29.71 -1.67 20.92
N THR B 274 29.57 -1.55 22.23
CA THR B 274 28.52 -2.24 22.97
C THR B 274 27.69 -1.35 23.87
N LEU B 275 28.13 -0.15 24.13
CA LEU B 275 27.47 0.82 24.99
C LEU B 275 27.18 0.28 26.39
N GLY B 276 27.91 -0.76 26.79
CA GLY B 276 27.70 -1.35 28.10
C GLY B 276 26.67 -2.43 28.16
N CYS B 277 25.99 -2.66 27.07
CA CYS B 277 25.10 -3.79 26.94
C CYS B 277 25.87 -5.09 27.05
N ILE B 278 25.30 -6.04 27.73
CA ILE B 278 25.97 -7.30 28.02
C ILE B 278 25.64 -8.31 26.93
N GLY B 279 24.42 -8.33 26.46
CA GLY B 279 24.02 -9.23 25.41
C GLY B 279 24.75 -8.93 24.14
N THR B 280 24.91 -7.66 23.82
CA THR B 280 25.60 -7.27 22.61
C THR B 280 27.06 -7.68 22.69
N LEU B 281 27.65 -7.52 23.86
CA LEU B 281 29.05 -7.91 24.03
C LEU B 281 29.20 -9.40 23.90
N LYS B 282 28.27 -10.15 24.44
CA LYS B 282 28.30 -11.59 24.35
C LYS B 282 28.17 -12.04 22.93
N ASP B 283 27.29 -11.41 22.16
CA ASP B 283 27.13 -11.76 20.77
C ASP B 283 28.36 -11.41 19.96
N TRP B 284 28.97 -10.27 20.25
CA TRP B 284 30.20 -9.89 19.60
C TRP B 284 31.26 -10.94 19.84
N LEU B 285 31.41 -11.37 21.09
CA LEU B 285 32.42 -12.34 21.42
C LEU B 285 32.08 -13.68 20.82
N LYS B 286 30.81 -14.02 20.71
CA LYS B 286 30.40 -15.26 20.06
C LYS B 286 30.79 -15.26 18.62
N ARG B 287 30.57 -14.15 17.92
CA ARG B 287 30.94 -14.07 16.53
C ARG B 287 32.44 -14.11 16.37
N VAL B 288 33.17 -13.41 17.23
CA VAL B 288 34.62 -13.41 17.17
C VAL B 288 35.16 -14.79 17.45
N LEU B 289 34.54 -15.50 18.37
CA LEU B 289 34.98 -16.87 18.69
C LEU B 289 34.72 -17.77 17.52
N SER B 290 33.59 -17.61 16.86
CA SER B 290 33.28 -18.43 15.71
C SER B 290 34.28 -18.20 14.62
N ASP B 291 34.64 -16.94 14.39
CA ASP B 291 35.62 -16.62 13.38
C ASP B 291 36.96 -17.22 13.72
N ALA B 292 37.40 -17.05 14.96
CA ALA B 292 38.74 -17.48 15.33
C ALA B 292 38.79 -18.99 15.40
N LEU B 293 37.64 -19.63 15.54
CA LEU B 293 37.59 -21.07 15.63
C LEU B 293 37.44 -21.72 14.26
N ASP B 294 36.97 -20.96 13.29
CA ASP B 294 37.00 -21.43 11.91
C ASP B 294 38.43 -21.49 11.38
N ARG B 295 39.22 -20.46 11.68
CA ARG B 295 40.63 -20.43 11.28
C ARG B 295 41.52 -21.24 12.22
N GLU B 296 40.91 -21.78 13.27
CA GLU B 296 41.60 -22.61 14.26
C GLU B 296 42.68 -21.85 15.01
N ALA B 297 42.55 -20.54 15.08
CA ALA B 297 43.57 -19.72 15.72
C ALA B 297 43.51 -19.89 17.22
N THR B 298 44.66 -19.94 17.86
CA THR B 298 44.71 -20.19 19.28
C THR B 298 44.42 -18.94 20.08
N THR B 299 44.00 -17.86 19.42
CA THR B 299 43.69 -16.65 20.15
C THR B 299 42.79 -15.70 19.37
N ILE B 300 42.42 -14.61 20.03
CA ILE B 300 41.68 -13.54 19.42
C ILE B 300 42.58 -12.35 19.20
N THR B 301 42.49 -11.76 18.02
CA THR B 301 43.27 -10.59 17.69
C THR B 301 42.38 -9.38 17.63
N LEU B 302 42.95 -8.20 17.84
CA LEU B 302 42.13 -7.00 17.82
C LEU B 302 41.39 -6.94 16.51
N LYS B 303 42.11 -7.00 15.41
CA LYS B 303 41.47 -6.85 14.12
C LYS B 303 40.29 -7.81 13.97
N ASP B 304 40.31 -8.92 14.71
CA ASP B 304 39.18 -9.83 14.72
C ASP B 304 37.96 -9.16 15.33
N LEU B 305 38.16 -8.39 16.39
CA LEU B 305 37.07 -7.65 16.98
C LEU B 305 36.56 -6.60 16.00
N GLN B 306 37.46 -5.98 15.25
CA GLN B 306 37.07 -5.00 14.27
C GLN B 306 36.25 -5.62 13.15
N LYS B 307 36.36 -6.92 12.95
CA LYS B 307 35.67 -7.58 11.86
C LYS B 307 34.18 -7.71 12.14
N ARG B 308 33.82 -8.11 13.36
CA ARG B 308 32.42 -8.33 13.69
C ARG B 308 31.83 -7.25 14.57
N ALA B 309 32.56 -6.17 14.78
CA ALA B 309 32.03 -5.05 15.54
C ALA B 309 30.93 -4.37 14.80
N LEU B 310 29.95 -3.88 15.52
CA LEU B 310 28.85 -3.15 14.91
C LEU B 310 29.35 -1.85 14.31
N SER B 311 28.66 -1.36 13.30
CA SER B 311 29.04 -0.13 12.65
C SER B 311 28.93 1.04 13.59
N VAL B 312 29.75 2.06 13.38
CA VAL B 312 29.73 3.25 14.21
C VAL B 312 28.37 3.92 14.11
N ALA B 313 27.77 3.89 12.94
CA ALA B 313 26.46 4.48 12.75
C ALA B 313 25.42 3.73 13.54
N GLN B 314 25.51 2.41 13.58
CA GLN B 314 24.59 1.62 14.38
C GLN B 314 24.71 1.97 15.84
N CYS B 315 25.93 2.05 16.35
CA CYS B 315 26.11 2.33 17.76
C CYS B 315 25.80 3.77 18.05
N GLN B 316 25.99 4.66 17.09
CA GLN B 316 25.74 6.07 17.31
C GLN B 316 24.27 6.28 17.56
N LYS B 317 23.43 5.55 16.84
CA LYS B 317 21.99 5.77 16.98
C LYS B 317 21.44 5.08 18.20
N MET B 318 21.96 3.90 18.52
CA MET B 318 21.55 3.21 19.70
C MET B 318 21.74 4.07 20.94
N PHE B 319 22.81 4.86 20.97
CA PHE B 319 22.99 5.78 22.09
C PHE B 319 21.95 6.87 22.05
N LYS B 320 21.56 7.29 20.86
CA LYS B 320 20.56 8.35 20.74
C LYS B 320 19.25 7.94 21.36
N GLU B 321 18.85 6.71 21.15
CA GLU B 321 17.56 6.26 21.69
C GLU B 321 17.70 5.88 23.13
N ILE B 322 18.88 5.43 23.53
CA ILE B 322 19.14 5.10 24.92
C ILE B 322 19.19 6.36 25.73
N GLN B 323 19.87 7.39 25.22
CA GLN B 323 20.05 8.62 25.98
C GLN B 323 18.72 9.27 26.24
N GLU B 324 17.84 9.28 25.25
CA GLU B 324 16.54 9.92 25.45
C GLU B 324 15.64 9.00 26.25
N GLY B 325 15.86 7.72 26.15
CA GLY B 325 15.11 6.78 26.95
C GLY B 325 15.42 6.88 28.40
N GLU B 326 16.68 7.02 28.75
CA GLU B 326 17.07 7.16 30.15
C GLU B 326 16.62 8.48 30.70
N ARG B 327 16.58 9.50 29.86
CA ARG B 327 16.11 10.82 30.30
C ARG B 327 14.68 10.75 30.79
N GLN B 328 13.83 10.00 30.09
CA GLN B 328 12.45 9.83 30.54
C GLN B 328 12.40 9.05 31.85
N LEU B 329 13.36 8.15 32.04
CA LEU B 329 13.37 7.26 33.20
C LEU B 329 14.19 7.83 34.33
N SER B 330 14.65 9.06 34.18
CA SER B 330 15.51 9.69 35.17
C SER B 330 14.68 10.19 36.31
N GLU B 331 15.02 9.77 37.53
CA GLU B 331 14.37 10.29 38.73
C GLU B 331 15.37 11.08 39.53
N THR B 332 15.05 12.34 39.74
CA THR B 332 15.92 13.27 40.44
C THR B 332 15.22 13.83 41.66
N GLU B 333 16.00 14.43 42.55
CA GLU B 333 15.44 15.06 43.74
C GLU B 333 14.52 16.21 43.40
N ALA B 334 14.71 16.82 42.25
CA ALA B 334 13.87 17.94 41.83
C ALA B 334 12.42 17.49 41.67
N ASP B 335 12.21 16.33 41.08
CA ASP B 335 10.86 15.81 40.86
C ASP B 335 10.16 15.55 42.18
N VAL B 336 10.89 15.07 43.17
CA VAL B 336 10.33 14.85 44.48
C VAL B 336 9.84 16.17 45.06
N GLN B 337 10.63 17.23 44.92
CA GLN B 337 10.25 18.51 45.48
C GLN B 337 8.98 19.07 44.82
N ASN B 338 8.88 18.92 43.50
CA ASN B 338 7.68 19.36 42.81
C ASN B 338 6.46 18.56 43.26
N LEU B 339 6.67 17.28 43.55
CA LEU B 339 5.60 16.45 44.07
C LEU B 339 5.15 16.96 45.43
N ARG B 340 6.10 17.29 46.29
CA ARG B 340 5.75 17.82 47.60
C ARG B 340 5.02 19.13 47.48
N SER B 341 5.50 20.02 46.61
CA SER B 341 4.85 21.31 46.44
C SER B 341 3.43 21.17 45.91
N ALA B 342 3.25 20.29 44.93
CA ALA B 342 1.93 20.04 44.38
C ALA B 342 1.01 19.40 45.41
N LEU B 343 1.55 18.46 46.18
CA LEU B 343 0.80 17.75 47.20
C LEU B 343 0.54 18.59 48.43
N GLY B 344 1.22 19.73 48.57
CA GLY B 344 1.08 20.54 49.75
C GLY B 344 1.86 20.07 50.96
N LEU B 345 2.72 19.08 50.78
CA LEU B 345 3.52 18.54 51.87
C LEU B 345 4.79 19.36 52.15
N GLY B 346 5.00 20.43 51.42
CA GLY B 346 6.19 21.25 51.61
C GLY B 346 6.20 21.91 52.99
N SER C 4 45.52 -23.00 -20.28
CA SER C 4 45.38 -21.61 -20.70
C SER C 4 44.63 -20.79 -19.66
N THR C 5 44.81 -19.48 -19.72
CA THR C 5 44.18 -18.57 -18.78
C THR C 5 42.94 -17.91 -19.36
N GLY C 6 42.48 -18.40 -20.52
CA GLY C 6 41.34 -17.81 -21.18
C GLY C 6 40.31 -18.83 -21.61
N PHE C 7 39.48 -18.48 -22.57
CA PHE C 7 38.43 -19.36 -23.05
C PHE C 7 39.02 -20.53 -23.78
N PRO C 8 38.36 -21.70 -23.72
CA PRO C 8 38.84 -22.84 -24.48
C PRO C 8 38.87 -22.54 -25.96
N LEU C 9 39.95 -22.96 -26.62
CA LEU C 9 40.11 -22.65 -28.04
C LEU C 9 39.22 -23.53 -28.90
N GLU C 10 38.69 -24.58 -28.30
CA GLU C 10 37.82 -25.49 -29.00
C GLU C 10 36.48 -24.85 -29.32
N LEU C 11 36.08 -23.83 -28.57
CA LEU C 11 34.74 -23.25 -28.75
C LEU C 11 34.58 -22.52 -30.06
N LEU C 12 35.68 -22.17 -30.72
CA LEU C 12 35.59 -21.51 -32.01
C LEU C 12 34.87 -22.38 -33.06
N THR C 13 35.07 -23.69 -33.01
CA THR C 13 34.43 -24.57 -33.99
C THR C 13 32.94 -24.68 -33.74
N ARG C 14 32.53 -24.59 -32.48
CA ARG C 14 31.12 -24.69 -32.13
C ARG C 14 30.35 -23.49 -32.62
N PRO C 15 29.05 -23.66 -32.89
CA PRO C 15 28.22 -22.52 -33.29
C PRO C 15 28.11 -21.45 -32.23
N ALA C 16 27.45 -20.35 -32.57
CA ALA C 16 27.50 -19.15 -31.76
C ALA C 16 26.74 -19.31 -30.47
N THR C 17 25.78 -20.22 -30.44
CA THR C 17 24.95 -20.37 -29.25
C THR C 17 25.78 -20.84 -28.08
N GLU C 18 26.65 -21.81 -28.28
CA GLU C 18 27.46 -22.31 -27.19
C GLU C 18 28.48 -21.28 -26.76
N ARG C 19 29.00 -20.48 -27.68
CA ARG C 19 29.91 -19.40 -27.29
C ARG C 19 29.21 -18.39 -26.41
N LEU C 20 28.02 -18.00 -26.80
CA LEU C 20 27.24 -17.06 -26.00
C LEU C 20 26.97 -17.65 -24.63
N ALA C 21 26.61 -18.93 -24.59
CA ALA C 21 26.29 -19.56 -23.33
C ALA C 21 27.51 -19.64 -22.45
N TYR C 22 28.66 -19.98 -23.02
CA TYR C 22 29.87 -20.09 -22.24
C TYR C 22 30.25 -18.78 -21.62
N PHE C 23 30.16 -17.72 -22.37
CA PHE C 23 30.46 -16.40 -21.83
C PHE C 23 29.44 -15.99 -20.81
N GLU C 24 28.19 -16.42 -20.95
CA GLU C 24 27.17 -16.07 -20.00
C GLU C 24 27.41 -16.76 -18.67
N ASN C 25 27.71 -18.05 -18.70
CA ASN C 25 27.87 -18.80 -17.45
C ASN C 25 29.22 -18.55 -16.81
N TYR C 26 30.16 -17.99 -17.53
CA TYR C 26 31.47 -17.69 -16.95
C TYR C 26 31.34 -16.61 -15.94
N THR C 27 31.95 -16.83 -14.77
CA THR C 27 31.98 -15.88 -13.69
C THR C 27 33.40 -15.63 -13.26
N VAL C 28 33.71 -14.38 -12.99
CA VAL C 28 35.04 -13.96 -12.60
C VAL C 28 35.04 -13.70 -11.12
N ALA C 29 36.22 -13.85 -10.51
CA ALA C 29 36.40 -13.56 -9.10
C ALA C 29 37.24 -12.32 -8.96
N HIS C 30 36.69 -11.33 -8.27
CA HIS C 30 37.36 -10.09 -8.02
C HIS C 30 37.38 -9.78 -6.55
N PRO C 31 38.36 -8.98 -6.09
CA PRO C 31 38.56 -8.84 -4.66
C PRO C 31 37.31 -8.45 -3.87
N ARG C 32 36.49 -7.56 -4.42
CA ARG C 32 35.33 -7.10 -3.68
C ARG C 32 34.32 -8.21 -3.53
N LEU C 33 34.10 -8.98 -4.57
CA LEU C 33 33.14 -10.07 -4.52
C LEU C 33 33.59 -11.12 -3.53
N LYS C 34 34.88 -11.46 -3.54
CA LYS C 34 35.40 -12.46 -2.63
C LYS C 34 35.25 -12.01 -1.19
N GLU C 35 35.53 -10.75 -0.93
CA GLU C 35 35.49 -10.23 0.41
C GLU C 35 34.05 -10.23 0.92
N VAL C 36 33.12 -9.80 0.10
CA VAL C 36 31.73 -9.74 0.50
C VAL C 36 31.18 -11.14 0.69
N TYR C 37 31.61 -12.08 -0.13
CA TYR C 37 31.15 -13.46 0.00
C TYR C 37 31.63 -14.05 1.28
N GLU C 38 32.87 -13.80 1.63
CA GLU C 38 33.42 -14.32 2.87
C GLU C 38 32.68 -13.75 4.07
N ILE C 39 32.41 -12.46 4.05
CA ILE C 39 31.73 -11.82 5.15
C ILE C 39 30.33 -12.38 5.29
N LEU C 40 29.63 -12.58 4.18
CA LEU C 40 28.27 -13.06 4.21
C LEU C 40 28.23 -14.48 4.72
N MET C 41 29.17 -15.31 4.31
CA MET C 41 29.20 -16.67 4.76
C MET C 41 29.49 -16.74 6.25
N ARG C 42 30.39 -15.90 6.73
CA ARG C 42 30.73 -15.87 8.13
C ARG C 42 29.54 -15.41 8.94
N THR C 43 28.79 -14.43 8.46
CA THR C 43 27.61 -13.95 9.16
C THR C 43 26.53 -15.00 9.19
N ILE C 44 26.35 -15.73 8.11
CA ILE C 44 25.28 -16.72 8.02
C ILE C 44 25.61 -17.89 8.94
N ALA C 45 26.87 -18.24 9.03
CA ALA C 45 27.27 -19.39 9.83
C ALA C 45 27.00 -19.16 11.30
N GLU C 46 27.32 -17.97 11.81
CA GLU C 46 27.09 -17.62 13.20
C GLU C 46 26.43 -16.27 13.28
N PRO C 47 25.10 -16.23 13.09
CA PRO C 47 24.41 -14.94 13.16
C PRO C 47 24.56 -14.29 14.52
N ALA C 48 24.60 -15.10 15.56
CA ALA C 48 24.72 -14.67 16.95
C ALA C 48 23.77 -13.56 17.28
N GLY C 49 22.50 -13.86 17.19
CA GLY C 49 21.47 -12.95 17.63
C GLY C 49 21.24 -11.82 16.69
N ALA C 50 21.54 -12.03 15.42
CA ALA C 50 21.25 -11.10 14.36
C ALA C 50 20.22 -11.69 13.43
N SER C 51 19.17 -10.94 13.12
CA SER C 51 18.09 -11.41 12.28
C SER C 51 18.09 -10.82 10.88
N PHE C 52 18.91 -9.81 10.62
CA PHE C 52 18.96 -9.16 9.34
C PHE C 52 20.38 -9.01 8.85
N ILE C 53 20.57 -9.25 7.56
CA ILE C 53 21.78 -8.92 6.86
C ILE C 53 21.40 -8.03 5.69
N PHE C 54 21.67 -6.74 5.79
CA PHE C 54 21.37 -5.80 4.74
C PHE C 54 22.57 -5.73 3.81
N VAL C 55 22.43 -6.33 2.63
CA VAL C 55 23.48 -6.33 1.63
C VAL C 55 23.22 -5.21 0.65
N TYR C 56 23.77 -4.04 0.92
CA TYR C 56 23.66 -2.91 0.04
C TYR C 56 24.62 -3.04 -1.12
N GLY C 57 24.37 -2.25 -2.15
CA GLY C 57 25.17 -2.27 -3.35
C GLY C 57 24.49 -1.64 -4.53
N ALA C 58 25.24 -1.03 -5.42
CA ALA C 58 24.68 -0.39 -6.59
C ALA C 58 24.06 -1.40 -7.53
N SER C 59 23.40 -0.91 -8.57
CA SER C 59 22.86 -1.81 -9.57
C SER C 59 23.98 -2.17 -10.54
N GLY C 60 24.31 -3.45 -10.63
CA GLY C 60 25.38 -3.90 -11.53
C GLY C 60 26.54 -4.43 -10.73
N VAL C 61 26.37 -4.58 -9.41
CA VAL C 61 27.49 -5.00 -8.58
C VAL C 61 27.63 -6.50 -8.35
N GLY C 62 26.59 -7.29 -8.64
CA GLY C 62 26.73 -8.70 -8.35
C GLY C 62 25.95 -9.23 -7.18
N LYS C 63 24.94 -8.50 -6.73
CA LYS C 63 24.20 -8.91 -5.57
C LYS C 63 23.45 -10.21 -5.82
N THR C 64 22.81 -10.33 -6.96
CA THR C 64 22.08 -11.53 -7.29
C THR C 64 23.03 -12.68 -7.52
N THR C 65 24.16 -12.43 -8.14
CA THR C 65 25.14 -13.49 -8.37
C THR C 65 25.75 -13.95 -7.06
N LEU C 66 25.96 -13.02 -6.16
CA LEU C 66 26.45 -13.36 -4.83
C LEU C 66 25.45 -14.22 -4.10
N ARG C 67 24.19 -13.89 -4.19
CA ARG C 67 23.14 -14.66 -3.55
C ARG C 67 23.11 -16.06 -4.10
N LEU C 68 23.25 -16.20 -5.41
CA LEU C 68 23.20 -17.50 -6.04
C LEU C 68 24.40 -18.33 -5.61
N ARG C 69 25.56 -17.71 -5.50
CA ARG C 69 26.76 -18.44 -5.11
C ARG C 69 26.65 -18.92 -3.68
N VAL C 70 26.14 -18.06 -2.81
CA VAL C 70 25.96 -18.42 -1.41
C VAL C 70 24.95 -19.54 -1.28
N GLU C 71 23.88 -19.47 -2.05
CA GLU C 71 22.84 -20.49 -2.03
C GLU C 71 23.40 -21.82 -2.43
N GLN C 72 24.18 -21.86 -3.49
CA GLN C 72 24.74 -23.09 -3.99
C GLN C 72 25.71 -23.68 -2.98
N LYS C 73 26.53 -22.85 -2.37
CA LYS C 73 27.52 -23.33 -1.43
C LYS C 73 26.86 -23.83 -0.16
N LEU C 74 25.82 -23.17 0.27
CA LEU C 74 25.06 -23.63 1.44
C LEU C 74 24.39 -24.97 1.18
N THR C 75 23.81 -25.12 0.00
CA THR C 75 23.19 -26.38 -0.38
C THR C 75 24.21 -27.51 -0.39
N GLU C 76 25.38 -27.24 -0.95
CA GLU C 76 26.42 -28.24 -1.00
C GLU C 76 26.89 -28.61 0.40
N LEU C 77 27.03 -27.63 1.26
CA LEU C 77 27.49 -27.88 2.62
C LEU C 77 26.47 -28.70 3.39
N ALA C 78 25.20 -28.44 3.17
CA ALA C 78 24.14 -29.11 3.91
C ALA C 78 23.79 -30.49 3.34
N LEU C 79 24.26 -30.78 2.14
CA LEU C 79 23.98 -32.04 1.48
C LEU C 79 24.39 -33.27 2.31
N PRO C 80 25.64 -33.31 2.85
CA PRO C 80 26.01 -34.51 3.60
C PRO C 80 25.12 -34.79 4.80
N LYS C 81 24.70 -33.73 5.49
CA LYS C 81 23.74 -33.88 6.59
C LYS C 81 22.32 -34.09 6.10
N LEU C 82 22.00 -33.58 4.91
CA LEU C 82 20.68 -33.77 4.33
C LEU C 82 20.48 -35.23 3.93
N GLU C 83 21.57 -35.96 3.72
CA GLU C 83 21.45 -37.37 3.44
C GLU C 83 20.81 -38.12 4.61
N SER C 84 21.18 -37.74 5.83
CA SER C 84 20.68 -38.43 7.01
C SER C 84 19.38 -37.81 7.50
N ASP C 85 19.37 -36.50 7.70
CA ASP C 85 18.21 -35.79 8.19
C ASP C 85 17.41 -35.22 7.03
N ARG C 86 16.10 -35.42 7.07
CA ARG C 86 15.21 -34.93 6.02
C ARG C 86 14.33 -33.82 6.54
N ALA C 87 13.39 -33.37 5.71
CA ALA C 87 12.50 -32.26 6.05
C ALA C 87 13.28 -30.99 6.36
N ARG C 88 14.45 -30.85 5.77
CA ARG C 88 15.32 -29.69 5.99
C ARG C 88 15.69 -29.08 4.66
N VAL C 89 15.39 -27.80 4.50
CA VAL C 89 15.81 -27.03 3.35
C VAL C 89 17.02 -26.21 3.73
N PRO C 90 18.10 -26.27 2.95
CA PRO C 90 19.30 -25.55 3.37
C PRO C 90 19.10 -24.04 3.31
N VAL C 91 18.45 -23.54 2.29
CA VAL C 91 18.27 -22.11 2.08
C VAL C 91 17.09 -21.85 1.17
N VAL C 92 16.27 -20.87 1.49
CA VAL C 92 15.09 -20.50 0.73
C VAL C 92 15.20 -19.06 0.30
N GLY C 93 14.97 -18.80 -0.97
CA GLY C 93 15.08 -17.47 -1.51
C GLY C 93 13.87 -17.02 -2.29
N ILE C 94 13.41 -15.82 -1.99
CA ILE C 94 12.30 -15.20 -2.69
C ILE C 94 12.66 -13.78 -3.08
N GLU C 95 12.05 -13.29 -4.15
CA GLU C 95 12.23 -11.92 -4.61
C GLU C 95 11.01 -11.10 -4.29
N ALA C 96 11.21 -9.94 -3.69
CA ALA C 96 10.15 -9.05 -3.32
C ALA C 96 9.47 -8.49 -4.54
N ILE C 97 8.17 -8.18 -4.42
CA ILE C 97 7.35 -7.74 -5.53
C ILE C 97 6.97 -6.29 -5.31
N ALA C 98 7.21 -5.44 -6.30
CA ALA C 98 6.73 -4.07 -6.25
C ALA C 98 5.24 -4.08 -6.37
N PRO C 99 4.53 -3.43 -5.45
CA PRO C 99 3.08 -3.54 -5.46
C PRO C 99 2.44 -2.67 -6.54
N GLU C 100 1.28 -3.11 -7.03
CA GLU C 100 0.59 -2.34 -8.05
C GLU C 100 0.13 -1.04 -7.42
N SER C 101 0.42 -0.88 -6.13
CA SER C 101 0.02 0.33 -5.42
C SER C 101 1.22 0.97 -4.77
N ARG C 102 0.97 1.92 -3.86
CA ARG C 102 2.06 2.57 -3.16
C ARG C 102 2.32 1.87 -1.84
N TYR C 103 1.65 0.76 -1.59
CA TYR C 103 1.86 0.01 -0.37
C TYR C 103 2.20 -1.44 -0.66
N PHE C 104 3.27 -1.94 -0.03
CA PHE C 104 3.67 -3.32 -0.24
C PHE C 104 2.70 -4.29 0.41
N ASN C 105 1.86 -4.94 -0.39
CA ASN C 105 0.95 -5.94 0.16
C ASN C 105 1.73 -7.08 0.80
N TRP C 106 1.29 -7.52 1.97
CA TRP C 106 1.94 -8.59 2.71
C TRP C 106 1.34 -9.96 2.47
N LYS C 107 0.07 -10.02 2.09
CA LYS C 107 -0.57 -11.29 1.84
C LYS C 107 0.12 -12.04 0.70
N GLU C 108 0.44 -11.31 -0.35
CA GLU C 108 1.13 -11.91 -1.47
C GLU C 108 2.52 -12.36 -1.08
N TYR C 109 3.18 -11.60 -0.24
CA TYR C 109 4.52 -11.97 0.20
C TYR C 109 4.46 -13.26 0.98
N TYR C 110 3.49 -13.38 1.87
CA TYR C 110 3.37 -14.56 2.69
C TYR C 110 3.05 -15.76 1.82
N THR C 111 2.15 -15.59 0.85
CA THR C 111 1.72 -16.75 0.08
C THR C 111 2.83 -17.18 -0.85
N ARG C 112 3.58 -16.23 -1.37
CA ARG C 112 4.69 -16.54 -2.26
C ARG C 112 5.82 -17.17 -1.49
N ALA C 113 6.04 -16.74 -0.26
CA ALA C 113 7.04 -17.37 0.59
C ALA C 113 6.65 -18.80 0.91
N LEU C 114 5.38 -19.03 1.15
CA LEU C 114 4.89 -20.38 1.42
C LEU C 114 5.08 -21.24 0.18
N ILE C 115 4.81 -20.69 -0.99
CA ILE C 115 4.98 -21.44 -2.23
C ILE C 115 6.45 -21.79 -2.44
N THR C 116 7.34 -20.82 -2.31
CA THR C 116 8.75 -21.03 -2.60
C THR C 116 9.40 -21.96 -1.60
N LEU C 117 9.07 -21.79 -0.33
CA LEU C 117 9.63 -22.62 0.72
C LEU C 117 9.14 -24.05 0.55
N GLU C 118 7.87 -24.23 0.22
CA GLU C 118 7.27 -25.56 0.19
C GLU C 118 7.16 -26.07 -1.23
N GLU C 119 8.28 -26.51 -1.77
CA GLU C 119 8.33 -27.36 -2.97
C GLU C 119 9.33 -28.49 -2.79
N PRO C 120 9.20 -29.26 -1.70
CA PRO C 120 10.11 -30.37 -1.50
C PRO C 120 9.53 -31.64 -2.10
N LEU C 121 10.19 -32.78 -1.86
CA LEU C 121 9.58 -34.04 -2.20
C LEU C 121 8.28 -34.20 -1.45
N ILE C 122 7.29 -34.77 -2.12
CA ILE C 122 5.94 -34.83 -1.61
C ILE C 122 5.91 -35.63 -0.29
N ASP C 123 6.93 -36.45 -0.06
CA ASP C 123 6.95 -37.28 1.14
C ASP C 123 6.91 -36.43 2.42
N HIS C 124 7.39 -35.19 2.32
CA HIS C 124 7.35 -34.29 3.47
C HIS C 124 5.92 -33.81 3.66
N LYS C 125 5.29 -34.29 4.73
CA LYS C 125 3.96 -33.82 5.13
C LYS C 125 4.05 -33.17 6.49
N PHE C 126 3.52 -31.96 6.59
CA PHE C 126 3.67 -31.19 7.82
C PHE C 126 2.34 -30.58 8.24
N ASP C 127 1.29 -30.82 7.47
CA ASP C 127 -0.08 -30.40 7.79
C ASP C 127 -0.13 -28.99 8.33
N TYR C 128 0.19 -28.05 7.44
CA TYR C 128 0.27 -26.64 7.77
C TYR C 128 -0.94 -26.23 8.60
N GLY C 129 -0.73 -25.36 9.56
CA GLY C 129 -1.82 -24.75 10.28
C GLY C 129 -2.77 -23.98 9.38
N VAL C 130 -3.96 -23.74 9.89
CA VAL C 130 -5.06 -23.15 9.15
C VAL C 130 -5.51 -24.04 8.00
N ARG C 131 -6.81 -24.16 7.85
CA ARG C 131 -7.38 -25.16 6.96
C ARG C 131 -7.41 -24.72 5.52
N GLY C 132 -7.18 -23.43 5.26
CA GLY C 132 -7.25 -22.93 3.92
C GLY C 132 -6.01 -23.17 3.06
N ILE C 133 -5.00 -23.80 3.64
CA ILE C 133 -3.76 -24.08 2.94
C ILE C 133 -3.51 -25.57 2.98
N SER C 134 -3.34 -26.15 1.79
CA SER C 134 -3.17 -27.58 1.68
C SER C 134 -2.49 -27.93 0.39
N ARG C 135 -2.14 -29.19 0.25
CA ARG C 135 -1.52 -29.72 -0.96
C ARG C 135 -2.60 -30.10 -1.96
N ASP C 136 -2.20 -30.38 -3.19
CA ASP C 136 -3.14 -30.76 -4.24
C ASP C 136 -2.62 -31.99 -4.97
N ASN C 137 -3.22 -32.29 -6.12
CA ASN C 137 -2.85 -33.45 -6.91
C ASN C 137 -1.52 -33.26 -7.63
N PHE C 138 -1.06 -32.02 -7.79
CA PHE C 138 0.18 -31.75 -8.50
C PHE C 138 1.31 -31.29 -7.58
N GLY C 139 1.13 -31.43 -6.27
CA GLY C 139 2.17 -31.06 -5.33
C GLY C 139 2.34 -29.58 -5.13
N LYS C 140 1.42 -28.77 -5.66
CA LYS C 140 1.50 -27.32 -5.52
C LYS C 140 0.70 -26.85 -4.32
N ILE C 141 1.24 -25.90 -3.59
CA ILE C 141 0.59 -25.37 -2.42
C ILE C 141 -0.62 -24.57 -2.87
N ASN C 142 -1.76 -24.90 -2.27
CA ASN C 142 -3.02 -24.23 -2.53
C ASN C 142 -3.31 -23.25 -1.41
N VAL C 143 -3.39 -21.99 -1.77
CA VAL C 143 -3.73 -20.93 -0.85
C VAL C 143 -4.93 -20.22 -1.41
N GLU C 144 -6.03 -20.26 -0.67
CA GLU C 144 -7.26 -19.61 -1.09
C GLU C 144 -7.33 -18.18 -0.61
N SER C 145 -8.19 -17.39 -1.22
CA SER C 145 -8.45 -16.05 -0.74
C SER C 145 -9.26 -16.06 0.56
N LYS C 146 -9.68 -17.24 0.95
CA LYS C 146 -10.34 -17.48 2.21
C LYS C 146 -9.47 -17.02 3.37
N VAL C 147 -8.18 -17.37 3.36
CA VAL C 147 -7.34 -17.17 4.52
C VAL C 147 -7.00 -15.69 4.64
N VAL C 148 -6.94 -15.19 5.87
CA VAL C 148 -6.52 -13.84 6.13
C VAL C 148 -5.02 -13.84 6.38
N ALA C 149 -4.41 -12.67 6.29
CA ALA C 149 -2.98 -12.52 6.38
C ALA C 149 -2.37 -13.11 7.65
N PRO C 150 -2.95 -12.88 8.85
CA PRO C 150 -2.37 -13.53 10.01
C PRO C 150 -2.35 -15.04 9.93
N ALA C 151 -3.35 -15.65 9.31
CA ALA C 151 -3.38 -17.09 9.19
C ALA C 151 -2.24 -17.56 8.31
N LEU C 152 -1.98 -16.84 7.22
CA LEU C 152 -0.88 -17.19 6.34
C LEU C 152 0.43 -17.01 7.07
N ARG C 153 0.52 -15.98 7.89
CA ARG C 153 1.73 -15.75 8.66
C ARG C 153 1.98 -16.87 9.64
N ARG C 154 0.93 -17.35 10.29
CA ARG C 154 1.07 -18.46 11.22
C ARG C 154 1.52 -19.70 10.49
N ALA C 155 0.94 -19.95 9.33
CA ALA C 155 1.31 -21.14 8.59
C ALA C 155 2.75 -21.06 8.14
N LEU C 156 3.18 -19.88 7.72
CA LEU C 156 4.55 -19.69 7.25
C LEU C 156 5.50 -19.84 8.41
N GLU C 157 5.14 -19.35 9.57
CA GLU C 157 5.99 -19.46 10.74
C GLU C 157 6.16 -20.90 11.14
N ASN C 158 5.08 -21.66 11.17
CA ASN C 158 5.18 -23.06 11.52
C ASN C 158 6.01 -23.81 10.49
N ALA C 159 5.82 -23.49 9.22
CA ALA C 159 6.57 -24.15 8.16
C ALA C 159 8.03 -23.84 8.28
N LEU C 160 8.38 -22.59 8.55
CA LEU C 160 9.77 -22.20 8.67
C LEU C 160 10.40 -22.87 9.88
N ILE C 161 9.67 -22.99 10.97
CA ILE C 161 10.19 -23.62 12.18
C ILE C 161 10.43 -25.09 11.90
N HIS C 162 9.53 -25.73 11.20
CA HIS C 162 9.67 -27.16 10.90
C HIS C 162 10.81 -27.40 9.93
N ARG C 163 10.86 -26.61 8.87
CA ARG C 163 11.90 -26.81 7.85
C ARG C 163 13.26 -26.31 8.34
N HIS C 164 13.27 -25.15 8.98
CA HIS C 164 14.47 -24.54 9.57
C HIS C 164 15.56 -24.30 8.55
N PRO C 165 15.34 -23.39 7.59
CA PRO C 165 16.41 -23.04 6.68
C PRO C 165 17.49 -22.22 7.34
N ASP C 166 18.70 -22.26 6.80
CA ASP C 166 19.80 -21.51 7.36
C ASP C 166 19.59 -20.02 7.22
N VAL C 167 19.15 -19.59 6.05
CA VAL C 167 18.94 -18.18 5.73
C VAL C 167 17.81 -18.06 4.73
N PHE C 168 17.06 -16.98 4.84
CA PHE C 168 15.88 -16.73 4.02
C PHE C 168 16.16 -15.50 3.19
N PHE C 169 16.63 -15.69 1.98
CA PHE C 169 17.05 -14.64 1.10
C PHE C 169 15.84 -13.89 0.60
N VAL C 170 15.90 -12.57 0.63
CA VAL C 170 14.88 -11.71 0.05
C VAL C 170 15.56 -10.75 -0.91
N ASP C 171 15.44 -10.99 -2.19
CA ASP C 171 16.04 -10.16 -3.21
C ASP C 171 15.13 -9.02 -3.59
N GLU C 172 15.71 -7.98 -4.15
CA GLU C 172 15.02 -6.74 -4.45
C GLU C 172 14.27 -6.23 -3.25
N ALA C 173 14.95 -6.12 -2.14
CA ALA C 173 14.35 -5.71 -0.89
C ALA C 173 13.92 -4.28 -0.85
N GLN C 174 14.27 -3.49 -1.86
CA GLN C 174 13.89 -2.08 -1.88
C GLN C 174 12.40 -1.93 -1.99
N HIS C 175 11.72 -2.96 -2.49
CA HIS C 175 10.30 -2.90 -2.71
C HIS C 175 9.53 -2.91 -1.40
N PHE C 176 10.22 -3.16 -0.28
CA PHE C 176 9.59 -3.10 1.01
C PHE C 176 9.26 -1.68 1.40
N GLY C 177 9.82 -0.72 0.69
CA GLY C 177 9.70 0.69 1.06
C GLY C 177 8.53 1.40 0.48
N LYS C 178 7.72 0.66 -0.28
CA LYS C 178 6.48 1.14 -0.80
C LYS C 178 5.45 1.15 0.30
N VAL C 179 5.39 2.28 0.99
CA VAL C 179 4.45 2.52 2.05
C VAL C 179 3.79 3.89 1.83
N ALA C 180 2.69 4.11 2.53
CA ALA C 180 1.95 5.36 2.45
C ALA C 180 2.28 6.34 3.57
N SER C 181 2.86 5.83 4.67
CA SER C 181 3.18 6.64 5.84
C SER C 181 4.64 6.45 6.19
N GLY C 182 5.24 7.51 6.72
CA GLY C 182 6.64 7.47 7.08
C GLY C 182 6.95 6.48 8.18
N TYR C 183 6.12 6.44 9.22
CA TYR C 183 6.37 5.52 10.32
C TYR C 183 6.13 4.10 9.85
N LYS C 184 5.28 3.95 8.85
CA LYS C 184 5.03 2.63 8.31
C LYS C 184 6.30 2.00 7.73
N LEU C 185 7.28 2.84 7.38
CA LEU C 185 8.55 2.32 6.87
C LEU C 185 9.27 1.55 7.93
N GLN C 186 9.26 2.06 9.14
CA GLN C 186 9.82 1.33 10.27
C GLN C 186 8.96 0.16 10.65
N ASP C 187 7.65 0.31 10.52
CA ASP C 187 6.72 -0.75 10.88
C ASP C 187 6.91 -1.98 10.01
N GLN C 188 7.24 -1.78 8.73
CA GLN C 188 7.46 -2.92 7.86
C GLN C 188 8.64 -3.75 8.35
N LEU C 189 9.70 -3.07 8.70
CA LEU C 189 10.88 -3.77 9.18
C LEU C 189 10.61 -4.39 10.54
N ASP C 190 9.74 -3.80 11.34
CA ASP C 190 9.37 -4.39 12.61
C ASP C 190 8.63 -5.68 12.40
N CYS C 191 7.75 -5.73 11.41
CA CYS C 191 7.05 -6.96 11.07
C CYS C 191 8.02 -8.04 10.64
N LEU C 192 8.99 -7.68 9.81
CA LEU C 192 9.98 -8.63 9.37
C LEU C 192 10.81 -9.12 10.55
N LYS C 193 11.15 -8.21 11.47
CA LYS C 193 11.94 -8.58 12.63
C LYS C 193 11.19 -9.55 13.49
N SER C 194 9.89 -9.36 13.62
CA SER C 194 9.09 -10.25 14.45
C SER C 194 9.03 -11.61 13.81
N LEU C 195 8.87 -11.65 12.49
CA LEU C 195 8.82 -12.89 11.77
C LEU C 195 10.11 -13.65 11.94
N ALA C 196 11.23 -12.96 11.91
CA ALA C 196 12.52 -13.62 12.06
C ALA C 196 12.76 -14.07 13.47
N ASN C 197 12.26 -13.30 14.43
CA ASN C 197 12.50 -13.58 15.82
C ASN C 197 11.72 -14.82 16.24
N MET C 198 10.47 -14.90 15.84
CA MET C 198 9.61 -15.98 16.28
C MET C 198 9.83 -17.27 15.53
N THR C 199 10.66 -17.25 14.50
CA THR C 199 11.05 -18.49 13.84
C THR C 199 12.54 -18.77 13.94
N GLY C 200 13.33 -17.77 14.29
CA GLY C 200 14.77 -17.95 14.39
C GLY C 200 15.44 -18.25 13.08
N ILE C 201 14.97 -17.62 12.01
CA ILE C 201 15.52 -17.80 10.68
C ILE C 201 16.14 -16.50 10.25
N LEU C 202 17.42 -16.53 9.90
CA LEU C 202 18.15 -15.35 9.49
C LEU C 202 17.63 -14.83 8.18
N HIS C 203 17.36 -13.54 8.13
CA HIS C 203 16.84 -12.88 6.93
C HIS C 203 17.91 -12.02 6.32
N CYS C 204 18.20 -12.22 5.04
CA CYS C 204 19.18 -11.44 4.31
C CYS C 204 18.49 -10.59 3.28
N LEU C 205 18.64 -9.29 3.35
CA LEU C 205 18.04 -8.35 2.43
C LEU C 205 19.09 -7.85 1.47
N LEU C 206 18.87 -8.08 0.18
CA LEU C 206 19.75 -7.63 -0.87
C LEU C 206 19.01 -6.58 -1.67
N GLY C 207 19.61 -5.42 -1.85
CA GLY C 207 18.98 -4.33 -2.53
C GLY C 207 19.92 -3.23 -2.92
N THR C 208 19.40 -2.27 -3.67
CA THR C 208 20.18 -1.15 -4.15
C THR C 208 20.38 -0.16 -3.03
N TYR C 209 21.00 0.98 -3.34
CA TYR C 209 21.34 1.93 -2.30
C TYR C 209 20.10 2.64 -1.78
N GLU C 210 18.95 2.41 -2.37
CA GLU C 210 17.72 2.97 -1.82
C GLU C 210 17.24 2.16 -0.64
N LEU C 211 17.87 1.04 -0.39
CA LEU C 211 17.65 0.29 0.85
C LEU C 211 18.22 1.01 2.05
N LEU C 212 19.01 2.05 1.84
CA LEU C 212 19.59 2.79 2.94
C LEU C 212 18.52 3.48 3.76
N THR C 213 17.30 3.55 3.25
CA THR C 213 16.19 4.08 4.05
C THR C 213 15.85 3.17 5.22
N PHE C 214 16.32 1.93 5.16
CA PHE C 214 16.11 0.95 6.22
C PHE C 214 17.33 0.81 7.13
N ARG C 215 18.29 1.73 7.05
CA ARG C 215 19.62 1.42 7.58
C ARG C 215 19.60 1.41 9.10
N ASN C 216 19.30 2.56 9.68
CA ASN C 216 19.23 2.71 11.10
C ASN C 216 17.88 3.30 11.44
N LEU C 217 17.06 2.51 12.11
CA LEU C 217 15.75 2.92 12.56
C LEU C 217 15.37 2.02 13.71
N SER C 218 15.10 2.60 14.87
CA SER C 218 14.97 1.89 16.14
C SER C 218 16.24 1.19 16.54
N GLY C 219 16.61 1.29 17.81
CA GLY C 219 17.80 0.64 18.29
C GLY C 219 17.76 -0.83 18.21
N GLN C 220 16.61 -1.42 18.43
CA GLN C 220 16.49 -2.87 18.35
C GLN C 220 16.84 -3.35 16.98
N LEU C 221 16.34 -2.70 15.94
CA LEU C 221 16.63 -3.12 14.59
C LEU C 221 18.10 -2.89 14.26
N SER C 222 18.70 -1.83 14.80
CA SER C 222 20.11 -1.56 14.56
C SER C 222 20.99 -2.61 15.19
N ARG C 223 20.59 -3.14 16.33
CA ARG C 223 21.40 -4.12 17.03
C ARG C 223 21.44 -5.42 16.27
N ARG C 224 20.31 -5.82 15.72
CA ARG C 224 20.17 -7.12 15.06
C ARG C 224 20.25 -7.03 13.57
N SER C 225 20.98 -6.04 13.06
CA SER C 225 21.25 -5.94 11.63
C SER C 225 22.74 -5.88 11.39
N VAL C 226 23.17 -6.62 10.38
CA VAL C 226 24.54 -6.60 9.90
C VAL C 226 24.56 -5.95 8.53
N ASP C 227 25.38 -4.93 8.39
CA ASP C 227 25.51 -4.17 7.17
C ASP C 227 26.70 -4.68 6.38
N ILE C 228 26.44 -5.19 5.18
CA ILE C 228 27.48 -5.55 4.23
C ILE C 228 27.39 -4.65 3.01
N HIS C 229 28.48 -3.97 2.68
CA HIS C 229 28.54 -3.03 1.58
C HIS C 229 29.28 -3.66 0.43
N PHE C 230 28.58 -3.88 -0.67
CA PHE C 230 29.16 -4.38 -1.90
C PHE C 230 29.66 -3.20 -2.71
N ARG C 231 30.78 -2.64 -2.30
CA ARG C 231 31.27 -1.41 -2.91
C ARG C 231 31.77 -1.67 -4.32
N ARG C 232 31.66 -0.64 -5.16
CA ARG C 232 32.19 -0.64 -6.51
C ARG C 232 33.65 -0.31 -6.52
N TYR C 233 34.26 -0.39 -7.70
CA TYR C 233 35.67 -0.05 -7.86
C TYR C 233 35.80 1.40 -8.19
N CYS C 234 36.33 2.18 -7.26
CA CYS C 234 36.49 3.60 -7.47
C CYS C 234 37.68 3.88 -8.36
N ALA C 235 37.71 5.07 -8.94
CA ALA C 235 38.82 5.46 -9.80
C ALA C 235 39.88 6.23 -9.05
N ASP C 236 39.53 6.81 -7.92
CA ASP C 236 40.44 7.59 -7.13
C ASP C 236 41.58 6.75 -6.59
N SER C 237 41.28 5.59 -6.07
CA SER C 237 42.29 4.73 -5.48
C SER C 237 42.97 3.91 -6.56
N PRO C 238 44.30 3.99 -6.65
CA PRO C 238 44.98 3.22 -7.69
C PRO C 238 44.77 1.72 -7.60
N GLU C 239 44.56 1.19 -6.40
CA GLU C 239 44.39 -0.25 -6.25
C GLU C 239 43.11 -0.72 -6.93
N ASP C 240 42.03 0.03 -6.78
CA ASP C 240 40.79 -0.32 -7.44
C ASP C 240 40.93 -0.23 -8.94
N VAL C 241 41.68 0.74 -9.43
CA VAL C 241 41.93 0.86 -10.85
C VAL C 241 42.66 -0.37 -11.35
N GLN C 242 43.63 -0.83 -10.59
CA GLN C 242 44.39 -2.01 -10.98
C GLN C 242 43.49 -3.24 -10.99
N ALA C 243 42.61 -3.35 -10.01
CA ALA C 243 41.68 -4.46 -9.97
C ALA C 243 40.72 -4.43 -11.13
N PHE C 244 40.21 -3.26 -11.49
CA PHE C 244 39.31 -3.14 -12.62
C PHE C 244 40.03 -3.53 -13.90
N LYS C 245 41.28 -3.13 -14.04
CA LYS C 245 42.05 -3.49 -15.21
C LYS C 245 42.29 -4.98 -15.27
N SER C 246 42.51 -5.61 -14.13
CA SER C 246 42.68 -7.05 -14.11
C SER C 246 41.42 -7.76 -14.51
N VAL C 247 40.28 -7.25 -14.06
CA VAL C 247 39.00 -7.82 -14.45
C VAL C 247 38.80 -7.68 -15.95
N LEU C 248 39.14 -6.54 -16.51
CA LEU C 248 39.02 -6.33 -17.94
C LEU C 248 39.93 -7.28 -18.67
N LEU C 249 41.14 -7.48 -18.17
CA LEU C 249 42.11 -8.33 -18.84
C LEU C 249 41.61 -9.77 -18.86
N THR C 250 41.06 -10.24 -17.77
CA THR C 250 40.59 -11.62 -17.74
C THR C 250 39.33 -11.77 -18.54
N PHE C 251 38.50 -10.74 -18.61
CA PHE C 251 37.33 -10.77 -19.48
C PHE C 251 37.76 -10.87 -20.92
N GLN C 252 38.74 -10.09 -21.33
CA GLN C 252 39.16 -10.14 -22.73
C GLN C 252 39.84 -11.43 -23.04
N GLN C 253 40.46 -12.04 -22.05
CA GLN C 253 41.06 -13.35 -22.23
C GLN C 253 39.98 -14.39 -22.40
N HIS C 254 38.84 -14.18 -21.77
CA HIS C 254 37.76 -15.15 -21.74
C HIS C 254 36.68 -14.84 -22.77
N LEU C 255 36.89 -13.87 -23.66
CA LEU C 255 35.94 -13.60 -24.73
C LEU C 255 36.16 -14.58 -25.85
N PRO C 256 35.16 -15.43 -26.15
CA PRO C 256 35.35 -16.41 -27.21
C PRO C 256 35.31 -15.79 -28.61
N LEU C 257 36.42 -15.20 -29.02
CA LEU C 257 36.56 -14.69 -30.38
C LEU C 257 37.82 -15.25 -31.02
N ALA C 258 37.89 -15.21 -32.33
CA ALA C 258 39.05 -15.69 -33.04
C ALA C 258 40.27 -14.87 -32.70
N GLU C 259 40.09 -13.56 -32.59
CA GLU C 259 41.12 -12.65 -32.16
C GLU C 259 40.71 -12.00 -30.87
N THR C 260 41.59 -12.03 -29.89
CA THR C 260 41.32 -11.41 -28.60
C THR C 260 41.58 -9.92 -28.71
N PRO C 261 40.57 -9.11 -28.43
CA PRO C 261 40.74 -7.68 -28.57
C PRO C 261 41.56 -7.09 -27.45
N ASN C 262 41.89 -5.81 -27.57
CA ASN C 262 42.61 -5.08 -26.52
C ASN C 262 41.60 -4.25 -25.78
N LEU C 263 41.37 -4.59 -24.51
CA LEU C 263 40.37 -3.92 -23.72
C LEU C 263 40.96 -3.07 -22.62
N VAL C 264 42.16 -3.38 -22.15
CA VAL C 264 42.79 -2.60 -21.11
C VAL C 264 43.11 -1.20 -21.63
N ASP C 265 43.28 -1.06 -22.93
CA ASP C 265 43.62 0.23 -23.50
C ASP C 265 42.51 1.24 -23.25
N HIS C 266 41.28 0.87 -23.55
CA HIS C 266 40.14 1.71 -23.31
C HIS C 266 39.49 1.41 -21.97
N TRP C 267 40.30 1.41 -20.92
CA TRP C 267 39.77 1.14 -19.59
C TRP C 267 39.00 2.33 -19.07
N GLU C 268 39.40 3.52 -19.49
CA GLU C 268 38.71 4.72 -19.09
C GLU C 268 37.29 4.72 -19.62
N TYR C 269 37.10 4.27 -20.86
CA TYR C 269 35.77 4.27 -21.44
C TYR C 269 34.90 3.27 -20.72
N PHE C 270 35.46 2.12 -20.39
CA PHE C 270 34.73 1.09 -19.69
C PHE C 270 34.30 1.59 -18.33
N TYR C 271 35.18 2.30 -17.64
CA TYR C 271 34.86 2.84 -16.33
C TYR C 271 33.78 3.87 -16.45
N GLU C 272 33.86 4.68 -17.48
CA GLU C 272 32.89 5.75 -17.66
C GLU C 272 31.51 5.18 -17.88
N ARG C 273 31.42 4.10 -18.63
CA ARG C 273 30.12 3.55 -19.00
C ARG C 273 29.69 2.40 -18.10
N THR C 274 30.47 2.07 -17.08
CA THR C 274 30.11 1.03 -16.15
C THR C 274 30.20 1.45 -14.69
N LEU C 275 30.89 2.52 -14.40
CA LEU C 275 31.09 3.04 -13.06
C LEU C 275 31.76 2.04 -12.14
N GLY C 276 32.44 1.07 -12.71
CA GLY C 276 33.16 0.09 -11.94
C GLY C 276 32.39 -1.14 -11.55
N CYS C 277 31.10 -1.16 -11.79
CA CYS C 277 30.30 -2.33 -11.53
C CYS C 277 30.66 -3.45 -12.48
N ILE C 278 30.98 -4.61 -11.93
CA ILE C 278 31.42 -5.75 -12.72
C ILE C 278 30.26 -6.29 -13.54
N GLY C 279 29.06 -6.18 -13.02
CA GLY C 279 27.89 -6.69 -13.73
C GLY C 279 27.59 -5.89 -14.97
N THR C 280 27.68 -4.58 -14.87
CA THR C 280 27.49 -3.72 -16.01
C THR C 280 28.53 -4.02 -17.08
N LEU C 281 29.79 -4.20 -16.69
CA LEU C 281 30.82 -4.54 -17.64
C LEU C 281 30.51 -5.87 -18.29
N LYS C 282 30.03 -6.82 -17.50
CA LYS C 282 29.80 -8.16 -18.00
C LYS C 282 28.70 -8.16 -19.01
N ASP C 283 27.61 -7.48 -18.74
CA ASP C 283 26.49 -7.51 -19.68
C ASP C 283 26.76 -6.64 -20.89
N TRP C 284 27.53 -5.57 -20.74
CA TRP C 284 27.94 -4.79 -21.88
C TRP C 284 28.79 -5.61 -22.81
N LEU C 285 29.73 -6.37 -22.26
CA LEU C 285 30.55 -7.22 -23.08
C LEU C 285 29.72 -8.33 -23.69
N LYS C 286 28.69 -8.77 -22.99
CA LYS C 286 27.79 -9.78 -23.52
C LYS C 286 27.07 -9.26 -24.74
N ARG C 287 26.61 -8.02 -24.69
CA ARG C 287 25.94 -7.41 -25.82
C ARG C 287 26.88 -7.27 -27.00
N VAL C 288 28.07 -6.76 -26.74
CA VAL C 288 29.05 -6.57 -27.79
C VAL C 288 29.40 -7.91 -28.43
N LEU C 289 29.54 -8.93 -27.62
CA LEU C 289 29.92 -10.24 -28.12
C LEU C 289 28.81 -10.86 -28.92
N SER C 290 27.58 -10.64 -28.50
CA SER C 290 26.43 -11.14 -29.25
C SER C 290 26.36 -10.50 -30.62
N ASP C 291 26.59 -9.20 -30.68
CA ASP C 291 26.62 -8.51 -31.94
C ASP C 291 27.71 -9.05 -32.83
N ALA C 292 28.89 -9.27 -32.27
CA ALA C 292 30.01 -9.75 -33.05
C ALA C 292 29.72 -11.15 -33.57
N LEU C 293 29.15 -12.01 -32.75
CA LEU C 293 28.83 -13.36 -33.20
C LEU C 293 27.76 -13.35 -34.27
N ASP C 294 26.81 -12.42 -34.19
CA ASP C 294 25.80 -12.29 -35.22
C ASP C 294 26.43 -11.85 -36.53
N ARG C 295 27.38 -10.95 -36.47
CA ARG C 295 28.08 -10.49 -37.66
C ARG C 295 29.22 -11.40 -38.07
N GLU C 296 29.51 -12.42 -37.27
CA GLU C 296 30.61 -13.35 -37.51
C GLU C 296 31.94 -12.62 -37.66
N ALA C 297 32.10 -11.56 -36.88
CA ALA C 297 33.31 -10.76 -36.89
C ALA C 297 34.34 -11.30 -35.95
N THR C 298 35.55 -11.50 -36.44
CA THR C 298 36.60 -12.10 -35.63
C THR C 298 36.88 -11.33 -34.35
N THR C 299 36.59 -10.05 -34.31
CA THR C 299 36.94 -9.26 -33.14
C THR C 299 36.01 -8.09 -32.87
N ILE C 300 36.36 -7.32 -31.85
CA ILE C 300 35.55 -6.24 -31.37
C ILE C 300 36.23 -4.91 -31.63
N THR C 301 35.45 -3.88 -31.89
CA THR C 301 35.95 -2.54 -32.09
C THR C 301 35.30 -1.58 -31.15
N LEU C 302 35.93 -0.43 -30.93
CA LEU C 302 35.37 0.54 -30.03
C LEU C 302 34.00 0.91 -30.49
N LYS C 303 33.83 1.06 -31.80
CA LYS C 303 32.54 1.38 -32.35
C LYS C 303 31.52 0.43 -31.78
N ASP C 304 31.78 -0.87 -31.91
CA ASP C 304 30.85 -1.85 -31.41
C ASP C 304 30.53 -1.63 -29.94
N LEU C 305 31.53 -1.25 -29.16
CA LEU C 305 31.30 -0.88 -27.76
C LEU C 305 30.38 0.31 -27.68
N GLN C 306 30.55 1.27 -28.56
CA GLN C 306 29.76 2.48 -28.55
C GLN C 306 28.32 2.18 -28.93
N LYS C 307 28.10 1.10 -29.65
CA LYS C 307 26.76 0.79 -30.13
C LYS C 307 25.88 0.36 -28.97
N ARG C 308 26.38 -0.54 -28.14
CA ARG C 308 25.60 -1.10 -27.04
C ARG C 308 26.06 -0.59 -25.68
N ALA C 309 26.64 0.59 -25.64
CA ALA C 309 27.02 1.22 -24.39
C ALA C 309 25.80 1.75 -23.70
N LEU C 310 26.01 2.35 -22.56
CA LEU C 310 24.97 3.00 -21.81
C LEU C 310 25.08 4.50 -22.04
N SER C 311 23.93 5.13 -22.17
CA SER C 311 23.84 6.54 -22.45
C SER C 311 24.44 7.36 -21.33
N VAL C 312 24.99 8.53 -21.65
CA VAL C 312 25.58 9.39 -20.64
C VAL C 312 24.54 9.78 -19.60
N ALA C 313 23.32 9.99 -20.03
CA ALA C 313 22.22 10.30 -19.12
C ALA C 313 21.94 9.15 -18.20
N GLN C 314 22.03 7.93 -18.71
CA GLN C 314 21.79 6.76 -17.90
C GLN C 314 22.84 6.66 -16.83
N CYS C 315 24.10 6.80 -17.22
CA CYS C 315 25.20 6.65 -16.29
C CYS C 315 25.25 7.81 -15.32
N GLN C 316 24.82 8.99 -15.74
CA GLN C 316 24.86 10.14 -14.86
C GLN C 316 23.89 9.97 -13.73
N LYS C 317 22.76 9.36 -14.00
CA LYS C 317 21.80 9.08 -12.94
C LYS C 317 22.32 8.00 -12.03
N MET C 318 23.03 7.04 -12.57
CA MET C 318 23.67 6.02 -11.76
C MET C 318 24.60 6.63 -10.74
N PHE C 319 25.50 7.50 -11.17
CA PHE C 319 26.54 7.99 -10.29
C PHE C 319 25.94 8.90 -9.23
N LYS C 320 24.83 9.54 -9.54
CA LYS C 320 24.16 10.37 -8.55
C LYS C 320 23.66 9.54 -7.40
N GLU C 321 23.11 8.37 -7.70
CA GLU C 321 22.62 7.50 -6.63
C GLU C 321 23.76 6.80 -5.92
N ILE C 322 24.79 6.40 -6.65
CA ILE C 322 25.95 5.77 -6.06
C ILE C 322 26.69 6.76 -5.18
N GLN C 323 26.79 8.01 -5.61
CA GLN C 323 27.46 9.03 -4.82
C GLN C 323 26.76 9.25 -3.51
N GLU C 324 25.43 9.28 -3.53
CA GLU C 324 24.67 9.49 -2.31
C GLU C 324 24.69 8.26 -1.45
N GLY C 325 24.72 7.09 -2.05
CA GLY C 325 24.78 5.86 -1.31
C GLY C 325 26.06 5.72 -0.55
N GLU C 326 27.17 6.03 -1.18
CA GLU C 326 28.45 5.86 -0.55
C GLU C 326 28.69 6.93 0.48
N ARG C 327 28.16 8.12 0.23
CA ARG C 327 28.25 9.20 1.17
C ARG C 327 27.55 8.87 2.47
N GLN C 328 26.40 8.23 2.39
CA GLN C 328 25.63 7.88 3.57
C GLN C 328 26.28 6.74 4.33
N LEU C 329 26.99 5.88 3.63
CA LEU C 329 27.60 4.69 4.22
C LEU C 329 29.06 4.91 4.59
N SER C 330 29.50 6.14 4.58
CA SER C 330 30.89 6.48 4.82
C SER C 330 31.17 6.46 6.29
N GLU C 331 32.11 5.62 6.73
CA GLU C 331 32.61 5.65 8.10
C GLU C 331 33.95 6.33 8.17
N THR C 332 33.99 7.48 8.84
CA THR C 332 35.20 8.25 9.00
C THR C 332 35.66 8.20 10.44
N GLU C 333 36.94 8.48 10.65
CA GLU C 333 37.49 8.49 12.01
C GLU C 333 36.88 9.59 12.85
N ALA C 334 36.40 10.64 12.20
CA ALA C 334 35.73 11.71 12.93
C ALA C 334 34.45 11.23 13.56
N ASP C 335 33.74 10.34 12.87
CA ASP C 335 32.48 9.82 13.39
C ASP C 335 32.70 9.06 14.68
N VAL C 336 33.81 8.34 14.78
CA VAL C 336 34.14 7.61 15.98
C VAL C 336 34.39 8.58 17.12
N GLN C 337 34.98 9.73 16.82
CA GLN C 337 35.27 10.72 17.84
C GLN C 337 34.01 11.20 18.51
N ASN C 338 32.96 11.46 17.74
CA ASN C 338 31.71 11.92 18.37
C ASN C 338 31.10 10.81 19.23
N LEU C 339 31.21 9.57 18.76
CA LEU C 339 30.66 8.46 19.53
C LEU C 339 31.37 8.33 20.85
N ARG C 340 32.70 8.43 20.85
CA ARG C 340 33.43 8.36 22.10
C ARG C 340 33.15 9.58 22.95
N SER C 341 33.05 10.74 22.31
CA SER C 341 32.74 11.95 23.04
C SER C 341 31.36 11.89 23.65
N ALA C 342 30.40 11.37 22.91
CA ALA C 342 29.04 11.23 23.44
C ALA C 342 29.01 10.22 24.57
N LEU C 343 29.77 9.14 24.42
CA LEU C 343 29.81 8.11 25.44
C LEU C 343 30.65 8.52 26.63
N GLY C 344 31.37 9.61 26.54
CA GLY C 344 32.19 10.08 27.63
C GLY C 344 33.52 9.40 27.76
N LEU C 345 33.98 8.70 26.73
CA LEU C 345 35.23 7.95 26.79
C LEU C 345 36.41 8.69 26.21
N GLY C 346 36.25 9.98 25.97
CA GLY C 346 37.33 10.77 25.39
C GLY C 346 38.48 11.01 26.34
N SER D 4 9.20 -2.46 -63.23
CA SER D 4 8.97 -1.06 -62.91
C SER D 4 9.17 -0.81 -61.43
N THR D 5 9.68 0.38 -61.12
CA THR D 5 9.94 0.78 -59.75
C THR D 5 8.74 1.45 -59.10
N GLY D 6 7.66 1.65 -59.85
CA GLY D 6 6.46 2.25 -59.31
C GLY D 6 5.31 1.28 -59.16
N PHE D 7 4.11 1.82 -59.04
CA PHE D 7 2.93 1.01 -58.90
C PHE D 7 2.66 0.21 -60.16
N PRO D 8 2.14 -1.00 -60.02
CA PRO D 8 1.78 -1.78 -61.19
C PRO D 8 0.73 -1.08 -62.03
N LEU D 9 0.88 -1.17 -63.35
CA LEU D 9 0.01 -0.42 -64.24
C LEU D 9 -1.37 -1.04 -64.32
N GLU D 10 -1.48 -2.33 -64.03
CA GLU D 10 -2.76 -3.01 -64.20
C GLU D 10 -3.79 -2.56 -63.20
N LEU D 11 -3.39 -1.83 -62.17
CA LEU D 11 -4.33 -1.37 -61.17
C LEU D 11 -5.29 -0.34 -61.72
N LEU D 12 -4.91 0.32 -62.82
CA LEU D 12 -5.76 1.34 -63.38
C LEU D 12 -7.10 0.78 -63.84
N THR D 13 -7.08 -0.40 -64.47
CA THR D 13 -8.31 -1.00 -64.93
C THR D 13 -9.22 -1.43 -63.77
N ARG D 14 -8.60 -1.92 -62.69
CA ARG D 14 -9.34 -2.30 -61.51
C ARG D 14 -9.86 -1.07 -60.78
N PRO D 15 -10.93 -1.23 -59.99
CA PRO D 15 -11.62 -0.05 -59.45
C PRO D 15 -10.84 0.65 -58.37
N ALA D 16 -11.42 1.72 -57.85
CA ALA D 16 -10.72 2.62 -56.95
C ALA D 16 -10.43 2.00 -55.60
N THR D 17 -11.32 1.16 -55.11
CA THR D 17 -11.16 0.61 -53.77
C THR D 17 -9.88 -0.20 -53.66
N GLU D 18 -9.57 -1.00 -54.67
CA GLU D 18 -8.38 -1.83 -54.59
C GLU D 18 -7.13 -0.97 -54.73
N ARG D 19 -7.23 0.14 -55.45
CA ARG D 19 -6.10 1.05 -55.52
C ARG D 19 -5.80 1.67 -54.17
N LEU D 20 -6.83 2.12 -53.48
CA LEU D 20 -6.65 2.65 -52.15
C LEU D 20 -6.09 1.59 -51.23
N ALA D 21 -6.55 0.36 -51.38
CA ALA D 21 -6.07 -0.73 -50.56
C ALA D 21 -4.61 -1.00 -50.80
N TYR D 22 -4.21 -0.93 -52.07
CA TYR D 22 -2.81 -1.18 -52.42
C TYR D 22 -1.93 -0.12 -51.80
N PHE D 23 -2.37 1.12 -51.84
CA PHE D 23 -1.58 2.18 -51.27
C PHE D 23 -1.51 2.07 -49.77
N GLU D 24 -2.59 1.66 -49.11
CA GLU D 24 -2.56 1.46 -47.67
C GLU D 24 -1.61 0.33 -47.31
N ASN D 25 -1.68 -0.78 -48.03
CA ASN D 25 -0.83 -1.92 -47.72
C ASN D 25 0.61 -1.70 -48.15
N TYR D 26 0.88 -0.66 -48.91
CA TYR D 26 2.24 -0.39 -49.36
C TYR D 26 3.03 0.24 -48.24
N THR D 27 4.25 -0.24 -48.03
CA THR D 27 5.16 0.28 -47.03
C THR D 27 6.47 0.64 -47.66
N VAL D 28 7.02 1.78 -47.24
CA VAL D 28 8.26 2.31 -47.77
C VAL D 28 9.36 2.07 -46.76
N ALA D 29 10.58 1.94 -47.27
CA ALA D 29 11.74 1.73 -46.43
C ALA D 29 12.64 2.94 -46.49
N HIS D 30 12.88 3.53 -45.33
CA HIS D 30 13.70 4.72 -45.23
C HIS D 30 14.75 4.54 -44.15
N PRO D 31 15.87 5.25 -44.27
CA PRO D 31 17.05 4.89 -43.48
C PRO D 31 16.79 4.85 -41.97
N ARG D 32 16.01 5.78 -41.45
CA ARG D 32 15.78 5.81 -40.01
C ARG D 32 15.01 4.59 -39.56
N LEU D 33 14.02 4.20 -40.33
CA LEU D 33 13.21 3.03 -39.98
C LEU D 33 14.07 1.80 -39.93
N LYS D 34 14.94 1.61 -40.90
CA LYS D 34 15.74 0.41 -40.96
C LYS D 34 16.78 0.39 -39.86
N GLU D 35 17.32 1.55 -39.54
CA GLU D 35 18.30 1.63 -38.47
C GLU D 35 17.67 1.30 -37.13
N VAL D 36 16.53 1.88 -36.84
CA VAL D 36 15.83 1.63 -35.59
C VAL D 36 15.37 0.18 -35.54
N TYR D 37 14.98 -0.37 -36.66
CA TYR D 37 14.53 -1.75 -36.72
C TYR D 37 15.65 -2.68 -36.40
N GLU D 38 16.83 -2.42 -36.94
CA GLU D 38 17.95 -3.32 -36.69
C GLU D 38 18.41 -3.21 -35.25
N ILE D 39 18.40 -2.03 -34.70
CA ILE D 39 18.76 -1.83 -33.31
C ILE D 39 17.80 -2.58 -32.39
N LEU D 40 16.52 -2.49 -32.67
CA LEU D 40 15.51 -3.12 -31.84
C LEU D 40 15.59 -4.61 -31.95
N MET D 41 15.86 -5.13 -33.13
CA MET D 41 15.96 -6.56 -33.32
C MET D 41 17.18 -7.09 -32.59
N ARG D 42 18.28 -6.36 -32.62
CA ARG D 42 19.47 -6.77 -31.92
C ARG D 42 19.24 -6.75 -30.42
N THR D 43 18.53 -5.77 -29.92
CA THR D 43 18.23 -5.70 -28.50
C THR D 43 17.30 -6.82 -28.08
N ILE D 44 16.32 -7.16 -28.89
CA ILE D 44 15.36 -8.19 -28.55
C ILE D 44 16.03 -9.55 -28.59
N ALA D 45 16.98 -9.71 -29.50
CA ALA D 45 17.66 -10.98 -29.65
C ALA D 45 18.40 -11.35 -28.39
N GLU D 46 18.92 -10.36 -27.69
CA GLU D 46 19.51 -10.60 -26.38
C GLU D 46 19.44 -9.37 -25.50
N PRO D 47 18.75 -9.44 -24.37
CA PRO D 47 18.60 -8.27 -23.53
C PRO D 47 19.83 -8.02 -22.66
N ALA D 48 20.50 -9.08 -22.26
CA ALA D 48 21.67 -9.02 -21.38
C ALA D 48 21.39 -8.23 -20.13
N GLY D 49 20.38 -8.69 -19.42
CA GLY D 49 20.03 -8.14 -18.14
C GLY D 49 19.27 -6.86 -18.21
N ALA D 50 18.69 -6.57 -19.37
CA ALA D 50 17.78 -5.47 -19.55
C ALA D 50 16.35 -5.93 -19.55
N SER D 51 15.47 -5.14 -18.94
CA SER D 51 14.06 -5.45 -18.88
C SER D 51 13.15 -4.47 -19.58
N PHE D 52 13.70 -3.36 -20.05
CA PHE D 52 12.93 -2.32 -20.68
C PHE D 52 13.62 -1.85 -21.94
N ILE D 53 12.83 -1.58 -22.96
CA ILE D 53 13.24 -0.81 -24.12
C ILE D 53 12.28 0.35 -24.24
N PHE D 54 12.80 1.56 -24.12
CA PHE D 54 12.03 2.76 -24.24
C PHE D 54 12.23 3.30 -25.65
N VAL D 55 11.36 2.95 -26.57
CA VAL D 55 11.38 3.51 -27.91
C VAL D 55 10.54 4.78 -27.96
N TYR D 56 11.17 5.91 -28.21
CA TYR D 56 10.51 7.19 -28.29
C TYR D 56 10.33 7.59 -29.73
N GLY D 57 9.79 8.78 -29.94
CA GLY D 57 9.54 9.27 -31.27
C GLY D 57 8.31 10.13 -31.33
N ALA D 58 8.19 10.87 -32.44
CA ALA D 58 7.04 11.75 -32.62
C ALA D 58 5.81 10.98 -33.04
N SER D 59 4.82 11.69 -33.55
CA SER D 59 3.61 11.04 -34.03
C SER D 59 3.72 10.84 -35.54
N GLY D 60 3.01 9.85 -36.08
CA GLY D 60 3.11 9.57 -37.49
C GLY D 60 4.54 9.27 -37.88
N VAL D 61 5.24 8.49 -37.07
CA VAL D 61 6.65 8.21 -37.34
C VAL D 61 6.91 6.75 -37.68
N GLY D 62 5.93 5.89 -37.43
CA GLY D 62 6.09 4.49 -37.77
C GLY D 62 6.38 3.55 -36.61
N LYS D 63 6.21 4.05 -35.38
CA LYS D 63 6.43 3.21 -34.22
C LYS D 63 5.55 1.97 -34.26
N THR D 64 4.28 2.14 -34.54
CA THR D 64 3.37 1.01 -34.61
C THR D 64 3.72 0.13 -35.78
N THR D 65 4.11 0.72 -36.90
CA THR D 65 4.48 -0.09 -38.05
C THR D 65 5.76 -0.85 -37.78
N LEU D 66 6.67 -0.22 -37.07
CA LEU D 66 7.90 -0.89 -36.65
C LEU D 66 7.59 -2.06 -35.73
N ARG D 67 6.67 -1.86 -34.80
CA ARG D 67 6.24 -2.94 -33.92
C ARG D 67 5.67 -4.09 -34.70
N LEU D 68 4.79 -3.81 -35.65
CA LEU D 68 4.17 -4.87 -36.42
C LEU D 68 5.21 -5.60 -37.24
N ARG D 69 6.18 -4.87 -37.78
CA ARG D 69 7.22 -5.51 -38.58
C ARG D 69 8.06 -6.42 -37.71
N VAL D 70 8.39 -5.97 -36.53
CA VAL D 70 9.19 -6.75 -35.60
C VAL D 70 8.44 -8.01 -35.20
N GLU D 71 7.14 -7.88 -34.93
CA GLU D 71 6.35 -9.04 -34.54
C GLU D 71 6.32 -10.06 -35.65
N GLN D 72 6.11 -9.60 -36.87
CA GLN D 72 6.00 -10.54 -37.97
C GLN D 72 7.34 -11.21 -38.23
N LYS D 73 8.43 -10.46 -38.11
CA LYS D 73 9.75 -11.03 -38.30
C LYS D 73 10.05 -12.07 -37.25
N LEU D 74 9.71 -11.79 -36.00
CA LEU D 74 10.01 -12.73 -34.94
C LEU D 74 9.16 -13.98 -35.06
N THR D 75 7.92 -13.83 -35.47
CA THR D 75 7.05 -14.96 -35.68
C THR D 75 7.57 -15.84 -36.80
N GLU D 76 8.00 -15.23 -37.89
CA GLU D 76 8.51 -16.02 -39.01
C GLU D 76 9.83 -16.68 -38.65
N LEU D 77 10.59 -16.07 -37.76
CA LEU D 77 11.82 -16.68 -37.29
C LEU D 77 11.55 -17.87 -36.40
N ALA D 78 10.50 -17.78 -35.60
CA ALA D 78 10.20 -18.79 -34.60
C ALA D 78 9.38 -19.97 -35.14
N LEU D 79 8.77 -19.81 -36.30
CA LEU D 79 7.90 -20.85 -36.83
C LEU D 79 8.59 -22.23 -36.98
N PRO D 80 9.86 -22.29 -37.42
CA PRO D 80 10.49 -23.62 -37.49
C PRO D 80 10.54 -24.34 -36.14
N LYS D 81 10.81 -23.61 -35.08
CA LYS D 81 10.84 -24.19 -33.75
C LYS D 81 9.44 -24.43 -33.22
N LEU D 82 8.49 -23.58 -33.59
CA LEU D 82 7.09 -23.82 -33.23
C LEU D 82 6.57 -25.10 -33.84
N GLU D 83 7.10 -25.48 -35.00
CA GLU D 83 6.69 -26.73 -35.63
C GLU D 83 7.08 -27.93 -34.76
N SER D 84 8.13 -27.81 -33.95
CA SER D 84 8.57 -28.91 -33.10
C SER D 84 8.05 -28.80 -31.67
N ASP D 85 8.31 -27.66 -31.02
CA ASP D 85 7.91 -27.44 -29.63
C ASP D 85 6.62 -26.65 -29.60
N ARG D 86 5.62 -27.19 -28.90
CA ARG D 86 4.32 -26.55 -28.80
C ARG D 86 4.32 -25.59 -27.63
N ALA D 87 3.16 -24.98 -27.36
CA ALA D 87 2.98 -24.13 -26.20
C ALA D 87 3.98 -22.99 -26.17
N ARG D 88 4.14 -22.33 -27.31
CA ARG D 88 5.08 -21.23 -27.47
C ARG D 88 4.37 -20.12 -28.21
N VAL D 89 4.47 -18.91 -27.66
CA VAL D 89 4.07 -17.71 -28.36
C VAL D 89 5.27 -16.82 -28.52
N PRO D 90 5.67 -16.51 -29.75
CA PRO D 90 6.94 -15.82 -29.93
C PRO D 90 6.91 -14.40 -29.38
N VAL D 91 5.92 -13.62 -29.77
CA VAL D 91 5.76 -12.25 -29.32
C VAL D 91 4.35 -12.03 -28.86
N VAL D 92 4.19 -11.35 -27.74
CA VAL D 92 2.91 -10.87 -27.27
C VAL D 92 2.93 -9.37 -27.28
N GLY D 93 2.06 -8.77 -28.06
CA GLY D 93 2.02 -7.34 -28.23
C GLY D 93 0.72 -6.74 -27.77
N ILE D 94 0.80 -5.77 -26.87
CA ILE D 94 -0.35 -5.16 -26.22
C ILE D 94 -0.21 -3.65 -26.28
N GLU D 95 -1.34 -2.95 -26.32
CA GLU D 95 -1.38 -1.50 -26.25
C GLU D 95 -1.97 -1.07 -24.92
N ALA D 96 -1.54 0.07 -24.40
CA ALA D 96 -2.00 0.54 -23.12
C ALA D 96 -3.35 1.18 -23.28
N ILE D 97 -4.05 1.32 -22.16
CA ILE D 97 -5.40 1.88 -22.11
C ILE D 97 -5.38 3.08 -21.23
N ALA D 98 -5.80 4.22 -21.77
CA ALA D 98 -5.86 5.45 -20.99
C ALA D 98 -7.10 5.42 -20.11
N PRO D 99 -6.88 5.36 -18.79
CA PRO D 99 -8.03 5.27 -17.87
C PRO D 99 -9.02 6.39 -18.06
N GLU D 100 -10.31 6.06 -18.12
CA GLU D 100 -11.32 7.11 -18.21
C GLU D 100 -11.20 7.96 -16.97
N SER D 101 -10.33 7.53 -16.05
CA SER D 101 -10.14 8.26 -14.82
C SER D 101 -8.71 8.76 -14.72
N ARG D 102 -8.13 8.67 -13.53
CA ARG D 102 -6.77 9.15 -13.32
C ARG D 102 -5.77 8.00 -13.28
N TYR D 103 -5.77 7.25 -12.18
CA TYR D 103 -4.81 6.16 -12.01
C TYR D 103 -4.81 5.12 -13.13
N PHE D 104 -3.68 4.49 -13.36
CA PHE D 104 -3.61 3.43 -14.37
C PHE D 104 -4.15 2.13 -13.79
N ASN D 105 -5.24 1.63 -14.36
CA ASN D 105 -5.87 0.42 -13.82
C ASN D 105 -5.01 -0.78 -14.07
N TRP D 106 -4.35 -1.29 -13.05
CA TRP D 106 -3.50 -2.46 -13.18
C TRP D 106 -4.28 -3.74 -13.36
N LYS D 107 -5.45 -3.83 -12.75
CA LYS D 107 -6.28 -5.02 -12.91
C LYS D 107 -6.72 -5.20 -14.34
N GLU D 108 -7.12 -4.11 -14.99
CA GLU D 108 -7.51 -4.19 -16.39
C GLU D 108 -6.31 -4.53 -17.26
N TYR D 109 -5.14 -4.04 -16.92
CA TYR D 109 -3.94 -4.35 -17.68
C TYR D 109 -3.65 -5.82 -17.58
N TYR D 110 -3.75 -6.38 -16.38
CA TYR D 110 -3.48 -7.79 -16.18
C TYR D 110 -4.49 -8.63 -16.91
N THR D 111 -5.76 -8.24 -16.88
CA THR D 111 -6.76 -9.09 -17.51
C THR D 111 -6.65 -9.02 -19.01
N ARG D 112 -6.29 -7.85 -19.54
CA ARG D 112 -6.07 -7.71 -20.97
C ARG D 112 -4.85 -8.52 -21.40
N ALA D 113 -3.82 -8.55 -20.57
CA ALA D 113 -2.65 -9.36 -20.87
C ALA D 113 -3.00 -10.83 -20.90
N LEU D 114 -3.80 -11.28 -19.96
CA LEU D 114 -4.22 -12.67 -19.94
C LEU D 114 -5.05 -12.96 -21.17
N ILE D 115 -5.94 -12.05 -21.56
CA ILE D 115 -6.81 -12.26 -22.70
C ILE D 115 -5.98 -12.39 -23.96
N THR D 116 -5.03 -11.50 -24.19
CA THR D 116 -4.32 -11.50 -25.46
C THR D 116 -3.28 -12.59 -25.51
N LEU D 117 -2.62 -12.82 -24.40
CA LEU D 117 -1.53 -13.81 -24.36
C LEU D 117 -2.04 -15.19 -24.64
N GLU D 118 -3.17 -15.53 -24.03
CA GLU D 118 -3.71 -16.88 -24.10
C GLU D 118 -4.84 -16.92 -25.13
N GLU D 119 -4.45 -16.93 -26.40
CA GLU D 119 -5.34 -17.30 -27.50
C GLU D 119 -4.65 -18.28 -28.42
N PRO D 120 -4.11 -19.39 -27.87
CA PRO D 120 -3.49 -20.39 -28.74
C PRO D 120 -4.52 -21.43 -29.14
N LEU D 121 -4.09 -22.51 -29.80
CA LEU D 121 -4.99 -23.64 -29.99
C LEU D 121 -5.45 -24.15 -28.65
N ILE D 122 -6.71 -24.52 -28.57
CA ILE D 122 -7.36 -24.83 -27.31
C ILE D 122 -6.66 -26.00 -26.62
N ASP D 123 -5.86 -26.76 -27.37
CA ASP D 123 -5.22 -27.96 -26.82
C ASP D 123 -4.34 -27.60 -25.62
N HIS D 124 -3.71 -26.42 -25.69
CA HIS D 124 -2.86 -26.00 -24.61
C HIS D 124 -3.72 -25.58 -23.41
N LYS D 125 -3.63 -26.36 -22.34
CA LYS D 125 -4.28 -26.06 -21.07
C LYS D 125 -3.21 -25.92 -19.99
N PHE D 126 -3.37 -24.93 -19.12
CA PHE D 126 -2.44 -24.80 -18.00
C PHE D 126 -3.08 -24.47 -16.67
N ASP D 127 -4.38 -24.66 -16.55
CA ASP D 127 -5.11 -24.56 -15.27
C ASP D 127 -4.43 -23.58 -14.33
N TYR D 128 -4.23 -22.36 -14.83
CA TYR D 128 -3.40 -21.36 -14.19
C TYR D 128 -3.75 -21.22 -12.73
N GLY D 129 -2.79 -20.77 -11.94
CA GLY D 129 -3.07 -20.50 -10.54
C GLY D 129 -4.21 -19.53 -10.38
N VAL D 130 -4.75 -19.50 -9.18
CA VAL D 130 -5.98 -18.80 -8.83
C VAL D 130 -7.16 -19.41 -9.56
N ARG D 131 -8.19 -19.69 -8.79
CA ARG D 131 -9.30 -20.49 -9.26
C ARG D 131 -10.30 -19.67 -10.05
N GLY D 132 -10.13 -18.35 -10.07
CA GLY D 132 -11.07 -17.49 -10.77
C GLY D 132 -10.79 -17.26 -12.23
N ILE D 133 -9.81 -17.95 -12.79
CA ILE D 133 -9.45 -17.81 -14.18
C ILE D 133 -9.53 -19.18 -14.83
N SER D 134 -10.30 -19.26 -15.91
CA SER D 134 -10.51 -20.52 -16.59
C SER D 134 -10.97 -20.28 -18.01
N ARG D 135 -10.98 -21.35 -18.80
CA ARG D 135 -11.47 -21.30 -20.17
C ARG D 135 -12.99 -21.34 -20.20
N ASP D 136 -13.56 -21.48 -21.39
CA ASP D 136 -15.01 -21.54 -21.54
C ASP D 136 -15.37 -22.40 -22.75
N ASN D 137 -16.63 -22.34 -23.15
CA ASN D 137 -17.14 -23.10 -24.27
C ASN D 137 -16.80 -22.47 -25.62
N PHE D 138 -16.23 -21.27 -25.62
CA PHE D 138 -15.82 -20.62 -26.86
C PHE D 138 -14.31 -20.38 -26.92
N GLY D 139 -13.56 -20.92 -25.96
CA GLY D 139 -12.12 -20.75 -25.93
C GLY D 139 -11.63 -19.46 -25.31
N LYS D 140 -12.56 -18.58 -24.94
CA LYS D 140 -12.19 -17.32 -24.32
C LYS D 140 -11.75 -17.53 -22.88
N ILE D 141 -10.96 -16.59 -22.39
CA ILE D 141 -10.50 -16.63 -21.01
C ILE D 141 -11.50 -15.86 -20.16
N ASN D 142 -11.96 -16.51 -19.10
CA ASN D 142 -12.94 -15.93 -18.21
C ASN D 142 -12.23 -15.43 -16.96
N VAL D 143 -12.34 -14.14 -16.72
CA VAL D 143 -11.77 -13.50 -15.55
C VAL D 143 -12.91 -12.82 -14.81
N GLU D 144 -13.23 -13.36 -13.65
CA GLU D 144 -14.25 -12.77 -12.79
C GLU D 144 -13.72 -11.58 -12.03
N SER D 145 -14.62 -10.71 -11.64
CA SER D 145 -14.24 -9.53 -10.86
C SER D 145 -13.81 -9.92 -9.45
N LYS D 146 -14.12 -11.14 -9.03
CA LYS D 146 -13.74 -11.63 -7.73
C LYS D 146 -12.23 -11.80 -7.62
N VAL D 147 -11.54 -11.97 -8.75
CA VAL D 147 -10.11 -12.21 -8.72
C VAL D 147 -9.40 -10.90 -8.43
N VAL D 148 -8.71 -10.84 -7.30
CA VAL D 148 -8.01 -9.65 -6.90
C VAL D 148 -6.79 -9.45 -7.80
N ALA D 149 -6.31 -8.21 -7.87
CA ALA D 149 -5.25 -7.87 -8.80
C ALA D 149 -3.97 -8.65 -8.59
N PRO D 150 -3.50 -8.83 -7.34
CA PRO D 150 -2.29 -9.64 -7.19
C PRO D 150 -2.45 -11.07 -7.67
N ALA D 151 -3.65 -11.63 -7.57
CA ALA D 151 -3.88 -12.97 -8.09
C ALA D 151 -3.75 -12.99 -9.59
N LEU D 152 -4.28 -11.99 -10.26
CA LEU D 152 -4.14 -11.88 -11.70
C LEU D 152 -2.68 -11.74 -12.07
N ARG D 153 -1.93 -11.02 -11.26
CA ARG D 153 -0.51 -10.85 -11.49
C ARG D 153 0.21 -12.17 -11.41
N ARG D 154 -0.13 -12.98 -10.41
CA ARG D 154 0.49 -14.28 -10.27
C ARG D 154 0.15 -15.16 -11.45
N ALA D 155 -1.10 -15.12 -11.89
CA ALA D 155 -1.48 -15.95 -13.03
C ALA D 155 -0.77 -15.52 -14.28
N LEU D 156 -0.64 -14.21 -14.48
CA LEU D 156 0.05 -13.69 -15.65
C LEU D 156 1.51 -14.06 -15.59
N GLU D 157 2.09 -14.05 -14.40
CA GLU D 157 3.48 -14.43 -14.22
C GLU D 157 3.67 -15.87 -14.61
N ASN D 158 2.76 -16.75 -14.19
CA ASN D 158 2.89 -18.15 -14.54
C ASN D 158 2.77 -18.34 -16.02
N ALA D 159 1.82 -17.67 -16.64
CA ALA D 159 1.62 -17.84 -18.07
C ALA D 159 2.81 -17.33 -18.84
N LEU D 160 3.34 -16.18 -18.46
CA LEU D 160 4.49 -15.62 -19.13
C LEU D 160 5.70 -16.51 -18.94
N ILE D 161 5.83 -17.12 -17.77
CA ILE D 161 6.99 -17.94 -17.48
C ILE D 161 6.94 -19.16 -18.36
N HIS D 162 5.77 -19.76 -18.51
CA HIS D 162 5.71 -20.96 -19.34
C HIS D 162 5.85 -20.61 -20.82
N ARG D 163 4.94 -19.78 -21.32
CA ARG D 163 4.94 -19.45 -22.74
C ARG D 163 6.26 -18.83 -23.18
N HIS D 164 6.78 -17.93 -22.36
CA HIS D 164 8.08 -17.28 -22.54
C HIS D 164 8.17 -16.67 -23.92
N PRO D 165 7.49 -15.53 -24.13
CA PRO D 165 7.72 -14.80 -25.36
C PRO D 165 9.06 -14.10 -25.38
N ASP D 166 9.57 -13.80 -26.56
CA ASP D 166 10.85 -13.14 -26.66
C ASP D 166 10.77 -11.70 -26.20
N VAL D 167 9.67 -11.04 -26.49
CA VAL D 167 9.51 -9.63 -26.18
C VAL D 167 8.04 -9.34 -25.98
N PHE D 168 7.74 -8.49 -25.02
CA PHE D 168 6.38 -8.12 -24.67
C PHE D 168 6.20 -6.66 -24.98
N PHE D 169 5.47 -6.35 -26.04
CA PHE D 169 5.28 -5.00 -26.50
C PHE D 169 4.17 -4.34 -25.73
N VAL D 170 4.41 -3.11 -25.30
CA VAL D 170 3.42 -2.27 -24.68
C VAL D 170 3.33 -1.00 -25.49
N ASP D 171 2.38 -0.97 -26.41
CA ASP D 171 2.20 0.18 -27.28
C ASP D 171 1.56 1.32 -26.54
N GLU D 172 1.76 2.51 -27.04
CA GLU D 172 1.39 3.78 -26.40
C GLU D 172 1.56 3.71 -24.91
N ALA D 173 2.79 3.44 -24.50
CA ALA D 173 3.12 3.27 -23.10
C ALA D 173 3.06 4.51 -22.31
N GLN D 174 2.83 5.65 -22.95
CA GLN D 174 2.77 6.92 -22.23
C GLN D 174 1.56 6.98 -21.34
N HIS D 175 0.63 6.05 -21.51
CA HIS D 175 -0.57 6.02 -20.71
C HIS D 175 -0.29 5.52 -19.29
N PHE D 176 0.92 5.02 -19.05
CA PHE D 176 1.30 4.66 -17.70
C PHE D 176 1.47 5.88 -16.81
N GLY D 177 1.52 7.06 -17.40
CA GLY D 177 1.79 8.27 -16.64
C GLY D 177 0.61 8.84 -15.93
N LYS D 178 -0.55 8.26 -16.18
CA LYS D 178 -1.78 8.67 -15.54
C LYS D 178 -1.76 8.14 -14.11
N VAL D 179 -1.14 8.93 -13.23
CA VAL D 179 -1.02 8.58 -11.83
C VAL D 179 -1.49 9.72 -10.93
N ALA D 180 -1.84 9.38 -9.70
CA ALA D 180 -2.33 10.32 -8.73
C ALA D 180 -1.24 11.00 -7.91
N SER D 181 -0.18 10.25 -7.61
CA SER D 181 0.97 10.76 -6.87
C SER D 181 2.13 11.01 -7.82
N GLY D 182 2.84 12.11 -7.63
CA GLY D 182 3.96 12.43 -8.49
C GLY D 182 5.07 11.38 -8.46
N TYR D 183 5.39 10.93 -7.26
CA TYR D 183 6.44 9.95 -7.07
C TYR D 183 6.00 8.59 -7.60
N LYS D 184 4.70 8.43 -7.84
CA LYS D 184 4.17 7.14 -8.20
C LYS D 184 4.61 6.75 -9.60
N LEU D 185 5.28 7.65 -10.32
CA LEU D 185 5.77 7.28 -11.66
C LEU D 185 6.79 6.19 -11.54
N GLN D 186 7.72 6.37 -10.62
CA GLN D 186 8.75 5.38 -10.37
C GLN D 186 8.13 4.10 -9.84
N ASP D 187 7.06 4.22 -9.07
CA ASP D 187 6.39 3.03 -8.57
C ASP D 187 5.75 2.24 -9.67
N GLN D 188 5.16 2.92 -10.64
CA GLN D 188 4.58 2.23 -11.78
C GLN D 188 5.64 1.47 -12.54
N LEU D 189 6.74 2.14 -12.77
CA LEU D 189 7.83 1.53 -13.51
C LEU D 189 8.43 0.38 -12.72
N ASP D 190 8.47 0.49 -11.39
CA ASP D 190 8.99 -0.58 -10.56
C ASP D 190 8.08 -1.79 -10.59
N CYS D 191 6.79 -1.57 -10.64
CA CYS D 191 5.84 -2.66 -10.78
C CYS D 191 6.06 -3.40 -12.07
N LEU D 192 6.26 -2.67 -13.15
CA LEU D 192 6.49 -3.29 -14.42
C LEU D 192 7.83 -4.02 -14.41
N LYS D 193 8.83 -3.46 -13.76
CA LYS D 193 10.14 -4.09 -13.68
C LYS D 193 10.06 -5.38 -12.91
N SER D 194 9.32 -5.37 -11.81
CA SER D 194 9.17 -6.57 -11.02
C SER D 194 8.43 -7.65 -11.76
N LEU D 195 7.44 -7.27 -12.55
CA LEU D 195 6.76 -8.21 -13.42
C LEU D 195 7.69 -8.78 -14.43
N ALA D 196 8.62 -7.98 -14.93
CA ALA D 196 9.57 -8.42 -15.94
C ALA D 196 10.74 -9.16 -15.37
N ASN D 197 10.97 -9.08 -14.07
CA ASN D 197 12.11 -9.72 -13.44
C ASN D 197 11.85 -11.22 -13.26
N MET D 198 10.79 -11.54 -12.53
CA MET D 198 10.51 -12.93 -12.22
C MET D 198 10.00 -13.72 -13.40
N THR D 199 9.52 -13.04 -14.43
CA THR D 199 9.11 -13.75 -15.63
C THR D 199 10.24 -13.89 -16.61
N GLY D 200 11.23 -13.03 -16.52
CA GLY D 200 12.33 -13.06 -17.47
C GLY D 200 11.91 -12.79 -18.89
N ILE D 201 10.94 -11.92 -19.05
CA ILE D 201 10.37 -11.57 -20.34
C ILE D 201 10.68 -10.11 -20.58
N LEU D 202 11.26 -9.81 -21.72
CA LEU D 202 11.69 -8.47 -22.06
C LEU D 202 10.50 -7.61 -22.37
N HIS D 203 10.38 -6.49 -21.69
CA HIS D 203 9.27 -5.57 -21.87
C HIS D 203 9.73 -4.42 -22.72
N CYS D 204 9.05 -4.18 -23.83
CA CYS D 204 9.33 -3.07 -24.72
C CYS D 204 8.19 -2.11 -24.68
N LEU D 205 8.50 -0.87 -24.31
CA LEU D 205 7.54 0.17 -24.13
C LEU D 205 7.59 1.11 -25.34
N LEU D 206 6.60 1.03 -26.19
CA LEU D 206 6.40 1.91 -27.32
C LEU D 206 5.60 3.11 -26.87
N GLY D 207 6.14 4.29 -27.07
CA GLY D 207 5.50 5.51 -26.65
C GLY D 207 5.98 6.74 -27.33
N THR D 208 5.23 7.82 -27.18
CA THR D 208 5.57 9.10 -27.76
C THR D 208 6.55 9.81 -26.85
N TYR D 209 6.83 11.08 -27.11
CA TYR D 209 7.81 11.81 -26.31
C TYR D 209 7.30 12.12 -24.94
N GLU D 210 6.03 11.86 -24.68
CA GLU D 210 5.51 11.96 -23.33
C GLU D 210 6.10 10.88 -22.45
N LEU D 211 6.57 9.79 -23.05
CA LEU D 211 7.19 8.70 -22.29
C LEU D 211 8.49 9.10 -21.65
N LEU D 212 9.04 10.25 -22.02
CA LEU D 212 10.31 10.70 -21.46
C LEU D 212 10.20 10.98 -19.97
N THR D 213 8.98 11.06 -19.44
CA THR D 213 8.82 11.19 -18.01
C THR D 213 9.31 9.96 -17.28
N PHE D 214 9.34 8.82 -17.96
CA PHE D 214 9.82 7.58 -17.39
C PHE D 214 11.28 7.31 -17.74
N ARG D 215 11.98 8.28 -18.31
CA ARG D 215 13.20 7.94 -19.07
C ARG D 215 14.31 7.56 -18.12
N ASN D 216 14.44 8.25 -17.00
CA ASN D 216 15.52 7.96 -16.07
C ASN D 216 15.07 8.24 -14.65
N LEU D 217 14.57 7.21 -13.98
CA LEU D 217 14.16 7.29 -12.60
C LEU D 217 14.82 6.12 -11.87
N SER D 218 15.63 6.44 -10.87
CA SER D 218 16.42 5.48 -10.11
C SER D 218 17.48 4.82 -10.94
N GLY D 219 18.56 4.40 -10.31
CA GLY D 219 19.66 3.80 -10.99
C GLY D 219 19.34 2.46 -11.55
N GLN D 220 18.58 1.67 -10.82
CA GLN D 220 18.29 0.31 -11.25
C GLN D 220 17.49 0.35 -12.53
N LEU D 221 16.49 1.21 -12.63
CA LEU D 221 15.70 1.28 -13.85
C LEU D 221 16.55 1.82 -14.99
N SER D 222 17.53 2.65 -14.70
CA SER D 222 18.45 3.12 -15.72
C SER D 222 19.28 2.00 -16.26
N ARG D 223 19.74 1.11 -15.40
CA ARG D 223 20.58 0.01 -15.81
C ARG D 223 19.81 -0.94 -16.71
N ARG D 224 18.57 -1.25 -16.35
CA ARG D 224 17.80 -2.25 -17.02
C ARG D 224 16.91 -1.70 -18.11
N SER D 225 17.32 -0.59 -18.72
CA SER D 225 16.57 -0.02 -19.85
C SER D 225 17.54 0.44 -20.90
N VAL D 226 17.13 0.31 -22.16
CA VAL D 226 17.86 0.80 -23.30
C VAL D 226 16.98 1.80 -24.04
N ASP D 227 17.59 2.89 -24.48
CA ASP D 227 16.86 3.99 -25.08
C ASP D 227 17.07 3.98 -26.58
N ILE D 228 15.99 3.74 -27.32
CA ILE D 228 16.01 3.78 -28.77
C ILE D 228 15.20 4.96 -29.23
N HIS D 229 15.77 5.82 -30.05
CA HIS D 229 15.18 7.09 -30.47
C HIS D 229 14.86 7.01 -31.93
N PHE D 230 13.57 7.05 -32.25
CA PHE D 230 13.08 7.09 -33.61
C PHE D 230 13.05 8.52 -34.06
N ARG D 231 14.22 9.05 -34.40
CA ARG D 231 14.33 10.45 -34.77
C ARG D 231 13.62 10.71 -36.09
N ARG D 232 13.06 11.90 -36.21
CA ARG D 232 12.46 12.40 -37.43
C ARG D 232 13.50 12.96 -38.37
N TYR D 233 13.17 13.01 -39.66
CA TYR D 233 14.09 13.56 -40.64
C TYR D 233 14.13 15.06 -40.49
N CYS D 234 15.22 15.58 -39.94
CA CYS D 234 15.34 17.00 -39.69
C CYS D 234 15.60 17.75 -40.98
N ALA D 235 15.56 19.08 -40.93
CA ALA D 235 15.73 19.90 -42.13
C ALA D 235 17.11 20.50 -42.22
N ASP D 236 17.80 20.59 -41.10
CA ASP D 236 19.09 21.23 -41.04
C ASP D 236 20.15 20.39 -41.73
N SER D 237 20.13 19.09 -41.46
CA SER D 237 21.13 18.20 -42.01
C SER D 237 20.78 17.89 -43.44
N PRO D 238 21.69 18.14 -44.39
CA PRO D 238 21.34 17.89 -45.79
C PRO D 238 20.99 16.43 -46.09
N GLU D 239 21.61 15.50 -45.40
CA GLU D 239 21.36 14.09 -45.68
C GLU D 239 19.91 13.72 -45.36
N ASP D 240 19.36 14.30 -44.30
CA ASP D 240 17.96 14.06 -44.00
C ASP D 240 17.07 14.65 -45.08
N VAL D 241 17.44 15.77 -45.65
CA VAL D 241 16.69 16.36 -46.74
C VAL D 241 16.71 15.44 -47.94
N GLN D 242 17.86 14.84 -48.24
CA GLN D 242 17.94 13.91 -49.35
C GLN D 242 17.07 12.70 -49.11
N ALA D 243 17.04 12.23 -47.87
CA ALA D 243 16.21 11.10 -47.54
C ALA D 243 14.74 11.45 -47.66
N PHE D 244 14.36 12.63 -47.20
CA PHE D 244 12.97 13.09 -47.34
C PHE D 244 12.58 13.17 -48.81
N LYS D 245 13.45 13.72 -49.64
CA LYS D 245 13.12 13.82 -51.05
C LYS D 245 13.02 12.44 -51.67
N SER D 246 13.86 11.52 -51.23
CA SER D 246 13.84 10.18 -51.78
C SER D 246 12.57 9.48 -51.41
N VAL D 247 12.11 9.62 -50.17
CA VAL D 247 10.88 8.96 -49.78
C VAL D 247 9.69 9.63 -50.45
N LEU D 248 9.76 10.93 -50.69
CA LEU D 248 8.72 11.60 -51.44
C LEU D 248 8.64 11.07 -52.85
N LEU D 249 9.78 10.88 -53.48
CA LEU D 249 9.81 10.35 -54.83
C LEU D 249 9.32 8.94 -54.85
N THR D 250 9.69 8.16 -53.86
CA THR D 250 9.23 6.78 -53.77
C THR D 250 7.73 6.73 -53.60
N PHE D 251 7.17 7.61 -52.80
CA PHE D 251 5.72 7.66 -52.66
C PHE D 251 5.08 8.08 -53.97
N GLN D 252 5.67 9.05 -54.65
CA GLN D 252 5.12 9.53 -55.92
C GLN D 252 5.08 8.43 -56.94
N GLN D 253 6.08 7.56 -56.92
CA GLN D 253 6.15 6.51 -57.93
C GLN D 253 5.06 5.50 -57.71
N HIS D 254 4.67 5.25 -56.47
CA HIS D 254 3.67 4.24 -56.14
C HIS D 254 2.31 4.86 -55.81
N LEU D 255 1.93 5.91 -56.51
CA LEU D 255 0.56 6.43 -56.41
C LEU D 255 -0.26 5.88 -57.55
N PRO D 256 -1.29 5.08 -57.26
CA PRO D 256 -2.04 4.45 -58.34
C PRO D 256 -2.90 5.45 -59.10
N LEU D 257 -2.24 6.29 -59.91
CA LEU D 257 -2.93 7.26 -60.74
C LEU D 257 -2.55 7.10 -62.19
N ALA D 258 -3.40 7.57 -63.07
CA ALA D 258 -3.13 7.48 -64.50
C ALA D 258 -1.88 8.25 -64.85
N GLU D 259 -1.73 9.43 -64.26
CA GLU D 259 -0.56 10.25 -64.42
C GLU D 259 0.11 10.41 -63.08
N THR D 260 1.42 10.20 -63.04
CA THR D 260 2.15 10.34 -61.80
C THR D 260 2.41 11.80 -61.52
N PRO D 261 1.89 12.31 -60.39
CA PRO D 261 2.09 13.73 -60.12
C PRO D 261 3.51 14.03 -59.71
N ASN D 262 3.94 15.25 -59.98
CA ASN D 262 5.29 15.67 -59.64
C ASN D 262 5.24 16.23 -58.24
N LEU D 263 5.95 15.57 -57.33
CA LEU D 263 5.71 15.77 -55.91
C LEU D 263 6.92 16.31 -55.18
N VAL D 264 8.11 16.00 -55.68
CA VAL D 264 9.34 16.37 -55.02
C VAL D 264 9.52 17.87 -55.09
N ASP D 265 8.93 18.51 -56.08
CA ASP D 265 9.12 19.95 -56.27
C ASP D 265 8.62 20.73 -55.07
N HIS D 266 7.45 20.35 -54.57
CA HIS D 266 6.85 21.05 -53.45
C HIS D 266 7.23 20.37 -52.14
N TRP D 267 8.52 20.14 -51.93
CA TRP D 267 8.93 19.34 -50.78
C TRP D 267 8.94 20.15 -49.53
N GLU D 268 9.13 21.45 -49.66
CA GLU D 268 9.14 22.33 -48.52
C GLU D 268 7.78 22.34 -47.85
N TYR D 269 6.71 22.33 -48.63
CA TYR D 269 5.36 22.29 -48.08
C TYR D 269 5.15 20.99 -47.32
N PHE D 270 5.60 19.88 -47.87
CA PHE D 270 5.43 18.60 -47.22
C PHE D 270 6.16 18.54 -45.90
N TYR D 271 7.35 19.09 -45.87
CA TYR D 271 8.10 19.11 -44.64
C TYR D 271 7.44 20.02 -43.63
N GLU D 272 6.86 21.10 -44.11
CA GLU D 272 6.19 22.03 -43.22
C GLU D 272 5.05 21.33 -42.53
N ARG D 273 4.34 20.49 -43.26
CA ARG D 273 3.17 19.83 -42.70
C ARG D 273 3.45 18.47 -42.03
N THR D 274 4.53 17.80 -42.44
CA THR D 274 4.80 16.47 -41.90
C THR D 274 5.97 16.47 -40.92
N LEU D 275 6.63 17.61 -40.76
CA LEU D 275 7.76 17.71 -39.86
C LEU D 275 8.75 16.56 -40.02
N GLY D 276 8.70 15.89 -41.14
CA GLY D 276 9.62 14.82 -41.44
C GLY D 276 9.16 13.46 -41.06
N CYS D 277 8.05 13.36 -40.37
CA CYS D 277 7.51 12.06 -40.02
C CYS D 277 6.92 11.39 -41.24
N ILE D 278 7.36 10.19 -41.53
CA ILE D 278 6.93 9.47 -42.70
C ILE D 278 5.45 9.10 -42.58
N GLY D 279 5.01 8.81 -41.38
CA GLY D 279 3.63 8.44 -41.16
C GLY D 279 2.67 9.53 -41.50
N THR D 280 2.99 10.75 -41.11
CA THR D 280 2.13 11.89 -41.41
C THR D 280 2.04 12.11 -42.90
N LEU D 281 3.16 11.96 -43.60
CA LEU D 281 3.16 12.14 -45.04
C LEU D 281 2.36 11.07 -45.72
N LYS D 282 2.42 9.85 -45.22
CA LYS D 282 1.65 8.76 -45.77
C LYS D 282 0.17 9.00 -45.56
N ASP D 283 -0.21 9.51 -44.41
CA ASP D 283 -1.59 9.87 -44.13
C ASP D 283 -2.06 10.94 -45.11
N TRP D 284 -1.27 11.98 -45.30
CA TRP D 284 -1.61 13.06 -46.19
C TRP D 284 -1.84 12.54 -47.59
N LEU D 285 -0.91 11.74 -48.10
CA LEU D 285 -1.01 11.28 -49.44
C LEU D 285 -2.18 10.30 -49.59
N LYS D 286 -2.49 9.56 -48.55
CA LYS D 286 -3.64 8.66 -48.58
C LYS D 286 -4.93 9.43 -48.70
N ARG D 287 -5.05 10.52 -47.94
CA ARG D 287 -6.23 11.34 -48.02
C ARG D 287 -6.38 11.95 -49.41
N VAL D 288 -5.29 12.47 -49.94
CA VAL D 288 -5.32 13.10 -51.24
C VAL D 288 -5.69 12.07 -52.31
N LEU D 289 -5.13 10.87 -52.21
CA LEU D 289 -5.42 9.83 -53.20
C LEU D 289 -6.86 9.40 -53.13
N SER D 290 -7.41 9.34 -51.93
CA SER D 290 -8.80 8.95 -51.76
C SER D 290 -9.71 9.98 -52.40
N ASP D 291 -9.42 11.25 -52.18
CA ASP D 291 -10.19 12.31 -52.79
C ASP D 291 -10.10 12.24 -54.31
N ALA D 292 -8.89 12.01 -54.82
CA ALA D 292 -8.70 11.99 -56.26
C ALA D 292 -9.45 10.83 -56.87
N LEU D 293 -9.40 9.67 -56.23
CA LEU D 293 -10.08 8.51 -56.75
C LEU D 293 -11.60 8.68 -56.69
N ASP D 294 -12.07 9.41 -55.68
CA ASP D 294 -13.48 9.75 -55.63
C ASP D 294 -13.87 10.64 -56.81
N ARG D 295 -13.07 11.63 -57.11
CA ARG D 295 -13.32 12.50 -58.26
C ARG D 295 -12.92 11.86 -59.58
N GLU D 296 -12.29 10.70 -59.52
CA GLU D 296 -11.83 9.96 -60.70
C GLU D 296 -10.91 10.79 -61.57
N ALA D 297 -10.13 11.65 -60.96
CA ALA D 297 -9.24 12.54 -61.69
C ALA D 297 -7.94 11.84 -62.00
N THR D 298 -7.39 12.15 -63.15
CA THR D 298 -6.12 11.57 -63.56
C THR D 298 -5.01 11.79 -62.56
N THR D 299 -4.82 13.02 -62.10
CA THR D 299 -3.69 13.32 -61.23
C THR D 299 -3.96 14.37 -60.16
N ILE D 300 -2.97 14.58 -59.32
CA ILE D 300 -3.07 15.38 -58.11
C ILE D 300 -2.57 16.80 -58.35
N THR D 301 -2.99 17.72 -57.49
CA THR D 301 -2.53 19.09 -57.54
C THR D 301 -2.30 19.65 -56.16
N LEU D 302 -1.65 20.80 -56.05
CA LEU D 302 -1.38 21.38 -54.76
C LEU D 302 -2.68 21.69 -54.07
N LYS D 303 -3.69 22.04 -54.85
CA LYS D 303 -4.99 22.33 -54.28
C LYS D 303 -5.43 21.15 -53.45
N ASP D 304 -5.65 20.01 -54.10
CA ASP D 304 -6.06 18.83 -53.37
C ASP D 304 -5.20 18.64 -52.13
N LEU D 305 -3.94 19.03 -52.22
CA LEU D 305 -3.03 18.87 -51.10
C LEU D 305 -3.45 19.75 -49.95
N GLN D 306 -3.83 20.98 -50.26
CA GLN D 306 -4.16 21.94 -49.23
C GLN D 306 -5.47 21.61 -48.55
N LYS D 307 -6.33 20.85 -49.20
CA LYS D 307 -7.64 20.55 -48.62
C LYS D 307 -7.47 19.65 -47.42
N ARG D 308 -6.65 18.61 -47.56
CA ARG D 308 -6.45 17.65 -46.48
C ARG D 308 -5.17 17.90 -45.71
N ALA D 309 -4.57 19.06 -45.88
CA ALA D 309 -3.36 19.42 -45.16
C ALA D 309 -3.64 19.61 -43.71
N LEU D 310 -2.68 19.21 -42.89
CA LEU D 310 -2.75 19.52 -41.48
C LEU D 310 -2.57 21.01 -41.27
N SER D 311 -3.40 21.56 -40.41
CA SER D 311 -3.41 23.00 -40.21
C SER D 311 -2.17 23.46 -39.49
N VAL D 312 -1.88 24.75 -39.58
CA VAL D 312 -0.66 25.30 -39.01
C VAL D 312 -0.68 25.14 -37.50
N ALA D 313 -1.82 25.32 -36.88
CA ALA D 313 -1.91 25.32 -35.44
C ALA D 313 -1.61 23.96 -34.87
N GLN D 314 -2.19 22.92 -35.43
CA GLN D 314 -1.96 21.58 -34.91
C GLN D 314 -0.54 21.16 -35.20
N CYS D 315 -0.02 21.56 -36.35
CA CYS D 315 1.35 21.23 -36.70
C CYS D 315 2.33 21.98 -35.84
N GLN D 316 1.99 23.17 -35.39
CA GLN D 316 2.83 23.93 -34.48
C GLN D 316 2.93 23.24 -33.16
N LYS D 317 1.86 22.67 -32.65
CA LYS D 317 1.90 22.00 -31.35
C LYS D 317 2.79 20.80 -31.40
N MET D 318 2.76 20.06 -32.51
CA MET D 318 3.60 18.88 -32.64
C MET D 318 5.07 19.28 -32.54
N PHE D 319 5.47 20.34 -33.22
CA PHE D 319 6.88 20.72 -33.21
C PHE D 319 7.31 21.20 -31.85
N LYS D 320 6.41 21.82 -31.12
CA LYS D 320 6.70 22.19 -29.74
C LYS D 320 6.98 20.98 -28.90
N GLU D 321 6.20 19.92 -29.08
CA GLU D 321 6.45 18.67 -28.38
C GLU D 321 7.72 18.03 -28.84
N ILE D 322 8.00 18.08 -30.14
CA ILE D 322 9.16 17.40 -30.70
C ILE D 322 10.42 18.15 -30.30
N GLN D 323 10.38 19.46 -30.26
CA GLN D 323 11.55 20.26 -29.94
C GLN D 323 12.01 19.96 -28.53
N GLU D 324 11.08 19.87 -27.58
CA GLU D 324 11.47 19.61 -26.21
C GLU D 324 11.93 18.18 -26.03
N GLY D 325 11.30 17.27 -26.72
CA GLY D 325 11.66 15.89 -26.61
C GLY D 325 13.04 15.61 -27.13
N GLU D 326 13.37 16.16 -28.29
CA GLU D 326 14.68 15.93 -28.86
C GLU D 326 15.75 16.63 -28.03
N ARG D 327 15.42 17.77 -27.46
CA ARG D 327 16.33 18.48 -26.59
C ARG D 327 16.65 17.68 -25.36
N GLN D 328 15.67 16.99 -24.79
CA GLN D 328 15.90 16.15 -23.63
C GLN D 328 16.76 14.95 -23.97
N LEU D 329 16.58 14.39 -25.15
CA LEU D 329 17.20 13.14 -25.56
C LEU D 329 18.53 13.39 -26.26
N SER D 330 18.99 14.64 -26.27
CA SER D 330 20.20 15.02 -26.98
C SER D 330 21.39 14.80 -26.11
N GLU D 331 22.33 13.96 -26.57
CA GLU D 331 23.60 13.75 -25.89
C GLU D 331 24.71 14.43 -26.64
N THR D 332 25.36 15.37 -25.97
CA THR D 332 26.47 16.11 -26.56
C THR D 332 27.79 15.63 -26.00
N GLU D 333 28.88 16.02 -26.63
CA GLU D 333 30.20 15.65 -26.16
C GLU D 333 30.46 16.26 -24.80
N ALA D 334 29.87 17.41 -24.54
CA ALA D 334 30.07 18.09 -23.27
C ALA D 334 29.54 17.25 -22.15
N ASP D 335 28.38 16.62 -22.32
CA ASP D 335 27.80 15.81 -21.27
C ASP D 335 28.74 14.68 -20.85
N VAL D 336 29.53 14.17 -21.78
CA VAL D 336 30.52 13.17 -21.47
C VAL D 336 31.56 13.75 -20.53
N GLN D 337 31.89 15.02 -20.71
CA GLN D 337 32.98 15.63 -19.98
C GLN D 337 32.65 15.73 -18.50
N ASN D 338 31.43 16.14 -18.16
CA ASN D 338 31.05 16.19 -16.77
C ASN D 338 31.00 14.81 -16.14
N LEU D 339 30.57 13.82 -16.91
CA LEU D 339 30.55 12.47 -16.40
C LEU D 339 31.94 11.99 -16.09
N ARG D 340 32.89 12.28 -16.97
CA ARG D 340 34.26 11.88 -16.73
C ARG D 340 34.87 12.70 -15.60
N SER D 341 34.51 13.97 -15.54
CA SER D 341 35.05 14.84 -14.50
C SER D 341 34.57 14.39 -13.14
N ALA D 342 33.30 14.04 -13.04
CA ALA D 342 32.74 13.62 -11.76
C ALA D 342 33.39 12.32 -11.30
N LEU D 343 33.62 11.41 -12.23
CA LEU D 343 34.19 10.12 -11.90
C LEU D 343 35.66 10.19 -11.60
N GLY D 344 36.34 11.22 -12.07
CA GLY D 344 37.77 11.34 -11.90
C GLY D 344 38.60 10.81 -13.05
N LEU D 345 37.98 10.59 -14.19
CA LEU D 345 38.68 10.08 -15.37
C LEU D 345 39.20 11.18 -16.26
N GLY D 346 39.30 12.38 -15.74
CA GLY D 346 39.73 13.50 -16.54
C GLY D 346 41.18 13.38 -16.95
N SER E 4 -43.99 24.82 -58.35
CA SER E 4 -43.51 26.07 -57.80
C SER E 4 -42.29 25.83 -56.90
N THR E 5 -41.51 26.89 -56.72
CA THR E 5 -40.31 26.82 -55.89
C THR E 5 -40.63 27.01 -54.40
N GLY E 6 -41.89 27.28 -54.07
CA GLY E 6 -42.27 27.51 -52.69
C GLY E 6 -43.18 26.43 -52.13
N PHE E 7 -43.91 26.78 -51.08
CA PHE E 7 -44.78 25.82 -50.43
C PHE E 7 -45.94 25.45 -51.34
N PRO E 8 -46.36 24.19 -51.31
CA PRO E 8 -47.57 23.82 -52.05
C PRO E 8 -48.78 24.55 -51.52
N LEU E 9 -49.70 24.89 -52.41
CA LEU E 9 -50.87 25.67 -52.04
C LEU E 9 -51.91 24.84 -51.31
N GLU E 10 -51.76 23.52 -51.32
CA GLU E 10 -52.72 22.66 -50.66
C GLU E 10 -52.66 22.77 -49.14
N LEU E 11 -51.56 23.29 -48.63
CA LEU E 11 -51.39 23.35 -47.19
C LEU E 11 -52.33 24.38 -46.57
N LEU E 12 -52.81 25.32 -47.36
CA LEU E 12 -53.69 26.35 -46.84
C LEU E 12 -54.96 25.76 -46.25
N THR E 13 -55.53 24.77 -46.93
CA THR E 13 -56.75 24.14 -46.45
C THR E 13 -56.51 23.36 -45.17
N ARG E 14 -55.34 22.74 -45.05
CA ARG E 14 -55.00 21.96 -43.88
C ARG E 14 -54.85 22.88 -42.69
N PRO E 15 -55.01 22.34 -41.47
CA PRO E 15 -54.99 23.20 -40.28
C PRO E 15 -53.60 23.79 -40.03
N ALA E 16 -53.54 24.67 -39.03
CA ALA E 16 -52.30 25.36 -38.71
C ALA E 16 -51.20 24.38 -38.28
N THR E 17 -51.59 23.32 -37.58
CA THR E 17 -50.61 22.35 -37.10
C THR E 17 -49.88 21.70 -38.26
N GLU E 18 -50.62 21.35 -39.31
CA GLU E 18 -50.00 20.70 -40.46
C GLU E 18 -49.02 21.64 -41.16
N ARG E 19 -49.39 22.90 -41.31
CA ARG E 19 -48.50 23.87 -41.93
C ARG E 19 -47.25 24.06 -41.09
N LEU E 20 -47.42 24.14 -39.77
CA LEU E 20 -46.27 24.29 -38.89
C LEU E 20 -45.34 23.10 -39.00
N ALA E 21 -45.90 21.90 -39.07
CA ALA E 21 -45.11 20.71 -39.20
C ALA E 21 -44.37 20.71 -40.53
N TYR E 22 -45.04 21.13 -41.60
CA TYR E 22 -44.39 21.16 -42.90
C TYR E 22 -43.23 22.12 -42.90
N PHE E 23 -43.40 23.28 -42.28
CA PHE E 23 -42.31 24.25 -42.25
C PHE E 23 -41.19 23.77 -41.36
N GLU E 24 -41.51 23.06 -40.29
CA GLU E 24 -40.48 22.57 -39.38
C GLU E 24 -39.64 21.49 -40.04
N ASN E 25 -40.28 20.53 -40.68
CA ASN E 25 -39.52 19.43 -41.26
C ASN E 25 -38.81 19.86 -42.53
N TYR E 26 -39.17 21.03 -43.06
CA TYR E 26 -38.43 21.61 -44.18
C TYR E 26 -37.05 22.04 -43.74
N THR E 27 -36.05 21.73 -44.57
CA THR E 27 -34.68 22.08 -44.32
C THR E 27 -34.05 22.64 -45.58
N VAL E 28 -33.79 23.94 -45.58
CA VAL E 28 -33.17 24.58 -46.73
C VAL E 28 -31.70 24.24 -46.77
N ALA E 29 -31.10 24.42 -47.95
CA ALA E 29 -29.69 24.14 -48.17
C ALA E 29 -28.96 25.41 -48.53
N HIS E 30 -27.81 25.64 -47.90
CA HIS E 30 -27.01 26.82 -48.12
C HIS E 30 -25.56 26.42 -48.43
N PRO E 31 -24.83 27.30 -49.11
CA PRO E 31 -23.48 26.91 -49.57
C PRO E 31 -22.56 26.40 -48.46
N ARG E 32 -22.61 27.02 -47.29
CA ARG E 32 -21.78 26.53 -46.19
C ARG E 32 -22.21 25.16 -45.76
N LEU E 33 -23.51 24.93 -45.69
CA LEU E 33 -24.03 23.61 -45.31
C LEU E 33 -23.50 22.55 -46.24
N LYS E 34 -23.62 22.77 -47.54
CA LYS E 34 -23.23 21.74 -48.50
C LYS E 34 -21.73 21.58 -48.54
N GLU E 35 -21.00 22.68 -48.36
CA GLU E 35 -19.55 22.60 -48.37
C GLU E 35 -19.04 21.79 -47.20
N VAL E 36 -19.55 22.07 -46.00
CA VAL E 36 -19.12 21.36 -44.81
C VAL E 36 -19.60 19.91 -44.87
N TYR E 37 -20.75 19.68 -45.46
CA TYR E 37 -21.26 18.33 -45.62
C TYR E 37 -20.35 17.52 -46.52
N GLU E 38 -19.91 18.12 -47.62
CA GLU E 38 -19.02 17.40 -48.54
C GLU E 38 -17.68 17.15 -47.90
N ILE E 39 -17.18 18.12 -47.15
CA ILE E 39 -15.90 17.98 -46.48
C ILE E 39 -15.97 16.85 -45.46
N LEU E 40 -17.04 16.80 -44.69
CA LEU E 40 -17.21 15.74 -43.69
C LEU E 40 -17.38 14.39 -44.35
N MET E 41 -18.10 14.35 -45.46
CA MET E 41 -18.30 13.10 -46.15
C MET E 41 -16.97 12.55 -46.64
N ARG E 42 -16.11 13.42 -47.16
CA ARG E 42 -14.83 12.99 -47.67
C ARG E 42 -13.90 12.66 -46.54
N THR E 43 -14.10 13.26 -45.38
CA THR E 43 -13.26 12.97 -44.22
C THR E 43 -13.62 11.64 -43.62
N ILE E 44 -14.89 11.30 -43.57
CA ILE E 44 -15.32 10.04 -42.94
C ILE E 44 -15.43 8.91 -43.94
N ALA E 45 -15.28 9.21 -45.21
CA ALA E 45 -15.19 8.18 -46.23
C ALA E 45 -13.93 7.39 -46.04
N GLU E 46 -12.87 8.05 -45.58
CA GLU E 46 -11.69 7.35 -45.09
C GLU E 46 -10.97 8.23 -44.09
N PRO E 47 -10.72 7.72 -42.87
CA PRO E 47 -10.17 8.60 -41.84
C PRO E 47 -8.66 8.74 -41.98
N ALA E 48 -8.00 7.72 -42.47
CA ALA E 48 -6.55 7.70 -42.66
C ALA E 48 -5.82 8.04 -41.38
N GLY E 49 -6.04 7.24 -40.37
CA GLY E 49 -5.29 7.35 -39.13
C GLY E 49 -5.65 8.56 -38.32
N ALA E 50 -6.78 9.17 -38.64
CA ALA E 50 -7.36 10.20 -37.81
C ALA E 50 -8.50 9.63 -37.01
N SER E 51 -8.46 9.81 -35.70
CA SER E 51 -9.44 9.24 -34.80
C SER E 51 -10.50 10.23 -34.32
N PHE E 52 -10.24 11.51 -34.54
CA PHE E 52 -11.09 12.57 -34.05
C PHE E 52 -11.42 13.53 -35.17
N ILE E 53 -12.69 13.89 -35.28
CA ILE E 53 -13.14 14.97 -36.13
C ILE E 53 -13.77 16.02 -35.24
N PHE E 54 -13.29 17.25 -35.35
CA PHE E 54 -13.72 18.35 -34.53
C PHE E 54 -14.53 19.32 -35.41
N VAL E 55 -15.84 19.13 -35.43
CA VAL E 55 -16.74 20.05 -36.11
C VAL E 55 -17.04 21.22 -35.21
N TYR E 56 -16.45 22.36 -35.54
CA TYR E 56 -16.58 23.56 -34.75
C TYR E 56 -17.64 24.46 -35.34
N GLY E 57 -18.52 24.97 -34.49
CA GLY E 57 -19.60 25.81 -34.92
C GLY E 57 -20.39 26.43 -33.80
N ALA E 58 -20.93 27.61 -34.05
CA ALA E 58 -21.70 28.31 -33.01
C ALA E 58 -23.15 27.90 -32.97
N SER E 59 -23.97 28.69 -32.27
CA SER E 59 -25.38 28.35 -32.13
C SER E 59 -26.21 28.73 -33.35
N GLY E 60 -26.55 27.75 -34.18
CA GLY E 60 -27.37 28.00 -35.34
C GLY E 60 -26.72 27.61 -36.65
N VAL E 61 -25.42 27.32 -36.60
CA VAL E 61 -24.72 26.92 -37.81
C VAL E 61 -25.43 25.72 -38.46
N GLY E 62 -25.95 24.82 -37.63
CA GLY E 62 -26.64 23.65 -38.15
C GLY E 62 -25.87 22.39 -37.92
N LYS E 63 -25.30 22.24 -36.72
CA LYS E 63 -24.50 21.08 -36.43
C LYS E 63 -25.37 19.84 -36.28
N THR E 64 -26.48 19.97 -35.56
CA THR E 64 -27.34 18.83 -35.34
C THR E 64 -27.99 18.36 -36.64
N THR E 65 -28.41 19.29 -37.47
CA THR E 65 -29.05 18.90 -38.72
C THR E 65 -28.03 18.33 -39.69
N LEU E 66 -26.80 18.80 -39.61
CA LEU E 66 -25.73 18.22 -40.42
C LEU E 66 -25.47 16.80 -40.00
N ARG E 67 -25.46 16.55 -38.70
CA ARG E 67 -25.30 15.20 -38.19
C ARG E 67 -26.39 14.30 -38.70
N LEU E 68 -27.63 14.76 -38.65
CA LEU E 68 -28.75 13.96 -39.10
C LEU E 68 -28.64 13.69 -40.58
N ARG E 69 -28.19 14.68 -41.35
CA ARG E 69 -28.06 14.50 -42.79
C ARG E 69 -27.02 13.46 -43.08
N VAL E 70 -25.92 13.49 -42.36
CA VAL E 70 -24.84 12.54 -42.59
C VAL E 70 -25.31 11.14 -42.24
N GLU E 71 -26.01 11.01 -41.11
CA GLU E 71 -26.49 9.69 -40.72
C GLU E 71 -27.44 9.13 -41.76
N GLN E 72 -28.34 9.94 -42.24
CA GLN E 72 -29.33 9.46 -43.18
C GLN E 72 -28.67 9.10 -44.50
N LYS E 73 -27.68 9.88 -44.91
CA LYS E 73 -26.98 9.60 -46.15
C LYS E 73 -26.25 8.29 -46.08
N LEU E 74 -25.50 8.08 -45.01
CA LEU E 74 -24.74 6.84 -44.90
C LEU E 74 -25.63 5.64 -44.68
N THR E 75 -26.75 5.83 -44.00
CA THR E 75 -27.71 4.75 -43.84
C THR E 75 -28.29 4.35 -45.18
N GLU E 76 -28.53 5.31 -46.04
CA GLU E 76 -29.00 5.02 -47.38
C GLU E 76 -27.92 4.33 -48.16
N LEU E 77 -26.67 4.76 -48.01
CA LEU E 77 -25.59 4.21 -48.82
C LEU E 77 -25.31 2.76 -48.50
N ALA E 78 -25.63 2.34 -47.28
CA ALA E 78 -25.25 1.02 -46.79
C ALA E 78 -26.33 -0.03 -46.99
N LEU E 79 -27.44 0.30 -47.63
CA LEU E 79 -28.52 -0.69 -47.77
C LEU E 79 -28.14 -1.91 -48.62
N PRO E 80 -27.46 -1.74 -49.76
CA PRO E 80 -27.17 -2.93 -50.57
C PRO E 80 -26.26 -3.93 -49.85
N LYS E 81 -25.30 -3.44 -49.07
CA LYS E 81 -24.44 -4.32 -48.31
C LYS E 81 -25.16 -4.92 -47.12
N LEU E 82 -26.07 -4.15 -46.52
CA LEU E 82 -26.86 -4.66 -45.40
C LEU E 82 -27.76 -5.80 -45.84
N GLU E 83 -28.31 -5.70 -47.06
CA GLU E 83 -29.12 -6.78 -47.58
C GLU E 83 -28.32 -8.06 -47.75
N SER E 84 -27.00 -7.92 -47.94
CA SER E 84 -26.13 -9.08 -48.09
C SER E 84 -25.42 -9.48 -46.81
N ASP E 85 -25.07 -8.51 -45.98
CA ASP E 85 -24.36 -8.76 -44.73
C ASP E 85 -25.15 -8.23 -43.55
N ARG E 86 -25.37 -9.06 -42.53
CA ARG E 86 -26.08 -8.62 -41.34
C ARG E 86 -25.07 -8.19 -40.29
N ALA E 87 -25.55 -7.90 -39.08
CA ALA E 87 -24.66 -7.59 -37.93
C ALA E 87 -23.75 -6.41 -38.20
N ARG E 88 -24.26 -5.43 -38.93
CA ARG E 88 -23.53 -4.20 -39.19
C ARG E 88 -24.47 -3.04 -39.08
N VAL E 89 -24.00 -2.02 -38.37
CA VAL E 89 -24.70 -0.75 -38.26
C VAL E 89 -23.91 0.27 -39.01
N PRO E 90 -24.55 1.00 -39.94
CA PRO E 90 -23.78 1.93 -40.75
C PRO E 90 -23.18 3.05 -39.89
N VAL E 91 -24.03 3.76 -39.16
CA VAL E 91 -23.59 4.85 -38.32
C VAL E 91 -24.38 4.84 -37.03
N VAL E 92 -23.71 5.10 -35.92
CA VAL E 92 -24.33 5.29 -34.64
C VAL E 92 -23.84 6.58 -34.04
N GLY E 93 -24.66 7.20 -33.19
CA GLY E 93 -24.31 8.47 -32.59
C GLY E 93 -25.11 8.77 -31.34
N ILE E 94 -24.50 9.49 -30.40
CA ILE E 94 -25.16 9.89 -29.18
C ILE E 94 -24.86 11.34 -28.86
N GLU E 95 -25.39 11.83 -27.75
CA GLU E 95 -25.15 13.19 -27.30
C GLU E 95 -24.56 13.12 -25.91
N ALA E 96 -23.48 13.85 -25.68
CA ALA E 96 -22.85 13.92 -24.39
C ALA E 96 -23.81 14.46 -23.34
N ILE E 97 -23.72 13.91 -22.14
CA ILE E 97 -24.54 14.29 -21.01
C ILE E 97 -23.74 15.23 -20.14
N ALA E 98 -24.30 16.38 -19.80
CA ALA E 98 -23.74 17.23 -18.76
C ALA E 98 -24.01 16.58 -17.44
N PRO E 99 -22.96 16.24 -16.68
CA PRO E 99 -23.18 15.51 -15.44
C PRO E 99 -23.75 16.42 -14.35
N GLU E 100 -24.57 15.83 -13.51
CA GLU E 100 -25.07 16.48 -12.32
C GLU E 100 -23.92 16.95 -11.42
N SER E 101 -22.97 16.07 -11.24
CA SER E 101 -21.87 16.29 -10.35
C SER E 101 -20.79 17.00 -11.14
N ARG E 102 -19.63 17.12 -10.51
CA ARG E 102 -18.52 17.79 -11.12
C ARG E 102 -17.98 17.01 -12.33
N TYR E 103 -17.72 15.72 -12.19
CA TYR E 103 -16.99 14.96 -13.20
C TYR E 103 -17.92 14.41 -14.25
N PHE E 104 -17.48 14.40 -15.50
CA PHE E 104 -18.23 13.68 -16.54
C PHE E 104 -18.30 12.21 -16.19
N ASN E 105 -19.50 11.63 -16.24
CA ASN E 105 -19.65 10.24 -15.83
C ASN E 105 -19.41 9.31 -16.99
N TRP E 106 -18.31 8.56 -16.94
CA TRP E 106 -17.99 7.65 -18.02
C TRP E 106 -18.87 6.42 -18.04
N LYS E 107 -19.34 6.00 -16.89
CA LYS E 107 -20.21 4.83 -16.84
C LYS E 107 -21.49 5.08 -17.63
N GLU E 108 -22.08 6.25 -17.43
CA GLU E 108 -23.31 6.58 -18.14
C GLU E 108 -23.05 6.72 -19.63
N TYR E 109 -21.90 7.28 -19.99
CA TYR E 109 -21.55 7.41 -21.40
C TYR E 109 -21.42 6.05 -22.02
N TYR E 110 -20.70 5.15 -21.37
CA TYR E 110 -20.50 3.82 -21.91
C TYR E 110 -21.82 3.09 -22.02
N THR E 111 -22.69 3.22 -21.01
CA THR E 111 -23.90 2.43 -21.02
C THR E 111 -24.86 2.98 -22.06
N ARG E 112 -24.88 4.29 -22.25
CA ARG E 112 -25.74 4.87 -23.25
C ARG E 112 -25.24 4.54 -24.63
N ALA E 113 -23.93 4.50 -24.81
CA ALA E 113 -23.37 4.10 -26.10
C ALA E 113 -23.71 2.67 -26.41
N LEU E 114 -23.63 1.79 -25.41
CA LEU E 114 -23.96 0.39 -25.61
C LEU E 114 -25.43 0.23 -25.93
N ILE E 115 -26.28 0.99 -25.25
CA ILE E 115 -27.71 0.95 -25.50
C ILE E 115 -28.02 1.38 -26.92
N THR E 116 -27.42 2.49 -27.35
CA THR E 116 -27.74 3.05 -28.66
C THR E 116 -27.21 2.17 -29.78
N LEU E 117 -26.00 1.67 -29.64
CA LEU E 117 -25.38 0.89 -30.67
C LEU E 117 -26.11 -0.43 -30.83
N GLU E 118 -26.49 -1.04 -29.71
CA GLU E 118 -27.07 -2.39 -29.75
C GLU E 118 -28.59 -2.32 -29.72
N GLU E 119 -29.16 -1.84 -30.82
CA GLU E 119 -30.59 -1.98 -31.08
C GLU E 119 -30.84 -2.47 -32.50
N PRO E 120 -30.20 -3.60 -32.90
CA PRO E 120 -30.53 -4.17 -34.20
C PRO E 120 -31.65 -5.18 -34.05
N LEU E 121 -31.98 -5.87 -35.14
CA LEU E 121 -32.95 -6.94 -35.03
C LEU E 121 -32.41 -8.03 -34.14
N ILE E 122 -33.30 -8.62 -33.36
CA ILE E 122 -32.94 -9.43 -32.20
C ILE E 122 -32.21 -10.70 -32.61
N ASP E 123 -32.08 -10.94 -33.91
CA ASP E 123 -31.40 -12.16 -34.37
C ASP E 123 -29.93 -12.10 -34.03
N HIS E 124 -29.33 -10.92 -34.19
CA HIS E 124 -27.91 -10.79 -33.95
C HIS E 124 -27.61 -10.95 -32.45
N LYS E 125 -27.07 -12.11 -32.09
CA LYS E 125 -26.60 -12.39 -30.73
C LYS E 125 -25.09 -12.55 -30.77
N PHE E 126 -24.38 -11.83 -29.90
CA PHE E 126 -22.92 -11.82 -29.94
C PHE E 126 -22.32 -12.15 -28.57
N ASP E 127 -23.15 -12.65 -27.67
CA ASP E 127 -22.77 -13.06 -26.30
C ASP E 127 -21.69 -12.15 -25.72
N TYR E 128 -22.02 -10.86 -25.61
CA TYR E 128 -21.08 -9.85 -25.15
C TYR E 128 -20.34 -10.32 -23.91
N GLY E 129 -19.11 -9.88 -23.75
CA GLY E 129 -18.40 -10.13 -22.50
C GLY E 129 -19.08 -9.45 -21.34
N VAL E 130 -18.54 -9.70 -20.16
CA VAL E 130 -19.09 -9.25 -18.90
C VAL E 130 -20.46 -9.88 -18.66
N ARG E 131 -20.55 -10.58 -17.54
CA ARG E 131 -21.77 -11.25 -17.13
C ARG E 131 -22.93 -10.30 -16.92
N GLY E 132 -22.66 -9.03 -16.67
CA GLY E 132 -23.74 -8.11 -16.37
C GLY E 132 -24.50 -7.59 -17.56
N ILE E 133 -24.07 -7.96 -18.76
CA ILE E 133 -24.60 -7.43 -20.00
C ILE E 133 -25.23 -8.56 -20.77
N SER E 134 -26.48 -8.38 -21.16
CA SER E 134 -27.24 -9.37 -21.93
C SER E 134 -28.48 -8.72 -22.51
N ARG E 135 -29.36 -9.50 -23.14
CA ARG E 135 -30.64 -9.03 -23.62
C ARG E 135 -31.71 -9.25 -22.54
N ASP E 136 -32.98 -9.05 -22.88
CA ASP E 136 -34.07 -9.24 -21.94
C ASP E 136 -35.33 -9.66 -22.68
N ASN E 137 -36.42 -9.80 -21.94
CA ASN E 137 -37.70 -10.20 -22.51
C ASN E 137 -38.25 -9.19 -23.51
N PHE E 138 -37.93 -7.91 -23.33
CA PHE E 138 -38.39 -6.87 -24.23
C PHE E 138 -37.37 -6.52 -25.32
N GLY E 139 -36.25 -7.23 -25.37
CA GLY E 139 -35.21 -6.99 -26.38
C GLY E 139 -34.22 -5.89 -26.03
N LYS E 140 -34.45 -5.22 -24.89
CA LYS E 140 -33.52 -4.19 -24.45
C LYS E 140 -32.24 -4.81 -23.93
N ILE E 141 -31.19 -4.02 -23.89
CA ILE E 141 -29.96 -4.39 -23.23
C ILE E 141 -30.03 -3.91 -21.79
N ASN E 142 -29.87 -4.85 -20.87
CA ASN E 142 -29.89 -4.53 -19.45
C ASN E 142 -28.46 -4.45 -18.93
N VAL E 143 -28.16 -3.34 -18.28
CA VAL E 143 -26.86 -3.08 -17.71
C VAL E 143 -27.02 -2.97 -16.21
N GLU E 144 -26.43 -3.88 -15.48
CA GLU E 144 -26.49 -3.87 -14.04
C GLU E 144 -25.54 -2.84 -13.47
N SER E 145 -25.95 -2.17 -12.40
CA SER E 145 -25.07 -1.19 -11.77
C SER E 145 -23.84 -1.84 -11.13
N LYS E 146 -23.89 -3.13 -10.91
CA LYS E 146 -22.75 -3.89 -10.40
C LYS E 146 -21.60 -3.98 -11.40
N VAL E 147 -21.87 -3.67 -12.66
CA VAL E 147 -20.83 -3.76 -13.69
C VAL E 147 -19.88 -2.59 -13.53
N VAL E 148 -18.61 -2.87 -13.35
CA VAL E 148 -17.60 -1.83 -13.22
C VAL E 148 -17.33 -1.19 -14.57
N ALA E 149 -16.79 0.03 -14.54
CA ALA E 149 -16.58 0.80 -15.75
C ALA E 149 -15.65 0.13 -16.76
N PRO E 150 -14.49 -0.40 -16.35
CA PRO E 150 -13.65 -1.05 -17.37
C PRO E 150 -14.32 -2.23 -18.05
N ALA E 151 -15.20 -2.93 -17.35
CA ALA E 151 -15.90 -4.03 -17.96
C ALA E 151 -16.85 -3.51 -19.04
N LEU E 152 -17.55 -2.42 -18.75
CA LEU E 152 -18.42 -1.81 -19.73
C LEU E 152 -17.62 -1.36 -20.94
N ARG E 153 -16.42 -0.86 -20.69
CA ARG E 153 -15.58 -0.38 -21.76
C ARG E 153 -15.19 -1.52 -22.64
N ARG E 154 -14.84 -2.65 -22.05
CA ARG E 154 -14.44 -3.81 -22.84
C ARG E 154 -15.61 -4.31 -23.65
N ALA E 155 -16.79 -4.29 -23.06
CA ALA E 155 -17.97 -4.76 -23.77
C ALA E 155 -18.29 -3.84 -24.94
N LEU E 156 -18.20 -2.54 -24.71
CA LEU E 156 -18.47 -1.57 -25.76
C LEU E 156 -17.45 -1.70 -26.85
N GLU E 157 -16.21 -1.98 -26.51
CA GLU E 157 -15.16 -2.19 -27.49
C GLU E 157 -15.48 -3.39 -28.35
N ASN E 158 -15.88 -4.50 -27.74
CA ASN E 158 -16.18 -5.69 -28.52
C ASN E 158 -17.36 -5.43 -29.45
N ALA E 159 -18.36 -4.72 -28.95
CA ALA E 159 -19.53 -4.41 -29.76
C ALA E 159 -19.15 -3.53 -30.91
N LEU E 160 -18.30 -2.55 -30.67
CA LEU E 160 -17.88 -1.62 -31.70
C LEU E 160 -17.09 -2.36 -32.76
N ILE E 161 -16.23 -3.28 -32.34
CA ILE E 161 -15.41 -4.00 -33.29
C ILE E 161 -16.29 -4.90 -34.15
N HIS E 162 -17.26 -5.54 -33.54
CA HIS E 162 -18.10 -6.50 -34.28
C HIS E 162 -19.03 -5.76 -35.22
N ARG E 163 -19.71 -4.74 -34.71
CA ARG E 163 -20.69 -4.02 -35.50
C ARG E 163 -20.01 -3.23 -36.60
N HIS E 164 -18.83 -2.69 -36.30
CA HIS E 164 -18.03 -1.92 -37.22
C HIS E 164 -18.81 -0.74 -37.77
N PRO E 165 -19.13 0.25 -36.94
CA PRO E 165 -19.75 1.47 -37.47
C PRO E 165 -18.78 2.32 -38.25
N ASP E 166 -19.30 3.10 -39.17
CA ASP E 166 -18.47 3.90 -40.04
C ASP E 166 -17.94 5.11 -39.30
N VAL E 167 -18.78 5.70 -38.46
CA VAL E 167 -18.39 6.83 -37.66
C VAL E 167 -19.24 6.90 -36.43
N PHE E 168 -18.64 7.30 -35.32
CA PHE E 168 -19.30 7.44 -34.05
C PHE E 168 -19.47 8.91 -33.77
N PHE E 169 -20.72 9.37 -33.75
CA PHE E 169 -21.05 10.77 -33.54
C PHE E 169 -21.24 11.03 -32.06
N VAL E 170 -20.62 12.09 -31.58
CA VAL E 170 -20.81 12.57 -30.22
C VAL E 170 -21.24 14.02 -30.29
N ASP E 171 -22.54 14.24 -30.31
CA ASP E 171 -23.09 15.59 -30.35
C ASP E 171 -22.97 16.26 -29.01
N GLU E 172 -22.95 17.59 -29.03
CA GLU E 172 -22.76 18.40 -27.84
C GLU E 172 -21.53 17.96 -27.07
N ALA E 173 -20.43 17.83 -27.79
CA ALA E 173 -19.21 17.28 -27.22
C ALA E 173 -18.51 18.19 -26.25
N GLN E 174 -18.95 19.43 -26.13
CA GLN E 174 -18.32 20.35 -25.20
C GLN E 174 -18.60 19.96 -23.76
N HIS E 175 -19.53 19.05 -23.56
CA HIS E 175 -19.85 18.56 -22.24
C HIS E 175 -18.75 17.69 -21.65
N PHE E 176 -17.75 17.29 -22.45
CA PHE E 176 -16.67 16.48 -21.92
C PHE E 176 -15.70 17.27 -21.03
N GLY E 177 -15.86 18.59 -21.00
CA GLY E 177 -14.90 19.46 -20.33
C GLY E 177 -15.08 19.63 -18.84
N LYS E 178 -16.04 18.89 -18.30
CA LYS E 178 -16.37 19.00 -16.89
C LYS E 178 -15.35 18.24 -16.07
N VAL E 179 -14.24 18.90 -15.76
CA VAL E 179 -13.12 18.27 -15.07
C VAL E 179 -12.61 19.13 -13.94
N ALA E 180 -11.86 18.54 -13.01
CA ALA E 180 -11.36 19.26 -11.83
C ALA E 180 -9.88 19.43 -11.76
N SER E 181 -9.16 18.64 -12.56
CA SER E 181 -7.74 18.74 -12.70
C SER E 181 -7.42 19.31 -14.09
N GLY E 182 -6.39 20.15 -14.17
CA GLY E 182 -6.00 20.71 -15.46
C GLY E 182 -5.66 19.63 -16.49
N TYR E 183 -4.96 18.61 -16.01
CA TYR E 183 -4.57 17.51 -16.87
C TYR E 183 -5.72 16.55 -17.12
N LYS E 184 -6.75 16.62 -16.27
CA LYS E 184 -7.91 15.80 -16.51
C LYS E 184 -8.54 16.22 -17.83
N LEU E 185 -8.46 17.50 -18.15
CA LEU E 185 -8.98 18.01 -19.42
C LEU E 185 -8.43 17.21 -20.58
N GLN E 186 -7.18 16.82 -20.49
CA GLN E 186 -6.50 16.10 -21.57
C GLN E 186 -6.71 14.62 -21.51
N ASP E 187 -6.66 13.99 -20.34
CA ASP E 187 -6.75 12.53 -20.38
C ASP E 187 -8.18 12.09 -20.58
N GLN E 188 -9.14 12.99 -20.48
CA GLN E 188 -10.46 12.70 -21.01
C GLN E 188 -10.39 12.41 -22.50
N LEU E 189 -9.77 13.32 -23.23
CA LEU E 189 -9.62 13.14 -24.67
C LEU E 189 -8.72 11.96 -24.94
N ASP E 190 -7.77 11.69 -24.06
CA ASP E 190 -6.93 10.51 -24.20
C ASP E 190 -7.73 9.24 -24.06
N CYS E 191 -8.68 9.21 -23.15
CA CYS E 191 -9.55 8.05 -23.01
C CYS E 191 -10.40 7.85 -24.26
N LEU E 192 -10.90 8.93 -24.82
CA LEU E 192 -11.64 8.85 -26.07
C LEU E 192 -10.75 8.32 -27.16
N LYS E 193 -9.51 8.79 -27.22
CA LYS E 193 -8.60 8.35 -28.26
C LYS E 193 -8.24 6.90 -28.11
N SER E 194 -8.10 6.45 -26.87
CA SER E 194 -7.80 5.04 -26.64
C SER E 194 -8.96 4.17 -27.04
N LEU E 195 -10.17 4.62 -26.74
CA LEU E 195 -11.36 3.88 -27.16
C LEU E 195 -11.44 3.83 -28.65
N ALA E 196 -11.09 4.91 -29.34
CA ALA E 196 -11.22 4.95 -30.78
C ALA E 196 -10.16 4.12 -31.45
N ASN E 197 -8.94 4.18 -30.92
CA ASN E 197 -7.84 3.43 -31.50
C ASN E 197 -8.08 1.94 -31.35
N MET E 198 -8.45 1.52 -30.15
CA MET E 198 -8.59 0.09 -29.86
C MET E 198 -9.73 -0.52 -30.66
N THR E 199 -10.67 0.31 -31.13
CA THR E 199 -11.76 -0.16 -31.96
C THR E 199 -11.60 0.18 -33.42
N GLY E 200 -10.74 1.12 -33.75
CA GLY E 200 -10.59 1.56 -35.12
C GLY E 200 -11.81 2.23 -35.68
N ILE E 201 -12.46 3.05 -34.87
CA ILE E 201 -13.69 3.74 -35.25
C ILE E 201 -13.47 5.23 -35.13
N LEU E 202 -13.73 5.94 -36.22
CA LEU E 202 -13.58 7.38 -36.23
C LEU E 202 -14.61 8.01 -35.32
N HIS E 203 -14.19 8.94 -34.50
CA HIS E 203 -15.04 9.61 -33.55
C HIS E 203 -15.17 11.07 -33.93
N CYS E 204 -16.35 11.46 -34.40
CA CYS E 204 -16.62 12.84 -34.75
C CYS E 204 -17.29 13.55 -33.61
N LEU E 205 -16.71 14.66 -33.18
CA LEU E 205 -17.17 15.43 -32.07
C LEU E 205 -17.77 16.72 -32.56
N LEU E 206 -19.09 16.81 -32.52
CA LEU E 206 -19.83 18.01 -32.86
C LEU E 206 -20.13 18.78 -31.61
N GLY E 207 -19.60 20.00 -31.53
CA GLY E 207 -19.81 20.84 -30.38
C GLY E 207 -19.63 22.29 -30.68
N THR E 208 -19.92 23.12 -29.70
CA THR E 208 -19.87 24.55 -29.87
C THR E 208 -18.44 25.04 -29.79
N TYR E 209 -18.25 26.35 -29.73
CA TYR E 209 -16.92 26.93 -29.67
C TYR E 209 -16.23 26.66 -28.34
N GLU E 210 -16.95 26.15 -27.37
CA GLU E 210 -16.36 25.68 -26.13
C GLU E 210 -15.41 24.53 -26.39
N LEU E 211 -15.59 23.82 -27.51
CA LEU E 211 -14.72 22.71 -27.86
C LEU E 211 -13.34 23.17 -28.30
N LEU E 212 -13.13 24.47 -28.45
CA LEU E 212 -11.82 24.97 -28.76
C LEU E 212 -10.87 24.69 -27.61
N THR E 213 -11.41 24.34 -26.44
CA THR E 213 -10.58 23.86 -25.35
C THR E 213 -9.84 22.57 -25.71
N PHE E 214 -10.51 21.66 -26.39
CA PHE E 214 -9.95 20.39 -26.80
C PHE E 214 -9.14 20.51 -28.09
N ARG E 215 -8.81 21.72 -28.53
CA ARG E 215 -8.31 21.90 -29.87
C ARG E 215 -6.98 21.19 -30.07
N ASN E 216 -5.97 21.60 -29.33
CA ASN E 216 -4.61 21.12 -29.52
C ASN E 216 -4.06 20.80 -28.14
N LEU E 217 -3.98 19.52 -27.83
CA LEU E 217 -3.33 19.02 -26.64
C LEU E 217 -2.45 17.87 -27.02
N SER E 218 -1.15 18.11 -26.99
CA SER E 218 -0.11 17.14 -27.32
C SER E 218 -0.09 16.76 -28.77
N GLY E 219 1.06 16.32 -29.21
CA GLY E 219 1.29 16.10 -30.63
C GLY E 219 0.43 14.97 -31.14
N GLN E 220 0.17 13.97 -30.32
CA GLN E 220 -0.59 12.83 -30.76
C GLN E 220 -2.01 13.24 -31.11
N LEU E 221 -2.68 13.93 -30.21
CA LEU E 221 -4.05 14.35 -30.45
C LEU E 221 -4.09 15.51 -31.43
N SER E 222 -2.99 16.20 -31.63
CA SER E 222 -2.91 17.22 -32.64
C SER E 222 -2.84 16.59 -34.01
N ARG E 223 -2.22 15.43 -34.13
CA ARG E 223 -2.04 14.78 -35.41
C ARG E 223 -3.25 13.95 -35.79
N ARG E 224 -3.75 13.17 -34.85
CA ARG E 224 -4.85 12.26 -35.11
C ARG E 224 -6.19 12.96 -35.01
N SER E 225 -6.24 14.27 -35.16
CA SER E 225 -7.50 15.00 -35.24
C SER E 225 -7.49 15.93 -36.43
N VAL E 226 -8.63 16.02 -37.09
CA VAL E 226 -8.85 16.95 -38.20
C VAL E 226 -9.98 17.90 -37.85
N ASP E 227 -9.74 19.19 -38.01
CA ASP E 227 -10.64 20.23 -37.58
C ASP E 227 -11.45 20.70 -38.77
N ILE E 228 -12.77 20.72 -38.60
CA ILE E 228 -13.71 21.21 -39.58
C ILE E 228 -14.48 22.35 -38.96
N HIS E 229 -14.47 23.51 -39.62
CA HIS E 229 -15.05 24.72 -39.08
C HIS E 229 -16.32 25.06 -39.82
N PHE E 230 -17.44 25.04 -39.13
CA PHE E 230 -18.73 25.43 -39.65
C PHE E 230 -18.88 26.92 -39.47
N ARG E 231 -18.22 27.67 -40.33
CA ARG E 231 -18.23 29.11 -40.25
C ARG E 231 -19.63 29.64 -40.52
N ARG E 232 -19.97 30.73 -39.84
CA ARG E 232 -21.20 31.45 -40.04
C ARG E 232 -21.08 32.46 -41.16
N TYR E 233 -22.20 32.79 -41.78
CA TYR E 233 -22.20 33.76 -42.86
C TYR E 233 -21.95 35.13 -42.30
N CYS E 234 -20.76 35.67 -42.55
CA CYS E 234 -20.38 36.97 -42.02
C CYS E 234 -21.01 38.08 -42.85
N ALA E 235 -20.77 39.31 -42.46
CA ALA E 235 -21.32 40.46 -43.18
C ALA E 235 -20.31 41.11 -44.11
N ASP E 236 -19.02 40.87 -43.90
CA ASP E 236 -17.99 41.54 -44.67
C ASP E 236 -17.97 41.03 -46.10
N SER E 237 -18.08 39.72 -46.24
CA SER E 237 -18.00 39.09 -47.55
C SER E 237 -19.27 39.35 -48.34
N PRO E 238 -19.17 39.96 -49.52
CA PRO E 238 -20.36 40.13 -50.35
C PRO E 238 -21.00 38.81 -50.74
N GLU E 239 -20.20 37.77 -50.95
CA GLU E 239 -20.76 36.45 -51.25
C GLU E 239 -21.54 35.91 -50.06
N ASP E 240 -21.04 36.14 -48.85
CA ASP E 240 -21.77 35.73 -47.66
C ASP E 240 -23.11 36.44 -47.56
N VAL E 241 -23.13 37.72 -47.88
CA VAL E 241 -24.36 38.50 -47.82
C VAL E 241 -25.34 37.98 -48.86
N GLN E 242 -24.83 37.67 -50.05
CA GLN E 242 -25.69 37.17 -51.11
C GLN E 242 -26.28 35.82 -50.71
N ALA E 243 -25.47 34.97 -50.11
CA ALA E 243 -25.97 33.66 -49.68
C ALA E 243 -26.99 33.81 -48.57
N PHE E 244 -26.75 34.72 -47.64
CA PHE E 244 -27.70 35.00 -46.57
C PHE E 244 -29.02 35.45 -47.15
N LYS E 245 -28.97 36.37 -48.10
CA LYS E 245 -30.19 36.87 -48.71
C LYS E 245 -30.90 35.80 -49.53
N SER E 246 -30.14 34.94 -50.20
CA SER E 246 -30.76 33.85 -50.96
C SER E 246 -31.47 32.87 -50.04
N VAL E 247 -30.83 32.52 -48.94
CA VAL E 247 -31.44 31.61 -47.98
C VAL E 247 -32.67 32.25 -47.39
N LEU E 248 -32.59 33.54 -47.09
CA LEU E 248 -33.72 34.24 -46.51
C LEU E 248 -34.88 34.31 -47.49
N LEU E 249 -34.58 34.52 -48.77
CA LEU E 249 -35.61 34.56 -49.79
C LEU E 249 -36.26 33.20 -49.95
N THR E 250 -35.47 32.14 -49.89
CA THR E 250 -36.02 30.80 -49.96
C THR E 250 -36.93 30.53 -48.77
N PHE E 251 -36.52 30.97 -47.59
CA PHE E 251 -37.35 30.85 -46.40
C PHE E 251 -38.65 31.60 -46.58
N GLN E 252 -38.59 32.81 -47.11
CA GLN E 252 -39.80 33.58 -47.37
C GLN E 252 -40.71 32.86 -48.32
N GLN E 253 -40.15 32.29 -49.38
CA GLN E 253 -40.97 31.59 -50.37
C GLN E 253 -41.57 30.32 -49.80
N HIS E 254 -40.94 29.74 -48.78
CA HIS E 254 -41.37 28.47 -48.24
C HIS E 254 -42.24 28.60 -46.99
N LEU E 255 -42.66 29.82 -46.65
CA LEU E 255 -43.60 30.00 -45.55
C LEU E 255 -45.01 29.60 -45.98
N PRO E 256 -45.62 28.63 -45.31
CA PRO E 256 -47.00 28.26 -45.67
C PRO E 256 -48.00 29.30 -45.21
N LEU E 257 -47.94 30.45 -45.85
CA LEU E 257 -48.78 31.59 -45.51
C LEU E 257 -49.70 31.92 -46.66
N ALA E 258 -50.85 32.51 -46.34
CA ALA E 258 -51.84 32.83 -47.35
C ALA E 258 -51.25 33.83 -48.36
N GLU E 259 -50.56 34.85 -47.88
CA GLU E 259 -49.84 35.78 -48.74
C GLU E 259 -48.40 35.87 -48.27
N THR E 260 -47.48 35.67 -49.19
CA THR E 260 -46.06 35.68 -48.85
C THR E 260 -45.60 37.12 -48.58
N PRO E 261 -44.97 37.35 -47.44
CA PRO E 261 -44.48 38.71 -47.15
C PRO E 261 -43.09 38.93 -47.71
N ASN E 262 -42.69 40.19 -47.78
CA ASN E 262 -41.37 40.54 -48.30
C ASN E 262 -40.37 40.50 -47.16
N LEU E 263 -39.44 39.56 -47.23
CA LEU E 263 -38.54 39.29 -46.12
C LEU E 263 -37.14 39.87 -46.34
N VAL E 264 -36.75 40.10 -47.59
CA VAL E 264 -35.37 40.46 -47.89
C VAL E 264 -35.08 41.91 -47.49
N ASP E 265 -36.13 42.68 -47.26
CA ASP E 265 -35.95 44.08 -46.89
C ASP E 265 -35.20 44.19 -45.56
N HIS E 266 -35.65 43.45 -44.55
CA HIS E 266 -35.06 43.60 -43.23
C HIS E 266 -33.90 42.64 -43.01
N TRP E 267 -33.01 42.56 -43.99
CA TRP E 267 -31.90 41.65 -43.90
C TRP E 267 -30.91 42.12 -42.84
N GLU E 268 -30.77 43.42 -42.68
CA GLU E 268 -29.90 43.93 -41.63
C GLU E 268 -30.43 43.55 -40.25
N TYR E 269 -31.73 43.65 -40.06
CA TYR E 269 -32.32 43.29 -38.77
C TYR E 269 -32.12 41.81 -38.53
N PHE E 270 -32.35 41.01 -39.55
CA PHE E 270 -32.24 39.57 -39.39
C PHE E 270 -30.81 39.18 -39.08
N TYR E 271 -29.85 39.83 -39.72
CA TYR E 271 -28.46 39.51 -39.46
C TYR E 271 -28.05 40.02 -38.11
N GLU E 272 -28.67 41.10 -37.65
CA GLU E 272 -28.37 41.62 -36.33
C GLU E 272 -28.79 40.62 -35.27
N ARG E 273 -29.95 40.03 -35.45
CA ARG E 273 -30.50 39.13 -34.45
C ARG E 273 -30.12 37.67 -34.69
N THR E 274 -29.44 37.37 -35.79
CA THR E 274 -29.02 36.00 -36.06
C THR E 274 -27.53 35.88 -36.37
N LEU E 275 -26.89 36.96 -36.78
CA LEU E 275 -25.45 37.03 -37.07
C LEU E 275 -24.94 35.89 -37.91
N GLY E 276 -25.78 35.35 -38.78
CA GLY E 276 -25.33 34.40 -39.77
C GLY E 276 -25.86 33.01 -39.55
N CYS E 277 -26.12 32.66 -38.31
CA CYS E 277 -26.55 31.31 -38.00
C CYS E 277 -27.89 31.02 -38.68
N ILE E 278 -27.89 30.09 -39.60
CA ILE E 278 -29.07 29.72 -40.36
C ILE E 278 -30.12 29.11 -39.45
N GLY E 279 -29.71 28.36 -38.45
CA GLY E 279 -30.65 27.76 -37.52
C GLY E 279 -31.38 28.78 -36.69
N THR E 280 -30.67 29.82 -36.27
CA THR E 280 -31.31 30.89 -35.53
C THR E 280 -32.39 31.57 -36.38
N LEU E 281 -32.09 31.83 -37.63
CA LEU E 281 -33.08 32.41 -38.52
C LEU E 281 -34.23 31.46 -38.69
N LYS E 282 -33.94 30.18 -38.79
CA LYS E 282 -34.97 29.19 -39.09
C LYS E 282 -35.92 29.09 -37.91
N ASP E 283 -35.41 29.01 -36.70
CA ASP E 283 -36.34 28.86 -35.58
C ASP E 283 -36.99 30.18 -35.19
N TRP E 284 -36.34 31.30 -35.46
CA TRP E 284 -37.01 32.58 -35.37
C TRP E 284 -38.21 32.65 -36.31
N LEU E 285 -38.03 32.23 -37.55
CA LEU E 285 -39.11 32.26 -38.51
C LEU E 285 -40.19 31.26 -38.11
N LYS E 286 -39.79 30.13 -37.54
CA LYS E 286 -40.76 29.16 -37.03
C LYS E 286 -41.60 29.79 -35.94
N ARG E 287 -40.97 30.51 -35.03
CA ARG E 287 -41.66 31.19 -33.96
C ARG E 287 -42.67 32.19 -34.51
N VAL E 288 -42.22 33.03 -35.41
CA VAL E 288 -43.06 34.07 -35.97
C VAL E 288 -44.21 33.47 -36.76
N LEU E 289 -43.95 32.42 -37.54
CA LEU E 289 -44.99 31.80 -38.35
C LEU E 289 -46.04 31.14 -37.48
N SER E 290 -45.60 30.49 -36.41
CA SER E 290 -46.54 29.90 -35.47
C SER E 290 -47.40 30.95 -34.81
N ASP E 291 -46.79 32.07 -34.42
CA ASP E 291 -47.54 33.15 -33.81
C ASP E 291 -48.58 33.70 -34.77
N ALA E 292 -48.20 33.86 -36.02
CA ALA E 292 -49.13 34.34 -37.02
C ALA E 292 -50.26 33.35 -37.23
N LEU E 293 -49.94 32.05 -37.26
CA LEU E 293 -50.96 31.04 -37.52
C LEU E 293 -51.92 30.90 -36.34
N ASP E 294 -51.45 31.24 -35.15
CA ASP E 294 -52.30 31.19 -33.98
C ASP E 294 -53.42 32.18 -34.21
N ARG E 295 -53.08 33.31 -34.82
CA ARG E 295 -54.08 34.32 -35.12
C ARG E 295 -54.49 34.23 -36.57
N GLU E 296 -53.94 33.24 -37.28
CA GLU E 296 -54.27 33.06 -38.69
C GLU E 296 -53.98 34.30 -39.55
N ALA E 297 -53.29 35.28 -38.97
CA ALA E 297 -52.97 36.49 -39.72
C ALA E 297 -52.42 36.13 -41.09
N THR E 298 -53.08 36.59 -42.14
CA THR E 298 -52.63 36.23 -43.49
C THR E 298 -51.18 36.62 -43.80
N THR E 299 -50.49 37.25 -42.86
CA THR E 299 -49.14 37.72 -43.17
C THR E 299 -48.21 37.92 -41.98
N ILE E 300 -46.97 38.32 -42.25
CA ILE E 300 -46.01 38.59 -41.19
C ILE E 300 -45.65 40.06 -41.21
N THR E 301 -45.49 40.66 -40.04
CA THR E 301 -45.11 42.06 -39.97
C THR E 301 -43.79 42.24 -39.22
N LEU E 302 -43.21 43.44 -39.31
CA LEU E 302 -41.95 43.69 -38.60
C LEU E 302 -42.13 43.51 -37.10
N LYS E 303 -43.25 43.97 -36.57
CA LYS E 303 -43.50 43.82 -35.14
C LYS E 303 -43.70 42.37 -34.76
N ASP E 304 -44.21 41.56 -35.69
CA ASP E 304 -44.32 40.13 -35.44
C ASP E 304 -42.93 39.53 -35.22
N LEU E 305 -41.98 39.93 -36.05
CA LEU E 305 -40.60 39.52 -35.87
C LEU E 305 -40.03 40.09 -34.58
N GLN E 306 -40.33 41.36 -34.30
CA GLN E 306 -39.82 42.01 -33.11
C GLN E 306 -40.42 41.39 -31.86
N LYS E 307 -41.63 40.87 -31.97
CA LYS E 307 -42.32 40.34 -30.80
C LYS E 307 -41.60 39.13 -30.24
N ARG E 308 -40.92 38.39 -31.12
CA ARG E 308 -40.30 37.13 -30.73
C ARG E 308 -38.90 37.02 -31.30
N ALA E 309 -38.14 38.09 -31.18
CA ALA E 309 -36.77 38.11 -31.66
C ALA E 309 -35.84 37.66 -30.55
N LEU E 310 -34.54 37.82 -30.77
CA LEU E 310 -33.54 37.57 -29.74
C LEU E 310 -33.08 38.90 -29.18
N SER E 311 -33.11 39.01 -27.86
CA SER E 311 -32.79 40.27 -27.21
C SER E 311 -31.33 40.61 -27.41
N VAL E 312 -31.00 41.88 -27.28
CA VAL E 312 -29.64 42.34 -27.48
C VAL E 312 -28.73 41.72 -26.44
N ALA E 313 -29.21 41.57 -25.21
CA ALA E 313 -28.39 41.06 -24.13
C ALA E 313 -27.77 39.71 -24.46
N GLN E 314 -28.58 38.80 -24.99
CA GLN E 314 -28.06 37.52 -25.41
C GLN E 314 -27.31 37.67 -26.72
N CYS E 315 -27.85 38.44 -27.65
CA CYS E 315 -27.32 38.45 -29.01
C CYS E 315 -25.84 38.84 -29.03
N GLN E 316 -25.46 39.80 -28.20
CA GLN E 316 -24.07 40.19 -28.12
C GLN E 316 -23.23 39.14 -27.45
N LYS E 317 -23.86 38.28 -26.66
CA LYS E 317 -23.12 37.27 -25.92
C LYS E 317 -22.57 36.22 -26.88
N MET E 318 -23.36 35.82 -27.87
CA MET E 318 -22.83 34.91 -28.89
C MET E 318 -21.69 35.54 -29.66
N PHE E 319 -21.82 36.83 -29.93
CA PHE E 319 -20.78 37.52 -30.67
C PHE E 319 -19.46 37.43 -29.94
N LYS E 320 -19.49 37.66 -28.63
CA LYS E 320 -18.27 37.56 -27.84
C LYS E 320 -17.66 36.17 -27.94
N GLU E 321 -18.49 35.13 -27.87
CA GLU E 321 -17.98 33.77 -27.99
C GLU E 321 -17.56 33.50 -29.42
N ILE E 322 -18.34 33.96 -30.39
CA ILE E 322 -18.10 33.58 -31.77
C ILE E 322 -16.84 34.25 -32.30
N GLN E 323 -16.65 35.52 -31.98
CA GLN E 323 -15.46 36.21 -32.47
C GLN E 323 -14.22 35.63 -31.84
N GLU E 324 -14.34 35.12 -30.62
CA GLU E 324 -13.21 34.48 -29.97
C GLU E 324 -12.85 33.18 -30.65
N GLY E 325 -13.84 32.35 -30.93
CA GLY E 325 -13.56 31.10 -31.58
C GLY E 325 -13.07 31.29 -32.99
N GLU E 326 -13.63 32.25 -33.70
CA GLU E 326 -13.18 32.50 -35.06
C GLU E 326 -11.78 33.07 -35.04
N ARG E 327 -11.41 33.72 -33.96
CA ARG E 327 -10.05 34.24 -33.82
C ARG E 327 -9.05 33.13 -33.66
N GLN E 328 -9.35 32.16 -32.81
CA GLN E 328 -8.42 31.06 -32.57
C GLN E 328 -8.34 30.13 -33.75
N LEU E 329 -9.45 29.98 -34.48
CA LEU E 329 -9.52 29.09 -35.61
C LEU E 329 -9.04 29.77 -36.89
N SER E 330 -8.44 30.95 -36.78
CA SER E 330 -7.98 31.69 -37.97
C SER E 330 -6.54 31.38 -38.22
N GLU E 331 -6.27 30.80 -39.38
CA GLU E 331 -4.93 30.55 -39.85
C GLU E 331 -4.53 31.57 -40.88
N THR E 332 -3.53 32.37 -40.52
CA THR E 332 -3.06 33.45 -41.36
C THR E 332 -1.71 33.10 -41.97
N GLU E 333 -1.25 33.93 -42.89
CA GLU E 333 0.03 33.67 -43.54
C GLU E 333 1.18 33.92 -42.60
N ALA E 334 0.98 34.74 -41.58
CA ALA E 334 2.02 34.98 -40.60
C ALA E 334 2.35 33.71 -39.83
N ASP E 335 1.33 32.94 -39.49
CA ASP E 335 1.56 31.68 -38.79
C ASP E 335 2.29 30.69 -39.67
N VAL E 336 1.99 30.69 -40.96
CA VAL E 336 2.66 29.82 -41.90
C VAL E 336 4.13 30.15 -41.94
N GLN E 337 4.48 31.42 -41.94
CA GLN E 337 5.89 31.79 -42.03
C GLN E 337 6.57 31.60 -40.70
N ASN E 338 5.81 31.59 -39.62
CA ASN E 338 6.37 31.25 -38.32
C ASN E 338 6.83 29.80 -38.28
N LEU E 339 6.07 28.90 -38.88
CA LEU E 339 6.49 27.51 -38.99
C LEU E 339 7.71 27.39 -39.88
N ARG E 340 7.79 28.19 -40.93
CA ARG E 340 8.94 28.14 -41.82
C ARG E 340 10.21 28.49 -41.06
N SER E 341 10.14 29.49 -40.20
CA SER E 341 11.33 29.96 -39.51
C SER E 341 11.75 28.99 -38.45
N ALA E 342 10.79 28.50 -37.67
CA ALA E 342 11.11 27.59 -36.59
C ALA E 342 11.66 26.28 -37.12
N LEU E 343 11.08 25.77 -38.19
CA LEU E 343 11.49 24.50 -38.75
C LEU E 343 12.69 24.63 -39.66
N GLY E 344 13.03 25.83 -40.10
CA GLY E 344 14.18 26.06 -40.95
C GLY E 344 13.95 26.01 -42.44
N LEU E 345 12.70 26.10 -42.89
CA LEU E 345 12.40 26.08 -44.32
C LEU E 345 12.22 27.47 -44.89
N GLY E 346 12.57 28.48 -44.11
CA GLY E 346 12.46 29.85 -44.59
C GLY E 346 13.30 30.08 -45.84
PG ATP H . -9.94 0.09 40.68
O1G ATP H . -8.48 -0.30 40.60
O2G ATP H . -10.39 1.15 39.68
O3G ATP H . -10.82 -1.12 40.60
PB ATP H . -9.46 1.37 43.37
O1B ATP H . -10.34 2.18 44.24
O2B ATP H . -8.36 2.00 42.68
O3B ATP H . -10.27 0.76 42.14
PA ATP H . -9.39 -0.77 45.39
O1A ATP H . -8.74 -0.21 46.61
O2A ATP H . -10.88 -0.87 45.39
O3A ATP H . -8.93 0.07 44.11
O5' ATP H . -8.79 -2.23 45.08
C5' ATP H . -8.85 -3.27 46.05
C4' ATP H . -7.50 -3.42 46.73
O4' ATP H . -7.34 -2.39 47.71
C3' ATP H . -7.36 -4.73 47.48
O3' ATP H . -6.00 -5.17 47.46
C2' ATP H . -7.80 -4.38 48.88
O2' ATP H . -7.21 -5.22 49.86
C1' ATP H . -7.29 -2.96 49.02
N9 ATP H . -8.11 -2.11 49.93
C8 ATP H . -8.78 -0.99 49.58
N7 ATP H . -9.41 -0.43 50.61
C5 ATP H . -9.12 -1.22 51.66
C6 ATP H . -9.45 -1.22 53.05
N6 ATP H . -10.22 -0.27 53.57
N1 ATP H . -8.96 -2.18 53.83
C2 ATP H . -8.19 -3.14 53.30
N3 ATP H . -7.82 -3.27 52.03
C4 ATP H . -8.26 -2.30 51.22
MG MG I . -10.35 -1.05 43.12
PG ATP J . 15.59 -7.91 22.37
O1G ATP J . 15.65 -9.35 21.95
O2G ATP J . 16.45 -6.98 21.56
O3G ATP J . 14.19 -7.36 22.43
PB ATP J . 17.55 -7.70 24.64
O1B ATP J . 17.40 -7.49 26.09
O2B ATP J . 18.10 -6.65 24.02
O3B ATP J . 16.14 -7.77 23.90
PA ATP J . 18.91 -10.23 25.11
O1A ATP J . 20.26 -9.80 25.53
O2A ATP J . 17.98 -10.69 26.20
O3A ATP J . 18.24 -9.06 24.25
O5' ATP J . 19.03 -11.36 23.99
C5' ATP J . 19.53 -12.66 24.31
C4' ATP J . 20.98 -12.76 23.85
O4' ATP J . 21.84 -12.08 24.77
C3' ATP J . 21.47 -14.20 23.81
O3' ATP J . 22.41 -14.37 22.76
C2' ATP J . 22.10 -14.38 25.16
O2' ATP J . 23.09 -15.40 25.15
C1' ATP J . 22.71 -13.01 25.41
N9 ATP J . 22.82 -12.65 26.85
C8 ATP J . 22.25 -11.58 27.44
N7 ATP J . 22.58 -11.50 28.74
C5 ATP J . 23.36 -12.56 28.95
C6 ATP J . 24.05 -13.10 30.10
N6 ATP J . 23.94 -12.53 31.28
N1 ATP J . 24.77 -14.20 29.96
C2 ATP J . 24.86 -14.79 28.77
N3 ATP J . 24.28 -14.40 27.64
C4 ATP J . 23.55 -13.29 27.73
MG MG K . 16.24 -9.78 23.95
PG ATP L . 19.85 -6.14 -9.26
O1G ATP L . 19.30 -7.34 -10.04
O2G ATP L . 19.96 -4.86 -10.05
O3G ATP L . 19.12 -5.80 -7.98
PB ATP L . 22.84 -6.24 -9.29
O1B ATP L . 23.85 -6.47 -8.23
O2B ATP L . 22.73 -4.96 -9.78
O3B ATP L . 21.36 -6.45 -8.73
PA ATP L . 23.81 -8.58 -10.72
O1A ATP L . 25.16 -8.17 -11.18
O2A ATP L . 23.78 -9.49 -9.52
O3A ATP L . 22.92 -7.26 -10.49
O5' ATP L . 23.00 -9.28 -11.90
C5' ATP L . 23.46 -10.49 -12.49
C4' ATP L . 24.17 -10.17 -13.80
O4' ATP L . 25.47 -9.66 -13.53
C3' ATP L . 24.38 -11.41 -14.66
O3' ATP L . 24.33 -11.07 -16.04
C2' ATP L . 25.74 -11.86 -14.24
O2' ATP L . 26.35 -12.66 -15.24
C1' ATP L . 26.47 -10.54 -14.01
N9 ATP L . 27.55 -10.64 -13.02
C8 ATP L . 27.62 -9.99 -11.84
N7 ATP L . 28.73 -10.26 -11.16
C5 ATP L . 29.40 -11.11 -11.94
C6 ATP L . 30.65 -11.81 -11.84
N6 ATP L . 31.40 -11.70 -10.76
N1 ATP L . 31.01 -12.61 -12.83
C2 ATP L . 30.24 -12.73 -13.92
N3 ATP L . 29.06 -12.16 -14.12
C4 ATP L . 28.66 -11.35 -13.15
MG MG M . 21.32 -8.27 -9.52
PG ATP N . 1.39 6.78 -32.63
O1G ATP N . 0.04 6.18 -32.99
O2G ATP N . 1.54 8.25 -32.74
O3G ATP N . 1.84 6.31 -31.26
PB ATP N . 3.26 6.52 -34.93
O1B ATP N . 4.63 6.04 -35.00
O2B ATP N . 3.27 7.80 -34.86
O3B ATP N . 2.52 6.16 -33.60
PA ATP N . 2.50 5.19 -37.40
O1A ATP N . 3.13 6.13 -38.37
O2A ATP N . 3.18 3.88 -37.16
O3A ATP N . 2.28 5.94 -36.03
O5' ATP N . 0.98 4.91 -37.81
C5' ATP N . 0.69 3.98 -38.85
C4' ATP N . 0.38 4.78 -40.11
O4' ATP N . 1.57 5.40 -40.60
C3' ATP N . -0.15 3.91 -41.22
O3' ATP N . -1.11 4.66 -41.97
C2' ATP N . 1.07 3.60 -42.03
O2' ATP N . 0.76 3.32 -43.38
C1' ATP N . 1.88 4.89 -41.90
N9 ATP N . 3.34 4.68 -42.00
C8 ATP N . 4.25 4.93 -41.04
N7 ATP N . 5.48 4.64 -41.41
C5 ATP N . 5.36 4.19 -42.68
C6 ATP N . 6.27 3.74 -43.69
N6 ATP N . 7.57 3.65 -43.45
N1 ATP N . 5.79 3.39 -44.88
C2 ATP N . 4.49 3.47 -45.11
N3 ATP N . 3.53 3.88 -44.27
C4 ATP N . 3.97 4.25 -43.08
MG MG O . 1.51 4.72 -34.55
PG ATP P . -26.58 22.70 -31.34
O1G ATP P . -27.61 21.61 -31.59
O2G ATP P . -27.10 23.88 -30.54
O3G ATP P . -25.28 22.20 -30.76
PB ATP P . -26.51 24.56 -33.66
O1B ATP P . -25.70 24.57 -34.93
O2B ATP P . -26.35 25.62 -32.69
O3B ATP P . -26.10 23.31 -32.76
PA ATP P . -28.87 23.66 -35.12
O1A ATP P . -29.04 24.70 -36.20
O2A ATP P . -28.26 22.38 -35.58
O3A ATP P . -28.06 24.33 -33.91
O5' ATP P . -30.27 23.35 -34.42
C5' ATP P . -31.31 22.70 -35.14
C4' ATP P . -32.35 23.72 -35.57
O4' ATP P . -31.79 24.57 -36.59
C3' ATP P . -33.58 23.08 -36.18
O3' ATP P . -34.76 23.80 -35.83
C2' ATP P . -33.30 23.14 -37.65
O2' ATP P . -34.49 23.15 -38.43
C1' ATP P . -32.56 24.46 -37.78
N9 ATP P . -31.65 24.50 -38.95
C8 ATP P . -30.31 24.54 -38.91
N7 ATP P . -29.76 24.58 -40.11
C5 ATP P . -30.80 24.54 -40.97
C6 ATP P . -30.94 24.55 -42.41
N6 ATP P . -29.87 24.57 -43.19
N1 ATP P . -32.16 24.54 -42.91
C2 ATP P . -33.24 24.52 -42.11
N3 ATP P . -33.23 24.50 -40.78
C4 ATP P . -32.01 24.53 -40.21
MG MG Q . -27.80 22.36 -33.45
#